data_2XA3
# 
_entry.id   2XA3 
# 
_audit_conform.dict_name       mmcif_pdbx.dic 
_audit_conform.dict_version    5.398 
_audit_conform.dict_location   http://mmcif.pdb.org/dictionaries/ascii/mmcif_pdbx.dic 
# 
loop_
_database_2.database_id 
_database_2.database_code 
_database_2.pdbx_database_accession 
_database_2.pdbx_DOI 
PDB   2XA3         pdb_00002xa3 10.2210/pdb2xa3/pdb 
PDBE  EBI-43400    ?            ?                   
WWPDB D_1290043400 ?            ?                   
# 
loop_
_pdbx_audit_revision_history.ordinal 
_pdbx_audit_revision_history.data_content_type 
_pdbx_audit_revision_history.major_revision 
_pdbx_audit_revision_history.minor_revision 
_pdbx_audit_revision_history.revision_date 
1 'Structure model' 1 0 2010-05-26 
2 'Structure model' 1 1 2011-05-08 
3 'Structure model' 1 2 2011-07-13 
4 'Structure model' 1 3 2018-02-07 
5 'Structure model' 1 4 2023-12-20 
6 'Structure model' 1 5 2024-11-13 
# 
_pdbx_audit_revision_details.ordinal             1 
_pdbx_audit_revision_details.revision_ordinal    1 
_pdbx_audit_revision_details.data_content_type   'Structure model' 
_pdbx_audit_revision_details.provider            repository 
_pdbx_audit_revision_details.type                'Initial release' 
_pdbx_audit_revision_details.description         ? 
_pdbx_audit_revision_details.details             ? 
# 
loop_
_pdbx_audit_revision_group.ordinal 
_pdbx_audit_revision_group.revision_ordinal 
_pdbx_audit_revision_group.data_content_type 
_pdbx_audit_revision_group.group 
1  2 'Structure model' 'Version format compliance' 
2  3 'Structure model' 'Version format compliance' 
3  4 'Structure model' 'Database references'       
4  4 'Structure model' 'Source and taxonomy'       
5  4 'Structure model' 'Structure summary'         
6  5 'Structure model' 'Data collection'           
7  5 'Structure model' 'Database references'       
8  5 'Structure model' 'Derived calculations'      
9  5 'Structure model' Other                       
10 5 'Structure model' 'Refinement description'    
11 6 'Structure model' 'Structure summary'         
# 
loop_
_pdbx_audit_revision_category.ordinal 
_pdbx_audit_revision_category.revision_ordinal 
_pdbx_audit_revision_category.data_content_type 
_pdbx_audit_revision_category.category 
1  4 'Structure model' audit_author                  
2  4 'Structure model' citation                      
3  4 'Structure model' citation_author               
4  4 'Structure model' entity_src_gen                
5  5 'Structure model' chem_comp_atom                
6  5 'Structure model' chem_comp_bond                
7  5 'Structure model' database_2                    
8  5 'Structure model' pdbx_database_status          
9  5 'Structure model' pdbx_initial_refinement_model 
10 5 'Structure model' struct_site                   
11 6 'Structure model' pdbx_entry_details            
12 6 'Structure model' pdbx_modification_feature     
# 
loop_
_pdbx_audit_revision_item.ordinal 
_pdbx_audit_revision_item.revision_ordinal 
_pdbx_audit_revision_item.data_content_type 
_pdbx_audit_revision_item.item 
1  4 'Structure model' '_audit_author.name'                           
2  4 'Structure model' '_citation.journal_abbrev'                     
3  4 'Structure model' '_citation.page_first'                         
4  4 'Structure model' '_citation.page_last'                          
5  4 'Structure model' '_citation.pdbx_database_id_DOI'               
6  4 'Structure model' '_citation.title'                              
7  4 'Structure model' '_citation_author.name'                        
8  4 'Structure model' '_entity_src_gen.host_org_common_name'         
9  4 'Structure model' '_entity_src_gen.pdbx_host_org_strain'         
10 4 'Structure model' '_entity_src_gen.pdbx_host_org_variant'        
11 5 'Structure model' '_database_2.pdbx_DOI'                         
12 5 'Structure model' '_database_2.pdbx_database_accession'          
13 5 'Structure model' '_pdbx_database_status.status_code_sf'         
14 5 'Structure model' '_struct_site.pdbx_auth_asym_id'               
15 5 'Structure model' '_struct_site.pdbx_auth_comp_id'               
16 5 'Structure model' '_struct_site.pdbx_auth_seq_id'                
17 6 'Structure model' '_pdbx_entry_details.has_protein_modification' 
# 
_pdbx_database_status.status_code                     REL 
_pdbx_database_status.entry_id                        2XA3 
_pdbx_database_status.deposit_site                    PDBE 
_pdbx_database_status.process_site                    PDBE 
_pdbx_database_status.SG_entry                        . 
_pdbx_database_status.recvd_initial_deposition_date   2010-03-29 
_pdbx_database_status.pdb_format_compatible           Y 
_pdbx_database_status.status_code_sf                  REL 
_pdbx_database_status.status_code_mr                  ? 
_pdbx_database_status.status_code_cs                  ? 
_pdbx_database_status.methods_development_category    ? 
_pdbx_database_status.status_code_nmr_data            ? 
# 
loop_
_audit_author.name 
_audit_author.pdbx_ordinal 
_audit_author.identifier_ORCID 
'Hinz, A.'         1  ? 
'Lutje Hulsik, D.' 2  ? 
'Forsman, A.'      3  ? 
'Koh, W.'          4  ? 
'Belrhali, H.'     5  ? 
'Gorlani, A.'      6  ? 
'de Haard, H.'     7  ? 
'Weiss, R.A.'      8  ? 
'Verrips, T.'      9  ? 
'Weissenhorn, W.'  10 ? 
# 
loop_
_citation.id 
_citation.title 
_citation.journal_abbrev 
_citation.journal_volume 
_citation.page_first 
_citation.page_last 
_citation.year 
_citation.journal_id_ASTM 
_citation.country 
_citation.journal_id_ISSN 
_citation.journal_id_CSD 
_citation.book_publisher 
_citation.pdbx_database_id_PubMed 
_citation.pdbx_database_id_DOI 
primary 'Crystal structure of the neutralizing Llama V(HH) D7 and its mode of HIV-1 gp120 interaction.' 'PLoS ONE' 5  e10482 
e10482 2010 ?      US 1932-6203 ?    ? 20463957 10.1371/journal.pone.0010482 
1       
;Llama Antibody Fragments with Cross-Subtype Human Immunodeficiency Virus Type 1 (HIV-1)-Neutralizing Properties and High Affinity for HIV-1 Gp120.
;
J.Virol.   82 12069  ?      2008 JOVIAM US 0022-538X 0825 ? 18842738 10.1128/JVI.01379-08         
# 
loop_
_citation_author.citation_id 
_citation_author.name 
_citation_author.ordinal 
_citation_author.identifier_ORCID 
primary 'Hinz, A.'             1  ? 
primary 'Lutje Hulsik, D.'     2  ? 
primary 'Forsman, A.'          3  ? 
primary 'Koh, W.W.'            4  ? 
primary 'Belrhali, H.'         5  ? 
primary 'Gorlani, A.'          6  ? 
primary 'de Haard, H.'         7  ? 
primary 'Weiss, R.A.'          8  ? 
primary 'Verrips, T.'          9  ? 
primary 'Weissenhorn, W.'      10 ? 
1       'Forsman, A.'          11 ? 
1       'Beirnaert, E.'        12 ? 
1       'Aasa-Chapman, M.M.I.' 13 ? 
1       'Hoorelbeke, B.'       14 ? 
1       'Hijazi, K.'           15 ? 
1       'Koh, W.'              16 ? 
1       'Tack, V.'             17 ? 
1       'Szynol, A.'           18 ? 
1       'Kelly, C.'            19 ? 
1       'Mcknight, A.'         20 ? 
1       'Verrips, T.'          21 ? 
1       'De Haard, H.'         22 ? 
1       'Weiss, R.A.'          23 ? 
# 
loop_
_entity.id 
_entity.type 
_entity.src_method 
_entity.pdbx_description 
_entity.formula_weight 
_entity.pdbx_number_of_molecules 
_entity.pdbx_ec 
_entity.pdbx_mutation 
_entity.pdbx_fragment 
_entity.details 
1 polymer     man 'LLAMA HEAVY CHAIN ANTIBODY D7' 13899.256 1   ? ? ? 'VARIABLE DOMAIN OF A HEAVY CHAIN ANTIBODY' 
2 non-polymer syn 'SULFATE ION'                   96.063    4   ? ? ? ?                                           
3 water       nat water                           18.015    172 ? ? ? ?                                           
# 
_entity_poly.entity_id                      1 
_entity_poly.type                           'polypeptide(L)' 
_entity_poly.nstd_linkage                   no 
_entity_poly.nstd_monomer                   no 
_entity_poly.pdbx_seq_one_letter_code       
;AVQLQESGGGLVQAGGSLRLSCTVSARTSSSHDMGWFRQAPGKEREFVAAISWSGGTTNYVDSVKGRFDISKDNAKNAVY
LQMNSLKPEDTAVYYCAAKWRPLRYSDNPSNSDYNYWGQGTQVTVSS
;
_entity_poly.pdbx_seq_one_letter_code_can   
;AVQLQESGGGLVQAGGSLRLSCTVSARTSSSHDMGWFRQAPGKEREFVAAISWSGGTTNYVDSVKGRFDISKDNAKNAVY
LQMNSLKPEDTAVYYCAAKWRPLRYSDNPSNSDYNYWGQGTQVTVSS
;
_entity_poly.pdbx_strand_id                 A 
_entity_poly.pdbx_target_identifier         ? 
# 
loop_
_pdbx_entity_nonpoly.entity_id 
_pdbx_entity_nonpoly.name 
_pdbx_entity_nonpoly.comp_id 
2 'SULFATE ION' SO4 
3 water         HOH 
# 
loop_
_entity_poly_seq.entity_id 
_entity_poly_seq.num 
_entity_poly_seq.mon_id 
_entity_poly_seq.hetero 
1 1   ALA n 
1 2   VAL n 
1 3   GLN n 
1 4   LEU n 
1 5   GLN n 
1 6   GLU n 
1 7   SER n 
1 8   GLY n 
1 9   GLY n 
1 10  GLY n 
1 11  LEU n 
1 12  VAL n 
1 13  GLN n 
1 14  ALA n 
1 15  GLY n 
1 16  GLY n 
1 17  SER n 
1 18  LEU n 
1 19  ARG n 
1 20  LEU n 
1 21  SER n 
1 22  CYS n 
1 23  THR n 
1 24  VAL n 
1 25  SER n 
1 26  ALA n 
1 27  ARG n 
1 28  THR n 
1 29  SER n 
1 30  SER n 
1 31  SER n 
1 32  HIS n 
1 33  ASP n 
1 34  MET n 
1 35  GLY n 
1 36  TRP n 
1 37  PHE n 
1 38  ARG n 
1 39  GLN n 
1 40  ALA n 
1 41  PRO n 
1 42  GLY n 
1 43  LYS n 
1 44  GLU n 
1 45  ARG n 
1 46  GLU n 
1 47  PHE n 
1 48  VAL n 
1 49  ALA n 
1 50  ALA n 
1 51  ILE n 
1 52  SER n 
1 53  TRP n 
1 54  SER n 
1 55  GLY n 
1 56  GLY n 
1 57  THR n 
1 58  THR n 
1 59  ASN n 
1 60  TYR n 
1 61  VAL n 
1 62  ASP n 
1 63  SER n 
1 64  VAL n 
1 65  LYS n 
1 66  GLY n 
1 67  ARG n 
1 68  PHE n 
1 69  ASP n 
1 70  ILE n 
1 71  SER n 
1 72  LYS n 
1 73  ASP n 
1 74  ASN n 
1 75  ALA n 
1 76  LYS n 
1 77  ASN n 
1 78  ALA n 
1 79  VAL n 
1 80  TYR n 
1 81  LEU n 
1 82  GLN n 
1 83  MET n 
1 84  ASN n 
1 85  SER n 
1 86  LEU n 
1 87  LYS n 
1 88  PRO n 
1 89  GLU n 
1 90  ASP n 
1 91  THR n 
1 92  ALA n 
1 93  VAL n 
1 94  TYR n 
1 95  TYR n 
1 96  CYS n 
1 97  ALA n 
1 98  ALA n 
1 99  LYS n 
1 100 TRP n 
1 101 ARG n 
1 102 PRO n 
1 103 LEU n 
1 104 ARG n 
1 105 TYR n 
1 106 SER n 
1 107 ASP n 
1 108 ASN n 
1 109 PRO n 
1 110 SER n 
1 111 ASN n 
1 112 SER n 
1 113 ASP n 
1 114 TYR n 
1 115 ASN n 
1 116 TYR n 
1 117 TRP n 
1 118 GLY n 
1 119 GLN n 
1 120 GLY n 
1 121 THR n 
1 122 GLN n 
1 123 VAL n 
1 124 THR n 
1 125 VAL n 
1 126 SER n 
1 127 SER n 
# 
_entity_src_gen.entity_id                          1 
_entity_src_gen.pdbx_src_id                        1 
_entity_src_gen.pdbx_alt_source_flag               sample 
_entity_src_gen.pdbx_seq_type                      ? 
_entity_src_gen.pdbx_beg_seq_num                   ? 
_entity_src_gen.pdbx_end_seq_num                   ? 
_entity_src_gen.gene_src_common_name               LLAMA 
_entity_src_gen.gene_src_genus                     ? 
_entity_src_gen.pdbx_gene_src_gene                 ? 
_entity_src_gen.gene_src_species                   ? 
_entity_src_gen.gene_src_strain                    ? 
_entity_src_gen.gene_src_tissue                    BLOOD 
_entity_src_gen.gene_src_tissue_fraction           ? 
_entity_src_gen.gene_src_details                   ? 
_entity_src_gen.pdbx_gene_src_fragment             ? 
_entity_src_gen.pdbx_gene_src_scientific_name      'LAMA GLAMA' 
_entity_src_gen.pdbx_gene_src_ncbi_taxonomy_id     9844 
_entity_src_gen.pdbx_gene_src_variant              ? 
_entity_src_gen.pdbx_gene_src_cell_line            ? 
_entity_src_gen.pdbx_gene_src_atcc                 ? 
_entity_src_gen.pdbx_gene_src_organ                ? 
_entity_src_gen.pdbx_gene_src_organelle            ? 
_entity_src_gen.pdbx_gene_src_cell                 LYMPHOCYTE 
_entity_src_gen.pdbx_gene_src_cellular_location    ? 
_entity_src_gen.host_org_common_name               
;Baker's yeast
;
_entity_src_gen.pdbx_host_org_scientific_name      'SACCHAROMYCES CEREVISIAE' 
_entity_src_gen.pdbx_host_org_ncbi_taxonomy_id     4932 
_entity_src_gen.host_org_genus                     ? 
_entity_src_gen.pdbx_host_org_gene                 ? 
_entity_src_gen.pdbx_host_org_organ                ? 
_entity_src_gen.host_org_species                   ? 
_entity_src_gen.pdbx_host_org_tissue               ? 
_entity_src_gen.pdbx_host_org_tissue_fraction      ? 
_entity_src_gen.pdbx_host_org_strain               ? 
_entity_src_gen.pdbx_host_org_variant              VWK18GAL1 
_entity_src_gen.pdbx_host_org_cell_line            ? 
_entity_src_gen.pdbx_host_org_atcc                 ? 
_entity_src_gen.pdbx_host_org_culture_collection   ? 
_entity_src_gen.pdbx_host_org_cell                 ? 
_entity_src_gen.pdbx_host_org_organelle            ? 
_entity_src_gen.pdbx_host_org_cellular_location    ? 
_entity_src_gen.pdbx_host_org_vector_type          ? 
_entity_src_gen.pdbx_host_org_vector               ? 
_entity_src_gen.host_org_details                   ? 
_entity_src_gen.expression_system_id               ? 
_entity_src_gen.plasmid_name                       ? 
_entity_src_gen.plasmid_details                    ? 
_entity_src_gen.pdbx_description                   ? 
# 
loop_
_chem_comp.id 
_chem_comp.type 
_chem_comp.mon_nstd_flag 
_chem_comp.name 
_chem_comp.pdbx_synonyms 
_chem_comp.formula 
_chem_comp.formula_weight 
ALA 'L-peptide linking' y ALANINE         ? 'C3 H7 N O2'     89.093  
ARG 'L-peptide linking' y ARGININE        ? 'C6 H15 N4 O2 1' 175.209 
ASN 'L-peptide linking' y ASPARAGINE      ? 'C4 H8 N2 O3'    132.118 
ASP 'L-peptide linking' y 'ASPARTIC ACID' ? 'C4 H7 N O4'     133.103 
CYS 'L-peptide linking' y CYSTEINE        ? 'C3 H7 N O2 S'   121.158 
GLN 'L-peptide linking' y GLUTAMINE       ? 'C5 H10 N2 O3'   146.144 
GLU 'L-peptide linking' y 'GLUTAMIC ACID' ? 'C5 H9 N O4'     147.129 
GLY 'peptide linking'   y GLYCINE         ? 'C2 H5 N O2'     75.067  
HIS 'L-peptide linking' y HISTIDINE       ? 'C6 H10 N3 O2 1' 156.162 
HOH non-polymer         . WATER           ? 'H2 O'           18.015  
ILE 'L-peptide linking' y ISOLEUCINE      ? 'C6 H13 N O2'    131.173 
LEU 'L-peptide linking' y LEUCINE         ? 'C6 H13 N O2'    131.173 
LYS 'L-peptide linking' y LYSINE          ? 'C6 H15 N2 O2 1' 147.195 
MET 'L-peptide linking' y METHIONINE      ? 'C5 H11 N O2 S'  149.211 
PHE 'L-peptide linking' y PHENYLALANINE   ? 'C9 H11 N O2'    165.189 
PRO 'L-peptide linking' y PROLINE         ? 'C5 H9 N O2'     115.130 
SER 'L-peptide linking' y SERINE          ? 'C3 H7 N O3'     105.093 
SO4 non-polymer         . 'SULFATE ION'   ? 'O4 S -2'        96.063  
THR 'L-peptide linking' y THREONINE       ? 'C4 H9 N O3'     119.119 
TRP 'L-peptide linking' y TRYPTOPHAN      ? 'C11 H12 N2 O2'  204.225 
TYR 'L-peptide linking' y TYROSINE        ? 'C9 H11 N O3'    181.189 
VAL 'L-peptide linking' y VALINE          ? 'C5 H11 N O2'    117.146 
# 
loop_
_pdbx_poly_seq_scheme.asym_id 
_pdbx_poly_seq_scheme.entity_id 
_pdbx_poly_seq_scheme.seq_id 
_pdbx_poly_seq_scheme.mon_id 
_pdbx_poly_seq_scheme.ndb_seq_num 
_pdbx_poly_seq_scheme.pdb_seq_num 
_pdbx_poly_seq_scheme.auth_seq_num 
_pdbx_poly_seq_scheme.pdb_mon_id 
_pdbx_poly_seq_scheme.auth_mon_id 
_pdbx_poly_seq_scheme.pdb_strand_id 
_pdbx_poly_seq_scheme.pdb_ins_code 
_pdbx_poly_seq_scheme.hetero 
A 1 1   ALA 1   1   1   ALA ALA A . n 
A 1 2   VAL 2   2   2   VAL VAL A . n 
A 1 3   GLN 3   3   3   GLN GLN A . n 
A 1 4   LEU 4   4   4   LEU LEU A . n 
A 1 5   GLN 5   5   5   GLN GLN A . n 
A 1 6   GLU 6   6   6   GLU GLU A . n 
A 1 7   SER 7   7   7   SER SER A . n 
A 1 8   GLY 8   8   8   GLY GLY A . n 
A 1 9   GLY 9   9   9   GLY GLY A . n 
A 1 10  GLY 10  10  10  GLY GLY A . n 
A 1 11  LEU 11  11  11  LEU LEU A . n 
A 1 12  VAL 12  12  12  VAL VAL A . n 
A 1 13  GLN 13  13  13  GLN GLN A . n 
A 1 14  ALA 14  14  14  ALA ALA A . n 
A 1 15  GLY 15  15  15  GLY GLY A . n 
A 1 16  GLY 16  16  16  GLY GLY A . n 
A 1 17  SER 17  17  17  SER SER A . n 
A 1 18  LEU 18  18  18  LEU LEU A . n 
A 1 19  ARG 19  19  19  ARG ARG A . n 
A 1 20  LEU 20  20  20  LEU LEU A . n 
A 1 21  SER 21  21  21  SER SER A . n 
A 1 22  CYS 22  22  22  CYS CYS A . n 
A 1 23  THR 23  23  23  THR THR A . n 
A 1 24  VAL 24  24  24  VAL VAL A . n 
A 1 25  SER 25  25  25  SER SER A . n 
A 1 26  ALA 26  26  26  ALA ALA A . n 
A 1 27  ARG 27  27  27  ARG ARG A . n 
A 1 28  THR 28  28  28  THR THR A . n 
A 1 29  SER 29  29  29  SER SER A . n 
A 1 30  SER 30  30  30  SER SER A . n 
A 1 31  SER 31  31  31  SER SER A . n 
A 1 32  HIS 32  32  32  HIS HIS A . n 
A 1 33  ASP 33  33  33  ASP ASP A . n 
A 1 34  MET 34  34  34  MET MET A . n 
A 1 35  GLY 35  35  35  GLY GLY A . n 
A 1 36  TRP 36  36  36  TRP TRP A . n 
A 1 37  PHE 37  37  37  PHE PHE A . n 
A 1 38  ARG 38  38  38  ARG ARG A . n 
A 1 39  GLN 39  39  39  GLN GLN A . n 
A 1 40  ALA 40  40  40  ALA ALA A . n 
A 1 41  PRO 41  41  41  PRO PRO A . n 
A 1 42  GLY 42  42  42  GLY GLY A . n 
A 1 43  LYS 43  43  43  LYS LYS A . n 
A 1 44  GLU 44  44  44  GLU GLU A . n 
A 1 45  ARG 45  45  45  ARG ARG A . n 
A 1 46  GLU 46  46  46  GLU GLU A . n 
A 1 47  PHE 47  47  47  PHE PHE A . n 
A 1 48  VAL 48  48  48  VAL VAL A . n 
A 1 49  ALA 49  49  49  ALA ALA A . n 
A 1 50  ALA 50  50  50  ALA ALA A . n 
A 1 51  ILE 51  51  51  ILE ILE A . n 
A 1 52  SER 52  52  52  SER SER A . n 
A 1 53  TRP 53  52  52  TRP TRP A A n 
A 1 54  SER 54  53  53  SER SER A . n 
A 1 55  GLY 55  54  54  GLY GLY A . n 
A 1 56  GLY 56  55  55  GLY GLY A . n 
A 1 57  THR 57  56  56  THR THR A . n 
A 1 58  THR 58  57  57  THR THR A . n 
A 1 59  ASN 59  58  58  ASN ASN A . n 
A 1 60  TYR 60  59  59  TYR TYR A . n 
A 1 61  VAL 61  60  60  VAL VAL A . n 
A 1 62  ASP 62  61  61  ASP ASP A . n 
A 1 63  SER 63  62  62  SER SER A . n 
A 1 64  VAL 64  63  63  VAL VAL A . n 
A 1 65  LYS 65  64  64  LYS LYS A . n 
A 1 66  GLY 66  65  65  GLY GLY A . n 
A 1 67  ARG 67  66  66  ARG ARG A . n 
A 1 68  PHE 68  67  67  PHE PHE A . n 
A 1 69  ASP 69  68  68  ASP ASP A . n 
A 1 70  ILE 70  69  69  ILE ILE A . n 
A 1 71  SER 71  70  70  SER SER A . n 
A 1 72  LYS 72  71  71  LYS LYS A . n 
A 1 73  ASP 73  72  72  ASP ASP A . n 
A 1 74  ASN 74  73  73  ASN ASN A . n 
A 1 75  ALA 75  74  74  ALA ALA A . n 
A 1 76  LYS 76  75  75  LYS LYS A . n 
A 1 77  ASN 77  76  76  ASN ASN A . n 
A 1 78  ALA 78  77  77  ALA ALA A . n 
A 1 79  VAL 79  78  78  VAL VAL A . n 
A 1 80  TYR 80  79  79  TYR TYR A . n 
A 1 81  LEU 81  80  80  LEU LEU A . n 
A 1 82  GLN 82  81  81  GLN GLN A . n 
A 1 83  MET 83  82  82  MET MET A . n 
A 1 84  ASN 84  82  82  ASN ASN A A n 
A 1 85  SER 85  82  82  SER SER A B n 
A 1 86  LEU 86  82  82  LEU LEU A C n 
A 1 87  LYS 87  83  83  LYS LYS A . n 
A 1 88  PRO 88  84  84  PRO PRO A . n 
A 1 89  GLU 89  85  85  GLU GLU A . n 
A 1 90  ASP 90  86  86  ASP ASP A . n 
A 1 91  THR 91  87  87  THR THR A . n 
A 1 92  ALA 92  88  88  ALA ALA A . n 
A 1 93  VAL 93  89  89  VAL VAL A . n 
A 1 94  TYR 94  90  90  TYR TYR A . n 
A 1 95  TYR 95  91  91  TYR TYR A . n 
A 1 96  CYS 96  92  92  CYS CYS A . n 
A 1 97  ALA 97  93  93  ALA ALA A . n 
A 1 98  ALA 98  94  94  ALA ALA A . n 
A 1 99  LYS 99  95  95  LYS LYS A . n 
A 1 100 TRP 100 96  96  TRP TRP A . n 
A 1 101 ARG 101 97  97  ARG ARG A . n 
A 1 102 PRO 102 98  98  PRO PRO A . n 
A 1 103 LEU 103 99  99  LEU LEU A . n 
A 1 104 ARG 104 100 100 ARG ARG A . n 
A 1 105 TYR 105 100 100 TYR TYR A A n 
A 1 106 SER 106 100 100 SER SER A B n 
A 1 107 ASP 107 100 100 ASP ASP A C n 
A 1 108 ASN 108 100 100 ASN ASN A D n 
A 1 109 PRO 109 100 100 PRO PRO A E n 
A 1 110 SER 110 100 100 SER SER A F n 
A 1 111 ASN 111 100 100 ASN ASN A G n 
A 1 112 SER 112 100 100 SER SER A H n 
A 1 113 ASP 113 100 100 ASP ASP A I n 
A 1 114 TYR 114 100 100 TYR TYR A J n 
A 1 115 ASN 115 101 101 ASN ASN A . n 
A 1 116 TYR 116 102 102 TYR TYR A . n 
A 1 117 TRP 117 103 103 TRP TRP A . n 
A 1 118 GLY 118 104 104 GLY GLY A . n 
A 1 119 GLN 119 105 105 GLN GLN A . n 
A 1 120 GLY 120 106 106 GLY GLY A . n 
A 1 121 THR 121 107 107 THR THR A . n 
A 1 122 GLN 122 108 108 GLN GLN A . n 
A 1 123 VAL 123 109 109 VAL VAL A . n 
A 1 124 THR 124 110 110 THR THR A . n 
A 1 125 VAL 125 111 111 VAL VAL A . n 
A 1 126 SER 126 112 112 SER SER A . n 
A 1 127 SER 127 113 113 SER SER A . n 
# 
loop_
_pdbx_nonpoly_scheme.asym_id 
_pdbx_nonpoly_scheme.entity_id 
_pdbx_nonpoly_scheme.mon_id 
_pdbx_nonpoly_scheme.ndb_seq_num 
_pdbx_nonpoly_scheme.pdb_seq_num 
_pdbx_nonpoly_scheme.auth_seq_num 
_pdbx_nonpoly_scheme.pdb_mon_id 
_pdbx_nonpoly_scheme.auth_mon_id 
_pdbx_nonpoly_scheme.pdb_strand_id 
_pdbx_nonpoly_scheme.pdb_ins_code 
B 2 SO4 1   1114 1114 SO4 SO4 A . 
C 2 SO4 1   1115 1115 SO4 SO4 A . 
D 2 SO4 1   1116 1116 SO4 SO4 A . 
E 2 SO4 1   1117 1117 SO4 SO4 A . 
F 3 HOH 1   2001 2001 HOH HOH A . 
F 3 HOH 2   2002 2002 HOH HOH A . 
F 3 HOH 3   2003 2003 HOH HOH A . 
F 3 HOH 4   2004 2004 HOH HOH A . 
F 3 HOH 5   2005 2005 HOH HOH A . 
F 3 HOH 6   2006 2006 HOH HOH A . 
F 3 HOH 7   2007 2007 HOH HOH A . 
F 3 HOH 8   2008 2008 HOH HOH A . 
F 3 HOH 9   2009 2009 HOH HOH A . 
F 3 HOH 10  2010 2010 HOH HOH A . 
F 3 HOH 11  2011 2011 HOH HOH A . 
F 3 HOH 12  2012 2012 HOH HOH A . 
F 3 HOH 13  2013 2013 HOH HOH A . 
F 3 HOH 14  2014 2014 HOH HOH A . 
F 3 HOH 15  2015 2015 HOH HOH A . 
F 3 HOH 16  2016 2016 HOH HOH A . 
F 3 HOH 17  2017 2017 HOH HOH A . 
F 3 HOH 18  2018 2018 HOH HOH A . 
F 3 HOH 19  2019 2019 HOH HOH A . 
F 3 HOH 20  2020 2020 HOH HOH A . 
F 3 HOH 21  2021 2021 HOH HOH A . 
F 3 HOH 22  2022 2022 HOH HOH A . 
F 3 HOH 23  2023 2023 HOH HOH A . 
F 3 HOH 24  2024 2024 HOH HOH A . 
F 3 HOH 25  2025 2025 HOH HOH A . 
F 3 HOH 26  2026 2026 HOH HOH A . 
F 3 HOH 27  2027 2027 HOH HOH A . 
F 3 HOH 28  2028 2028 HOH HOH A . 
F 3 HOH 29  2029 2029 HOH HOH A . 
F 3 HOH 30  2030 2030 HOH HOH A . 
F 3 HOH 31  2031 2031 HOH HOH A . 
F 3 HOH 32  2032 2032 HOH HOH A . 
F 3 HOH 33  2033 2033 HOH HOH A . 
F 3 HOH 34  2034 2034 HOH HOH A . 
F 3 HOH 35  2035 2035 HOH HOH A . 
F 3 HOH 36  2036 2036 HOH HOH A . 
F 3 HOH 37  2037 2037 HOH HOH A . 
F 3 HOH 38  2038 2038 HOH HOH A . 
F 3 HOH 39  2039 2039 HOH HOH A . 
F 3 HOH 40  2040 2040 HOH HOH A . 
F 3 HOH 41  2041 2041 HOH HOH A . 
F 3 HOH 42  2042 2042 HOH HOH A . 
F 3 HOH 43  2043 2043 HOH HOH A . 
F 3 HOH 44  2044 2044 HOH HOH A . 
F 3 HOH 45  2045 2045 HOH HOH A . 
F 3 HOH 46  2046 2046 HOH HOH A . 
F 3 HOH 47  2047 2047 HOH HOH A . 
F 3 HOH 48  2048 2048 HOH HOH A . 
F 3 HOH 49  2049 2049 HOH HOH A . 
F 3 HOH 50  2050 2050 HOH HOH A . 
F 3 HOH 51  2051 2051 HOH HOH A . 
F 3 HOH 52  2052 2052 HOH HOH A . 
F 3 HOH 53  2053 2053 HOH HOH A . 
F 3 HOH 54  2054 2054 HOH HOH A . 
F 3 HOH 55  2055 2055 HOH HOH A . 
F 3 HOH 56  2056 2056 HOH HOH A . 
F 3 HOH 57  2057 2057 HOH HOH A . 
F 3 HOH 58  2058 2058 HOH HOH A . 
F 3 HOH 59  2059 2059 HOH HOH A . 
F 3 HOH 60  2060 2060 HOH HOH A . 
F 3 HOH 61  2061 2061 HOH HOH A . 
F 3 HOH 62  2062 2062 HOH HOH A . 
F 3 HOH 63  2063 2063 HOH HOH A . 
F 3 HOH 64  2064 2064 HOH HOH A . 
F 3 HOH 65  2065 2065 HOH HOH A . 
F 3 HOH 66  2066 2066 HOH HOH A . 
F 3 HOH 67  2067 2067 HOH HOH A . 
F 3 HOH 68  2068 2068 HOH HOH A . 
F 3 HOH 69  2069 2069 HOH HOH A . 
F 3 HOH 70  2070 2070 HOH HOH A . 
F 3 HOH 71  2071 2071 HOH HOH A . 
F 3 HOH 72  2072 2072 HOH HOH A . 
F 3 HOH 73  2073 2073 HOH HOH A . 
F 3 HOH 74  2074 2074 HOH HOH A . 
F 3 HOH 75  2075 2075 HOH HOH A . 
F 3 HOH 76  2076 2076 HOH HOH A . 
F 3 HOH 77  2077 2077 HOH HOH A . 
F 3 HOH 78  2078 2078 HOH HOH A . 
F 3 HOH 79  2079 2079 HOH HOH A . 
F 3 HOH 80  2080 2080 HOH HOH A . 
F 3 HOH 81  2081 2081 HOH HOH A . 
F 3 HOH 82  2082 2082 HOH HOH A . 
F 3 HOH 83  2083 2083 HOH HOH A . 
F 3 HOH 84  2084 2084 HOH HOH A . 
F 3 HOH 85  2085 2085 HOH HOH A . 
F 3 HOH 86  2086 2086 HOH HOH A . 
F 3 HOH 87  2087 2087 HOH HOH A . 
F 3 HOH 88  2088 2088 HOH HOH A . 
F 3 HOH 89  2089 2089 HOH HOH A . 
F 3 HOH 90  2090 2090 HOH HOH A . 
F 3 HOH 91  2091 2091 HOH HOH A . 
F 3 HOH 92  2092 2092 HOH HOH A . 
F 3 HOH 93  2093 2093 HOH HOH A . 
F 3 HOH 94  2094 2094 HOH HOH A . 
F 3 HOH 95  2095 2095 HOH HOH A . 
F 3 HOH 96  2096 2096 HOH HOH A . 
F 3 HOH 97  2097 2097 HOH HOH A . 
F 3 HOH 98  2098 2098 HOH HOH A . 
F 3 HOH 99  2099 2099 HOH HOH A . 
F 3 HOH 100 2100 2100 HOH HOH A . 
F 3 HOH 101 2101 2101 HOH HOH A . 
F 3 HOH 102 2102 2102 HOH HOH A . 
F 3 HOH 103 2103 2103 HOH HOH A . 
F 3 HOH 104 2104 2104 HOH HOH A . 
F 3 HOH 105 2105 2105 HOH HOH A . 
F 3 HOH 106 2106 2106 HOH HOH A . 
F 3 HOH 107 2107 2107 HOH HOH A . 
F 3 HOH 108 2108 2108 HOH HOH A . 
F 3 HOH 109 2109 2109 HOH HOH A . 
F 3 HOH 110 2110 2110 HOH HOH A . 
F 3 HOH 111 2111 2111 HOH HOH A . 
F 3 HOH 112 2112 2112 HOH HOH A . 
F 3 HOH 113 2113 2113 HOH HOH A . 
F 3 HOH 114 2114 2114 HOH HOH A . 
F 3 HOH 115 2115 2115 HOH HOH A . 
F 3 HOH 116 2116 2116 HOH HOH A . 
F 3 HOH 117 2117 2117 HOH HOH A . 
F 3 HOH 118 2118 2118 HOH HOH A . 
F 3 HOH 119 2119 2119 HOH HOH A . 
F 3 HOH 120 2120 2120 HOH HOH A . 
F 3 HOH 121 2121 2121 HOH HOH A . 
F 3 HOH 122 2122 2122 HOH HOH A . 
F 3 HOH 123 2123 2123 HOH HOH A . 
F 3 HOH 124 2124 2124 HOH HOH A . 
F 3 HOH 125 2125 2125 HOH HOH A . 
F 3 HOH 126 2126 2126 HOH HOH A . 
F 3 HOH 127 2127 2127 HOH HOH A . 
F 3 HOH 128 2128 2128 HOH HOH A . 
F 3 HOH 129 2129 2129 HOH HOH A . 
F 3 HOH 130 2130 2130 HOH HOH A . 
F 3 HOH 131 2131 2131 HOH HOH A . 
F 3 HOH 132 2132 2132 HOH HOH A . 
F 3 HOH 133 2133 2133 HOH HOH A . 
F 3 HOH 134 2134 2134 HOH HOH A . 
F 3 HOH 135 2135 2135 HOH HOH A . 
F 3 HOH 136 2136 2136 HOH HOH A . 
F 3 HOH 137 2137 2137 HOH HOH A . 
F 3 HOH 138 2138 2138 HOH HOH A . 
F 3 HOH 139 2139 2139 HOH HOH A . 
F 3 HOH 140 2140 2140 HOH HOH A . 
F 3 HOH 141 2141 2141 HOH HOH A . 
F 3 HOH 142 2142 2142 HOH HOH A . 
F 3 HOH 143 2143 2143 HOH HOH A . 
F 3 HOH 144 2144 2144 HOH HOH A . 
F 3 HOH 145 2145 2145 HOH HOH A . 
F 3 HOH 146 2146 2146 HOH HOH A . 
F 3 HOH 147 2147 2147 HOH HOH A . 
F 3 HOH 148 2148 2148 HOH HOH A . 
F 3 HOH 149 2149 2149 HOH HOH A . 
F 3 HOH 150 2150 2150 HOH HOH A . 
F 3 HOH 151 2151 2151 HOH HOH A . 
F 3 HOH 152 2152 2152 HOH HOH A . 
F 3 HOH 153 2153 2153 HOH HOH A . 
F 3 HOH 154 2154 2154 HOH HOH A . 
F 3 HOH 155 2155 2155 HOH HOH A . 
F 3 HOH 156 2156 2156 HOH HOH A . 
F 3 HOH 157 2157 2157 HOH HOH A . 
F 3 HOH 158 2158 2158 HOH HOH A . 
F 3 HOH 159 2159 2159 HOH HOH A . 
F 3 HOH 160 2160 2160 HOH HOH A . 
F 3 HOH 161 2161 2161 HOH HOH A . 
F 3 HOH 162 2162 2162 HOH HOH A . 
F 3 HOH 163 2163 2163 HOH HOH A . 
F 3 HOH 164 2164 2164 HOH HOH A . 
F 3 HOH 165 2165 2165 HOH HOH A . 
F 3 HOH 166 2166 2166 HOH HOH A . 
F 3 HOH 167 2167 2167 HOH HOH A . 
F 3 HOH 168 2168 2168 HOH HOH A . 
F 3 HOH 169 2169 2169 HOH HOH A . 
F 3 HOH 170 2170 2170 HOH HOH A . 
F 3 HOH 171 2171 2171 HOH HOH A . 
F 3 HOH 172 2172 2172 HOH HOH A . 
# 
loop_
_software.name 
_software.classification 
_software.version 
_software.citation_id 
_software.pdbx_ordinal 
PHENIX refinement       '(PHENIX.REFINE)' ? 1 
MOSFLM 'data reduction' .                 ? 2 
SCALA  'data scaling'   .                 ? 3 
PHASER phasing          .                 ? 4 
# 
_cell.entry_id           2XA3 
_cell.length_a           37.370 
_cell.length_b           62.180 
_cell.length_c           62.740 
_cell.angle_alpha        90.00 
_cell.angle_beta         90.00 
_cell.angle_gamma        90.00 
_cell.Z_PDB              4 
_cell.pdbx_unique_axis   ? 
# 
_symmetry.entry_id                         2XA3 
_symmetry.space_group_name_H-M             'P 21 21 21' 
_symmetry.pdbx_full_space_group_name_H-M   ? 
_symmetry.cell_setting                     ? 
_symmetry.Int_Tables_number                19 
# 
_exptl.entry_id          2XA3 
_exptl.method            'X-RAY DIFFRACTION' 
_exptl.crystals_number   1 
# 
_exptl_crystal.id                    1 
_exptl_crystal.density_meas          ? 
_exptl_crystal.density_Matthews      2.87 
_exptl_crystal.density_percent_sol   57.2 
_exptl_crystal.description           NONE 
# 
_exptl_crystal_grow.crystal_id      1 
_exptl_crystal_grow.method          ? 
_exptl_crystal_grow.temp            ? 
_exptl_crystal_grow.temp_details    ? 
_exptl_crystal_grow.pH              6 
_exptl_crystal_grow.pdbx_pH_range   ? 
_exptl_crystal_grow.pdbx_details    
;5 MG/ML OF D7 PROTEIN IN A SOLUTION OF 20MM HEPES PH 7, 0.1 M NACL MIXED WITH AN EQUAL VOLUME OF 100MM SODIUM CACODYLATE PH 6, 20 MM MAGNESIUM ACETATE, 1.7M AMMONIUM SULFATE AND 19 % GLYCEROL WELL CONDITION
;
# 
_diffrn.id                     1 
_diffrn.ambient_temp           100 
_diffrn.ambient_temp_details   ? 
_diffrn.crystal_id             1 
# 
_diffrn_detector.diffrn_id              1 
_diffrn_detector.detector               ? 
_diffrn_detector.type                   MARRESEARCH 
_diffrn_detector.pdbx_collection_date   2009-07-20 
_diffrn_detector.details                MIRRORS 
# 
_diffrn_radiation.diffrn_id                        1 
_diffrn_radiation.wavelength_id                    1 
_diffrn_radiation.pdbx_monochromatic_or_laue_m_l   M 
_diffrn_radiation.monochromator                    'SI(111) MONOCHROMATOR' 
_diffrn_radiation.pdbx_diffrn_protocol             'SINGLE WAVELENGTH' 
_diffrn_radiation.pdbx_scattering_type             x-ray 
# 
_diffrn_radiation_wavelength.id           1 
_diffrn_radiation_wavelength.wavelength   0.974 
_diffrn_radiation_wavelength.wt           1.0 
# 
_diffrn_source.diffrn_id                   1 
_diffrn_source.source                      SYNCHROTRON 
_diffrn_source.type                        'ESRF BEAMLINE BM14' 
_diffrn_source.pdbx_synchrotron_site       ESRF 
_diffrn_source.pdbx_synchrotron_beamline   BM14 
_diffrn_source.pdbx_wavelength             0.974 
_diffrn_source.pdbx_wavelength_list        ? 
# 
_reflns.pdbx_diffrn_id               1 
_reflns.pdbx_ordinal                 1 
_reflns.entry_id                     2XA3 
_reflns.observed_criterion_sigma_I   0.0 
_reflns.observed_criterion_sigma_F   ? 
_reflns.d_resolution_low             44.00 
_reflns.d_resolution_high            1.50 
_reflns.number_obs                   22695 
_reflns.number_all                   ? 
_reflns.percent_possible_obs         94.1 
_reflns.pdbx_Rmerge_I_obs            0.05 
_reflns.pdbx_Rsym_value              ? 
_reflns.pdbx_netI_over_sigmaI        23.00 
_reflns.B_iso_Wilson_estimate        13.39 
_reflns.pdbx_redundancy              3 
# 
_reflns_shell.pdbx_diffrn_id         1 
_reflns_shell.pdbx_ordinal           1 
_reflns_shell.d_res_high             1.50 
_reflns_shell.d_res_low              ? 
_reflns_shell.percent_possible_all   68.7 
_reflns_shell.Rmerge_I_obs           0.20 
_reflns_shell.pdbx_Rsym_value        ? 
_reflns_shell.meanI_over_sigI_obs    6.50 
_reflns_shell.pdbx_redundancy        ? 
# 
_refine.pdbx_refine_id                           'X-RAY DIFFRACTION' 
_refine.entry_id                                 2XA3 
_refine.pdbx_diffrn_id                           1 
_refine.pdbx_TLS_residual_ADP_flag               ? 
_refine.ls_number_reflns_obs                     22364 
_refine.ls_number_reflns_all                     ? 
_refine.pdbx_ls_sigma_I                          ? 
_refine.pdbx_ls_sigma_F                          0.08 
_refine.pdbx_data_cutoff_high_absF               ? 
_refine.pdbx_data_cutoff_low_absF                ? 
_refine.pdbx_data_cutoff_high_rms_absF           ? 
_refine.ls_d_res_low                             24.027 
_refine.ls_d_res_high                            1.500 
_refine.ls_percent_reflns_obs                    92.93 
_refine.ls_R_factor_obs                          0.1670 
_refine.ls_R_factor_all                          ? 
_refine.ls_R_factor_R_work                       0.1657 
_refine.ls_R_factor_R_free                       0.1935 
_refine.ls_R_factor_R_free_error                 ? 
_refine.ls_R_factor_R_free_error_details         ? 
_refine.ls_percent_reflns_R_free                 5.1 
_refine.ls_number_reflns_R_free                  1135 
_refine.ls_number_parameters                     ? 
_refine.ls_number_restraints                     ? 
_refine.occupancy_min                            ? 
_refine.occupancy_max                            ? 
_refine.correlation_coeff_Fo_to_Fc               ? 
_refine.correlation_coeff_Fo_to_Fc_free          ? 
_refine.B_iso_mean                               ? 
_refine.aniso_B[1][1]                            -1.2255 
_refine.aniso_B[2][2]                            -0.4192 
_refine.aniso_B[3][3]                            1.6447 
_refine.aniso_B[1][2]                            0.0000 
_refine.aniso_B[1][3]                            0.0000 
_refine.aniso_B[2][3]                            0.0000 
_refine.solvent_model_details                    'FLAT BULK SOLVENT MODEL' 
_refine.solvent_model_param_ksol                 0.357 
_refine.solvent_model_param_bsol                 51.488 
_refine.pdbx_solvent_vdw_probe_radii             1.11 
_refine.pdbx_solvent_ion_probe_radii             ? 
_refine.pdbx_solvent_shrinkage_radii             0.90 
_refine.pdbx_ls_cross_valid_method               ? 
_refine.details                                  'DISORDERED REGIONS FOR THE CDR3 LOOP FROM RESIDUE 98 TO RESIDUE 100C.' 
_refine.pdbx_starting_model                      'PDB ENTRY 1HCV' 
_refine.pdbx_method_to_determine_struct          'MOLECULAR REPLACEMENT' 
_refine.pdbx_isotropic_thermal_model             ? 
_refine.pdbx_stereochemistry_target_values       ML 
_refine.pdbx_stereochem_target_val_spec_case     ? 
_refine.pdbx_R_Free_selection_details            ? 
_refine.pdbx_overall_ESU_R                       ? 
_refine.pdbx_overall_ESU_R_Free                  ? 
_refine.overall_SU_ML                            0.17 
_refine.pdbx_overall_phase_error                 15.88 
_refine.overall_SU_B                             ? 
_refine.overall_SU_R_Cruickshank_DPI             ? 
_refine.pdbx_overall_SU_R_free_Cruickshank_DPI   ? 
_refine.pdbx_overall_SU_R_Blow_DPI               ? 
_refine.pdbx_overall_SU_R_free_Blow_DPI          ? 
# 
_refine_hist.pdbx_refine_id                   'X-RAY DIFFRACTION' 
_refine_hist.cycle_id                         LAST 
_refine_hist.pdbx_number_atoms_protein        977 
_refine_hist.pdbx_number_atoms_nucleic_acid   0 
_refine_hist.pdbx_number_atoms_ligand         20 
_refine_hist.number_atoms_solvent             172 
_refine_hist.number_atoms_total               1169 
_refine_hist.d_res_high                       1.500 
_refine_hist.d_res_low                        24.027 
# 
loop_
_refine_ls_restr.type 
_refine_ls_restr.dev_ideal 
_refine_ls_restr.dev_ideal_target 
_refine_ls_restr.weight 
_refine_ls_restr.number 
_refine_ls_restr.pdbx_refine_id 
_refine_ls_restr.pdbx_restraint_function 
f_bond_d           0.006  ? ? 1199 'X-RAY DIFFRACTION' ? 
f_angle_d          1.065  ? ? 1652 'X-RAY DIFFRACTION' ? 
f_dihedral_angle_d 16.816 ? ? 434  'X-RAY DIFFRACTION' ? 
f_chiral_restr     0.071  ? ? 167  'X-RAY DIFFRACTION' ? 
f_plane_restr      0.005  ? ? 225  'X-RAY DIFFRACTION' ? 
# 
loop_
_refine_ls_shell.pdbx_refine_id 
_refine_ls_shell.pdbx_total_number_of_bins_used 
_refine_ls_shell.d_res_high 
_refine_ls_shell.d_res_low 
_refine_ls_shell.number_reflns_R_work 
_refine_ls_shell.R_factor_R_work 
_refine_ls_shell.percent_reflns_obs 
_refine_ls_shell.R_factor_R_free 
_refine_ls_shell.R_factor_R_free_error 
_refine_ls_shell.percent_reflns_R_free 
_refine_ls_shell.number_reflns_R_free 
_refine_ls_shell.number_reflns_all 
_refine_ls_shell.R_factor_all 
'X-RAY DIFFRACTION' . 1.5001 1.5684  1816 0.1812 65.00  0.2226 . . 94  . . 
'X-RAY DIFFRACTION' . 1.5684 1.6511  2311 0.1617 82.00  0.1996 . . 125 . . 
'X-RAY DIFFRACTION' . 1.6511 1.7545  2737 0.1629 98.00  0.1929 . . 149 . . 
'X-RAY DIFFRACTION' . 1.7545 1.8899  2788 0.1627 99.00  0.2099 . . 162 . . 
'X-RAY DIFFRACTION' . 1.8899 2.0800  2816 0.1558 99.00  0.1765 . . 168 . . 
'X-RAY DIFFRACTION' . 2.0800 2.3807  2836 0.1591 100.00 0.1773 . . 147 . . 
'X-RAY DIFFRACTION' . 2.3807 2.9985  2881 0.1662 100.00 0.2215 . . 150 . . 
'X-RAY DIFFRACTION' . 2.9985 24.0298 3044 0.1618 100.00 0.1616 . . 140 . . 
# 
_struct.entry_id                  2XA3 
_struct.title                     
'crystal structure of the broadly neutralizing llama VHH D7 and its mode of HIV-1 gp120 interaction' 
_struct.pdbx_model_details        ? 
_struct.pdbx_CASP_flag            ? 
_struct.pdbx_model_type_details   ? 
# 
_struct_keywords.entry_id        2XA3 
_struct_keywords.pdbx_keywords   'IMMUNE SYSTEM' 
_struct_keywords.text            'IMMUNE SYSTEM' 
# 
loop_
_struct_asym.id 
_struct_asym.pdbx_blank_PDB_chainid_flag 
_struct_asym.pdbx_modified 
_struct_asym.entity_id 
_struct_asym.details 
A N N 1 ? 
B N N 2 ? 
C N N 2 ? 
D N N 2 ? 
E N N 2 ? 
F N N 3 ? 
# 
_struct_ref.id                         1 
_struct_ref.db_name                    PDB 
_struct_ref.db_code                    2XA3 
_struct_ref.entity_id                  1 
_struct_ref.pdbx_seq_one_letter_code   ? 
_struct_ref.pdbx_align_begin           ? 
_struct_ref.pdbx_db_accession          2XA3 
_struct_ref.pdbx_db_isoform            ? 
# 
_struct_ref_seq.align_id                      1 
_struct_ref_seq.ref_id                        1 
_struct_ref_seq.pdbx_PDB_id_code              2XA3 
_struct_ref_seq.pdbx_strand_id                A 
_struct_ref_seq.seq_align_beg                 1 
_struct_ref_seq.pdbx_seq_align_beg_ins_code   ? 
_struct_ref_seq.seq_align_end                 127 
_struct_ref_seq.pdbx_seq_align_end_ins_code   ? 
_struct_ref_seq.pdbx_db_accession             2XA3 
_struct_ref_seq.db_align_beg                  1 
_struct_ref_seq.pdbx_db_align_beg_ins_code    ? 
_struct_ref_seq.db_align_end                  113 
_struct_ref_seq.pdbx_db_align_end_ins_code    ? 
_struct_ref_seq.pdbx_auth_seq_align_beg       1 
_struct_ref_seq.pdbx_auth_seq_align_end       113 
# 
_pdbx_struct_assembly.id                   1 
_pdbx_struct_assembly.details              software_defined_assembly 
_pdbx_struct_assembly.method_details       PISA 
_pdbx_struct_assembly.oligomeric_details   monomeric 
_pdbx_struct_assembly.oligomeric_count     1 
# 
_pdbx_struct_assembly_gen.assembly_id       1 
_pdbx_struct_assembly_gen.oper_expression   1 
_pdbx_struct_assembly_gen.asym_id_list      A,B,C,D,E,F 
# 
_pdbx_struct_oper_list.id                   1 
_pdbx_struct_oper_list.type                 'identity operation' 
_pdbx_struct_oper_list.name                 1_555 
_pdbx_struct_oper_list.symmetry_operation   x,y,z 
_pdbx_struct_oper_list.matrix[1][1]         1.0000000000 
_pdbx_struct_oper_list.matrix[1][2]         0.0000000000 
_pdbx_struct_oper_list.matrix[1][3]         0.0000000000 
_pdbx_struct_oper_list.vector[1]            0.0000000000 
_pdbx_struct_oper_list.matrix[2][1]         0.0000000000 
_pdbx_struct_oper_list.matrix[2][2]         1.0000000000 
_pdbx_struct_oper_list.matrix[2][3]         0.0000000000 
_pdbx_struct_oper_list.vector[2]            0.0000000000 
_pdbx_struct_oper_list.matrix[3][1]         0.0000000000 
_pdbx_struct_oper_list.matrix[3][2]         0.0000000000 
_pdbx_struct_oper_list.matrix[3][3]         1.0000000000 
_pdbx_struct_oper_list.vector[3]            0.0000000000 
# 
loop_
_struct_conf.conf_type_id 
_struct_conf.id 
_struct_conf.pdbx_PDB_helix_id 
_struct_conf.beg_label_comp_id 
_struct_conf.beg_label_asym_id 
_struct_conf.beg_label_seq_id 
_struct_conf.pdbx_beg_PDB_ins_code 
_struct_conf.end_label_comp_id 
_struct_conf.end_label_asym_id 
_struct_conf.end_label_seq_id 
_struct_conf.pdbx_end_PDB_ins_code 
_struct_conf.beg_auth_comp_id 
_struct_conf.beg_auth_asym_id 
_struct_conf.beg_auth_seq_id 
_struct_conf.end_auth_comp_id 
_struct_conf.end_auth_asym_id 
_struct_conf.end_auth_seq_id 
_struct_conf.pdbx_PDB_helix_class 
_struct_conf.details 
_struct_conf.pdbx_PDB_helix_length 
HELX_P HELX_P1 1 ASP A 62 ? LYS A 65 ? ASP A 61 LYS A 64 5 ? 4 
HELX_P HELX_P2 2 ASN A 74 ? LYS A 76 ? ASN A 73 LYS A 75 5 ? 3 
HELX_P HELX_P3 3 LYS A 87 ? THR A 91 ? LYS A 83 THR A 87 5 ? 5 
# 
_struct_conf_type.id          HELX_P 
_struct_conf_type.criteria    ? 
_struct_conf_type.reference   ? 
# 
loop_
_struct_conn.id 
_struct_conn.conn_type_id 
_struct_conn.pdbx_leaving_atom_flag 
_struct_conn.pdbx_PDB_id 
_struct_conn.ptnr1_label_asym_id 
_struct_conn.ptnr1_label_comp_id 
_struct_conn.ptnr1_label_seq_id 
_struct_conn.ptnr1_label_atom_id 
_struct_conn.pdbx_ptnr1_label_alt_id 
_struct_conn.pdbx_ptnr1_PDB_ins_code 
_struct_conn.pdbx_ptnr1_standard_comp_id 
_struct_conn.ptnr1_symmetry 
_struct_conn.ptnr2_label_asym_id 
_struct_conn.ptnr2_label_comp_id 
_struct_conn.ptnr2_label_seq_id 
_struct_conn.ptnr2_label_atom_id 
_struct_conn.pdbx_ptnr2_label_alt_id 
_struct_conn.pdbx_ptnr2_PDB_ins_code 
_struct_conn.ptnr1_auth_asym_id 
_struct_conn.ptnr1_auth_comp_id 
_struct_conn.ptnr1_auth_seq_id 
_struct_conn.ptnr2_auth_asym_id 
_struct_conn.ptnr2_auth_comp_id 
_struct_conn.ptnr2_auth_seq_id 
_struct_conn.ptnr2_symmetry 
_struct_conn.pdbx_ptnr3_label_atom_id 
_struct_conn.pdbx_ptnr3_label_seq_id 
_struct_conn.pdbx_ptnr3_label_comp_id 
_struct_conn.pdbx_ptnr3_label_asym_id 
_struct_conn.pdbx_ptnr3_label_alt_id 
_struct_conn.pdbx_ptnr3_PDB_ins_code 
_struct_conn.details 
_struct_conn.pdbx_dist_value 
_struct_conn.pdbx_value_order 
_struct_conn.pdbx_role 
disulf1 disulf ? ? A CYS 22 SG ? ? ? 1_555 A CYS 96 SG A ? A CYS 22 A CYS 92 1_555 ? ? ? ? ? ? ? 2.024 ? ? 
disulf2 disulf ? ? A CYS 22 SG ? ? ? 1_555 A CYS 96 SG B ? A CYS 22 A CYS 92 1_555 ? ? ? ? ? ? ? 2.055 ? ? 
# 
_struct_conn_type.id          disulf 
_struct_conn_type.criteria    ? 
_struct_conn_type.reference   ? 
# 
loop_
_pdbx_modification_feature.ordinal 
_pdbx_modification_feature.label_comp_id 
_pdbx_modification_feature.label_asym_id 
_pdbx_modification_feature.label_seq_id 
_pdbx_modification_feature.label_alt_id 
_pdbx_modification_feature.modified_residue_label_comp_id 
_pdbx_modification_feature.modified_residue_label_asym_id 
_pdbx_modification_feature.modified_residue_label_seq_id 
_pdbx_modification_feature.modified_residue_label_alt_id 
_pdbx_modification_feature.auth_comp_id 
_pdbx_modification_feature.auth_asym_id 
_pdbx_modification_feature.auth_seq_id 
_pdbx_modification_feature.PDB_ins_code 
_pdbx_modification_feature.symmetry 
_pdbx_modification_feature.modified_residue_auth_comp_id 
_pdbx_modification_feature.modified_residue_auth_asym_id 
_pdbx_modification_feature.modified_residue_auth_seq_id 
_pdbx_modification_feature.modified_residue_PDB_ins_code 
_pdbx_modification_feature.modified_residue_symmetry 
_pdbx_modification_feature.comp_id_linking_atom 
_pdbx_modification_feature.modified_residue_id_linking_atom 
_pdbx_modification_feature.modified_residue_id 
_pdbx_modification_feature.ref_pcm_id 
_pdbx_modification_feature.ref_comp_id 
_pdbx_modification_feature.type 
_pdbx_modification_feature.category 
1 CYS A 22 ? CYS A 96 A CYS A 22 ? 1_555 CYS A 92 ? 1_555 SG SG . . . None 'Disulfide bridge' 
2 CYS A 22 ? CYS A 96 B CYS A 22 ? 1_555 CYS A 92 ? 1_555 SG SG . . . None 'Disulfide bridge' 
# 
loop_
_struct_sheet.id 
_struct_sheet.type 
_struct_sheet.number_strands 
_struct_sheet.details 
AA ? 4 ? 
AB ? 4 ? 
AC ? 6 ? 
AD ? 2 ? 
# 
loop_
_struct_sheet_order.sheet_id 
_struct_sheet_order.range_id_1 
_struct_sheet_order.range_id_2 
_struct_sheet_order.offset 
_struct_sheet_order.sense 
AA 1 2 ? anti-parallel 
AA 2 3 ? anti-parallel 
AA 3 4 ? anti-parallel 
AB 1 2 ? parallel      
AB 2 3 ? anti-parallel 
AB 3 4 ? anti-parallel 
AC 1 2 ? parallel      
AC 2 3 ? anti-parallel 
AC 3 4 ? anti-parallel 
AC 4 5 ? anti-parallel 
AC 5 6 ? anti-parallel 
AD 1 2 ? anti-parallel 
# 
loop_
_struct_sheet_range.sheet_id 
_struct_sheet_range.id 
_struct_sheet_range.beg_label_comp_id 
_struct_sheet_range.beg_label_asym_id 
_struct_sheet_range.beg_label_seq_id 
_struct_sheet_range.pdbx_beg_PDB_ins_code 
_struct_sheet_range.end_label_comp_id 
_struct_sheet_range.end_label_asym_id 
_struct_sheet_range.end_label_seq_id 
_struct_sheet_range.pdbx_end_PDB_ins_code 
_struct_sheet_range.beg_auth_comp_id 
_struct_sheet_range.beg_auth_asym_id 
_struct_sheet_range.beg_auth_seq_id 
_struct_sheet_range.end_auth_comp_id 
_struct_sheet_range.end_auth_asym_id 
_struct_sheet_range.end_auth_seq_id 
AA 1 LEU A 4   ? SER A 7   ? LEU A 4   SER A 7   
AA 2 LEU A 18  ? VAL A 24  ? LEU A 18  VAL A 24  
AA 3 ALA A 78  ? MET A 83  ? ALA A 77  MET A 82  
AA 4 PHE A 68  ? ASP A 73  ? PHE A 67  ASP A 72  
AB 1 GLY A 10  ? GLN A 13  ? GLY A 10  GLN A 13  
AB 2 THR A 121 ? SER A 126 ? THR A 107 SER A 112 
AB 3 ALA A 92  ? TRP A 100 ? ALA A 88  TRP A 96  
AB 4 TYR A 116 ? TRP A 117 ? TYR A 102 TRP A 103 
AC 1 GLY A 10  ? GLN A 13  ? GLY A 10  GLN A 13  
AC 2 THR A 121 ? SER A 126 ? THR A 107 SER A 112 
AC 3 ALA A 92  ? TRP A 100 ? ALA A 88  TRP A 96  
AC 4 HIS A 32  ? GLN A 39  ? HIS A 32  GLN A 39  
AC 5 GLU A 46  ? SER A 52  ? GLU A 46  SER A 52  
AC 6 THR A 58  ? TYR A 60  ? THR A 57  TYR A 59  
AD 1 TYR A 116 ? TRP A 117 ? TYR A 102 TRP A 103 
AD 2 ALA A 92  ? TRP A 100 ? ALA A 88  TRP A 96  
# 
loop_
_pdbx_struct_sheet_hbond.sheet_id 
_pdbx_struct_sheet_hbond.range_id_1 
_pdbx_struct_sheet_hbond.range_id_2 
_pdbx_struct_sheet_hbond.range_1_label_atom_id 
_pdbx_struct_sheet_hbond.range_1_label_comp_id 
_pdbx_struct_sheet_hbond.range_1_label_asym_id 
_pdbx_struct_sheet_hbond.range_1_label_seq_id 
_pdbx_struct_sheet_hbond.range_1_PDB_ins_code 
_pdbx_struct_sheet_hbond.range_1_auth_atom_id 
_pdbx_struct_sheet_hbond.range_1_auth_comp_id 
_pdbx_struct_sheet_hbond.range_1_auth_asym_id 
_pdbx_struct_sheet_hbond.range_1_auth_seq_id 
_pdbx_struct_sheet_hbond.range_2_label_atom_id 
_pdbx_struct_sheet_hbond.range_2_label_comp_id 
_pdbx_struct_sheet_hbond.range_2_label_asym_id 
_pdbx_struct_sheet_hbond.range_2_label_seq_id 
_pdbx_struct_sheet_hbond.range_2_PDB_ins_code 
_pdbx_struct_sheet_hbond.range_2_auth_atom_id 
_pdbx_struct_sheet_hbond.range_2_auth_comp_id 
_pdbx_struct_sheet_hbond.range_2_auth_asym_id 
_pdbx_struct_sheet_hbond.range_2_auth_seq_id 
AA 1 2 N SER A 7   ? N SER A 7   O SER A 21  ? O SER A 21  
AA 2 3 N CYS A 22  ? N CYS A 22  O VAL A 79  ? O VAL A 78  
AA 3 4 N GLN A 82  ? N GLN A 81  O ASP A 69  ? O ASP A 68  
AB 1 2 N GLY A 10  ? N GLY A 10  O GLN A 122 ? O GLN A 108 
AB 2 3 N VAL A 123 ? N VAL A 109 O ALA A 92  ? O ALA A 88  
AB 3 4 N ALA A 98  ? N ALA A 94  O TYR A 116 ? O TYR A 102 
AC 1 2 N GLY A 10  ? N GLY A 10  O GLN A 122 ? O GLN A 108 
AC 2 3 N VAL A 123 ? N VAL A 109 O ALA A 92  ? O ALA A 88  
AC 3 4 N LYS A 99  ? N LYS A 95  O ASP A 33  ? O ASP A 33  
AC 4 5 N ARG A 38  ? N ARG A 38  O GLU A 46  ? O GLU A 46  
AC 5 6 N ALA A 50  ? N ALA A 50  O ASN A 59  ? O ASN A 58  
AD 1 2 N TYR A 116 ? N TYR A 102 O ALA A 98  ? O ALA A 94  
# 
loop_
_struct_site.id 
_struct_site.pdbx_evidence_code 
_struct_site.pdbx_auth_asym_id 
_struct_site.pdbx_auth_comp_id 
_struct_site.pdbx_auth_seq_id 
_struct_site.pdbx_auth_ins_code 
_struct_site.pdbx_num_residues 
_struct_site.details 
AC1 Software A SO4 1114 ? 6 'BINDING SITE FOR RESIDUE SO4 A 1114' 
AC2 Software A SO4 1115 ? 6 'BINDING SITE FOR RESIDUE SO4 A 1115' 
AC3 Software A SO4 1116 ? 7 'BINDING SITE FOR RESIDUE SO4 A 1116' 
AC4 Software A SO4 1117 ? 7 'BINDING SITE FOR RESIDUE SO4 A 1117' 
# 
loop_
_struct_site_gen.id 
_struct_site_gen.site_id 
_struct_site_gen.pdbx_num_res 
_struct_site_gen.label_comp_id 
_struct_site_gen.label_asym_id 
_struct_site_gen.label_seq_id 
_struct_site_gen.pdbx_auth_ins_code 
_struct_site_gen.auth_comp_id 
_struct_site_gen.auth_asym_id 
_struct_site_gen.auth_seq_id 
_struct_site_gen.label_atom_id 
_struct_site_gen.label_alt_id 
_struct_site_gen.symmetry 
_struct_site_gen.details 
1  AC1 6 SER A 29  ? SER A 29   . ? 1_555 ? 
2  AC1 6 LYS A 87  ? LYS A 83   . ? 3_554 ? 
3  AC1 6 TRP A 100 ? TRP A 96   . ? 1_555 ? 
4  AC1 6 HOH F .   ? HOH A 2165 . ? 1_555 ? 
5  AC1 6 HOH F .   ? HOH A 2166 . ? 1_555 ? 
6  AC1 6 HOH F .   ? HOH A 2167 . ? 1_555 ? 
7  AC2 6 GLY A 15  ? GLY A 15   . ? 3_554 ? 
8  AC2 6 ARG A 101 ? ARG A 97   . ? 1_555 ? 
9  AC2 6 PRO A 102 ? PRO A 98   . ? 1_555 ? 
10 AC2 6 HOH F .   ? HOH A 2020 . ? 3_554 ? 
11 AC2 6 HOH F .   ? HOH A 2144 . ? 1_555 ? 
12 AC2 6 HOH F .   ? HOH A 2168 . ? 1_555 ? 
13 AC3 7 PHE A 37  ? PHE A 37   . ? 1_555 ? 
14 AC3 7 ARG A 45  ? ARG A 45   . ? 1_555 ? 
15 AC3 7 SER A 112 H SER A 100  . ? 1_555 ? 
16 AC3 7 ASP A 113 I ASP A 100  . ? 1_555 ? 
17 AC3 7 HOH F .   ? HOH A 2135 . ? 1_555 ? 
18 AC3 7 HOH F .   ? HOH A 2169 . ? 1_555 ? 
19 AC3 7 HOH F .   ? HOH A 2170 . ? 1_555 ? 
20 AC4 7 ARG A 19  ? ARG A 19   . ? 4_555 ? 
21 AC4 7 LYS A 76  ? LYS A 75   . ? 4_555 ? 
22 AC4 7 TYR A 80  ? TYR A 79   . ? 4_555 ? 
23 AC4 7 GLY A 120 ? GLY A 106  . ? 1_555 ? 
24 AC4 7 HOH F .   ? HOH A 2157 . ? 1_555 ? 
25 AC4 7 HOH F .   ? HOH A 2171 . ? 1_555 ? 
26 AC4 7 HOH F .   ? HOH A 2172 . ? 1_555 ? 
# 
_pdbx_entry_details.entry_id                   2XA3 
_pdbx_entry_details.compound_details           ? 
_pdbx_entry_details.source_details             ? 
_pdbx_entry_details.nonpolymer_details         ? 
_pdbx_entry_details.sequence_details           'MUTATIONS DONE V5Q, A11V, G24A, A61V, A69D, S80Y.' 
_pdbx_entry_details.has_ligand_of_interest     ? 
_pdbx_entry_details.has_protein_modification   Y 
# 
_pdbx_validate_rmsd_angle.id                         1 
_pdbx_validate_rmsd_angle.PDB_model_num              1 
_pdbx_validate_rmsd_angle.auth_atom_id_1             CA 
_pdbx_validate_rmsd_angle.auth_asym_id_1             A 
_pdbx_validate_rmsd_angle.auth_comp_id_1             ARG 
_pdbx_validate_rmsd_angle.auth_seq_id_1              100 
_pdbx_validate_rmsd_angle.PDB_ins_code_1             ? 
_pdbx_validate_rmsd_angle.label_alt_id_1             ? 
_pdbx_validate_rmsd_angle.auth_atom_id_2             C 
_pdbx_validate_rmsd_angle.auth_asym_id_2             A 
_pdbx_validate_rmsd_angle.auth_comp_id_2             ARG 
_pdbx_validate_rmsd_angle.auth_seq_id_2              100 
_pdbx_validate_rmsd_angle.PDB_ins_code_2             ? 
_pdbx_validate_rmsd_angle.label_alt_id_2             ? 
_pdbx_validate_rmsd_angle.auth_atom_id_3             O 
_pdbx_validate_rmsd_angle.auth_asym_id_3             A 
_pdbx_validate_rmsd_angle.auth_comp_id_3             ARG 
_pdbx_validate_rmsd_angle.auth_seq_id_3              100 
_pdbx_validate_rmsd_angle.PDB_ins_code_3             ? 
_pdbx_validate_rmsd_angle.label_alt_id_3             ? 
_pdbx_validate_rmsd_angle.angle_value                133.31 
_pdbx_validate_rmsd_angle.angle_target_value         120.10 
_pdbx_validate_rmsd_angle.angle_deviation            13.21 
_pdbx_validate_rmsd_angle.angle_standard_deviation   2.10 
_pdbx_validate_rmsd_angle.linker_flag                N 
# 
loop_
_chem_comp_atom.comp_id 
_chem_comp_atom.atom_id 
_chem_comp_atom.type_symbol 
_chem_comp_atom.pdbx_aromatic_flag 
_chem_comp_atom.pdbx_stereo_config 
_chem_comp_atom.pdbx_ordinal 
ALA N    N N N 1   
ALA CA   C N S 2   
ALA C    C N N 3   
ALA O    O N N 4   
ALA CB   C N N 5   
ALA OXT  O N N 6   
ALA H    H N N 7   
ALA H2   H N N 8   
ALA HA   H N N 9   
ALA HB1  H N N 10  
ALA HB2  H N N 11  
ALA HB3  H N N 12  
ALA HXT  H N N 13  
ARG N    N N N 14  
ARG CA   C N S 15  
ARG C    C N N 16  
ARG O    O N N 17  
ARG CB   C N N 18  
ARG CG   C N N 19  
ARG CD   C N N 20  
ARG NE   N N N 21  
ARG CZ   C N N 22  
ARG NH1  N N N 23  
ARG NH2  N N N 24  
ARG OXT  O N N 25  
ARG H    H N N 26  
ARG H2   H N N 27  
ARG HA   H N N 28  
ARG HB2  H N N 29  
ARG HB3  H N N 30  
ARG HG2  H N N 31  
ARG HG3  H N N 32  
ARG HD2  H N N 33  
ARG HD3  H N N 34  
ARG HE   H N N 35  
ARG HH11 H N N 36  
ARG HH12 H N N 37  
ARG HH21 H N N 38  
ARG HH22 H N N 39  
ARG HXT  H N N 40  
ASN N    N N N 41  
ASN CA   C N S 42  
ASN C    C N N 43  
ASN O    O N N 44  
ASN CB   C N N 45  
ASN CG   C N N 46  
ASN OD1  O N N 47  
ASN ND2  N N N 48  
ASN OXT  O N N 49  
ASN H    H N N 50  
ASN H2   H N N 51  
ASN HA   H N N 52  
ASN HB2  H N N 53  
ASN HB3  H N N 54  
ASN HD21 H N N 55  
ASN HD22 H N N 56  
ASN HXT  H N N 57  
ASP N    N N N 58  
ASP CA   C N S 59  
ASP C    C N N 60  
ASP O    O N N 61  
ASP CB   C N N 62  
ASP CG   C N N 63  
ASP OD1  O N N 64  
ASP OD2  O N N 65  
ASP OXT  O N N 66  
ASP H    H N N 67  
ASP H2   H N N 68  
ASP HA   H N N 69  
ASP HB2  H N N 70  
ASP HB3  H N N 71  
ASP HD2  H N N 72  
ASP HXT  H N N 73  
CYS N    N N N 74  
CYS CA   C N R 75  
CYS C    C N N 76  
CYS O    O N N 77  
CYS CB   C N N 78  
CYS SG   S N N 79  
CYS OXT  O N N 80  
CYS H    H N N 81  
CYS H2   H N N 82  
CYS HA   H N N 83  
CYS HB2  H N N 84  
CYS HB3  H N N 85  
CYS HG   H N N 86  
CYS HXT  H N N 87  
GLN N    N N N 88  
GLN CA   C N S 89  
GLN C    C N N 90  
GLN O    O N N 91  
GLN CB   C N N 92  
GLN CG   C N N 93  
GLN CD   C N N 94  
GLN OE1  O N N 95  
GLN NE2  N N N 96  
GLN OXT  O N N 97  
GLN H    H N N 98  
GLN H2   H N N 99  
GLN HA   H N N 100 
GLN HB2  H N N 101 
GLN HB3  H N N 102 
GLN HG2  H N N 103 
GLN HG3  H N N 104 
GLN HE21 H N N 105 
GLN HE22 H N N 106 
GLN HXT  H N N 107 
GLU N    N N N 108 
GLU CA   C N S 109 
GLU C    C N N 110 
GLU O    O N N 111 
GLU CB   C N N 112 
GLU CG   C N N 113 
GLU CD   C N N 114 
GLU OE1  O N N 115 
GLU OE2  O N N 116 
GLU OXT  O N N 117 
GLU H    H N N 118 
GLU H2   H N N 119 
GLU HA   H N N 120 
GLU HB2  H N N 121 
GLU HB3  H N N 122 
GLU HG2  H N N 123 
GLU HG3  H N N 124 
GLU HE2  H N N 125 
GLU HXT  H N N 126 
GLY N    N N N 127 
GLY CA   C N N 128 
GLY C    C N N 129 
GLY O    O N N 130 
GLY OXT  O N N 131 
GLY H    H N N 132 
GLY H2   H N N 133 
GLY HA2  H N N 134 
GLY HA3  H N N 135 
GLY HXT  H N N 136 
HIS N    N N N 137 
HIS CA   C N S 138 
HIS C    C N N 139 
HIS O    O N N 140 
HIS CB   C N N 141 
HIS CG   C Y N 142 
HIS ND1  N Y N 143 
HIS CD2  C Y N 144 
HIS CE1  C Y N 145 
HIS NE2  N Y N 146 
HIS OXT  O N N 147 
HIS H    H N N 148 
HIS H2   H N N 149 
HIS HA   H N N 150 
HIS HB2  H N N 151 
HIS HB3  H N N 152 
HIS HD1  H N N 153 
HIS HD2  H N N 154 
HIS HE1  H N N 155 
HIS HE2  H N N 156 
HIS HXT  H N N 157 
HOH O    O N N 158 
HOH H1   H N N 159 
HOH H2   H N N 160 
ILE N    N N N 161 
ILE CA   C N S 162 
ILE C    C N N 163 
ILE O    O N N 164 
ILE CB   C N S 165 
ILE CG1  C N N 166 
ILE CG2  C N N 167 
ILE CD1  C N N 168 
ILE OXT  O N N 169 
ILE H    H N N 170 
ILE H2   H N N 171 
ILE HA   H N N 172 
ILE HB   H N N 173 
ILE HG12 H N N 174 
ILE HG13 H N N 175 
ILE HG21 H N N 176 
ILE HG22 H N N 177 
ILE HG23 H N N 178 
ILE HD11 H N N 179 
ILE HD12 H N N 180 
ILE HD13 H N N 181 
ILE HXT  H N N 182 
LEU N    N N N 183 
LEU CA   C N S 184 
LEU C    C N N 185 
LEU O    O N N 186 
LEU CB   C N N 187 
LEU CG   C N N 188 
LEU CD1  C N N 189 
LEU CD2  C N N 190 
LEU OXT  O N N 191 
LEU H    H N N 192 
LEU H2   H N N 193 
LEU HA   H N N 194 
LEU HB2  H N N 195 
LEU HB3  H N N 196 
LEU HG   H N N 197 
LEU HD11 H N N 198 
LEU HD12 H N N 199 
LEU HD13 H N N 200 
LEU HD21 H N N 201 
LEU HD22 H N N 202 
LEU HD23 H N N 203 
LEU HXT  H N N 204 
LYS N    N N N 205 
LYS CA   C N S 206 
LYS C    C N N 207 
LYS O    O N N 208 
LYS CB   C N N 209 
LYS CG   C N N 210 
LYS CD   C N N 211 
LYS CE   C N N 212 
LYS NZ   N N N 213 
LYS OXT  O N N 214 
LYS H    H N N 215 
LYS H2   H N N 216 
LYS HA   H N N 217 
LYS HB2  H N N 218 
LYS HB3  H N N 219 
LYS HG2  H N N 220 
LYS HG3  H N N 221 
LYS HD2  H N N 222 
LYS HD3  H N N 223 
LYS HE2  H N N 224 
LYS HE3  H N N 225 
LYS HZ1  H N N 226 
LYS HZ2  H N N 227 
LYS HZ3  H N N 228 
LYS HXT  H N N 229 
MET N    N N N 230 
MET CA   C N S 231 
MET C    C N N 232 
MET O    O N N 233 
MET CB   C N N 234 
MET CG   C N N 235 
MET SD   S N N 236 
MET CE   C N N 237 
MET OXT  O N N 238 
MET H    H N N 239 
MET H2   H N N 240 
MET HA   H N N 241 
MET HB2  H N N 242 
MET HB3  H N N 243 
MET HG2  H N N 244 
MET HG3  H N N 245 
MET HE1  H N N 246 
MET HE2  H N N 247 
MET HE3  H N N 248 
MET HXT  H N N 249 
PHE N    N N N 250 
PHE CA   C N S 251 
PHE C    C N N 252 
PHE O    O N N 253 
PHE CB   C N N 254 
PHE CG   C Y N 255 
PHE CD1  C Y N 256 
PHE CD2  C Y N 257 
PHE CE1  C Y N 258 
PHE CE2  C Y N 259 
PHE CZ   C Y N 260 
PHE OXT  O N N 261 
PHE H    H N N 262 
PHE H2   H N N 263 
PHE HA   H N N 264 
PHE HB2  H N N 265 
PHE HB3  H N N 266 
PHE HD1  H N N 267 
PHE HD2  H N N 268 
PHE HE1  H N N 269 
PHE HE2  H N N 270 
PHE HZ   H N N 271 
PHE HXT  H N N 272 
PRO N    N N N 273 
PRO CA   C N S 274 
PRO C    C N N 275 
PRO O    O N N 276 
PRO CB   C N N 277 
PRO CG   C N N 278 
PRO CD   C N N 279 
PRO OXT  O N N 280 
PRO H    H N N 281 
PRO HA   H N N 282 
PRO HB2  H N N 283 
PRO HB3  H N N 284 
PRO HG2  H N N 285 
PRO HG3  H N N 286 
PRO HD2  H N N 287 
PRO HD3  H N N 288 
PRO HXT  H N N 289 
SER N    N N N 290 
SER CA   C N S 291 
SER C    C N N 292 
SER O    O N N 293 
SER CB   C N N 294 
SER OG   O N N 295 
SER OXT  O N N 296 
SER H    H N N 297 
SER H2   H N N 298 
SER HA   H N N 299 
SER HB2  H N N 300 
SER HB3  H N N 301 
SER HG   H N N 302 
SER HXT  H N N 303 
SO4 S    S N N 304 
SO4 O1   O N N 305 
SO4 O2   O N N 306 
SO4 O3   O N N 307 
SO4 O4   O N N 308 
THR N    N N N 309 
THR CA   C N S 310 
THR C    C N N 311 
THR O    O N N 312 
THR CB   C N R 313 
THR OG1  O N N 314 
THR CG2  C N N 315 
THR OXT  O N N 316 
THR H    H N N 317 
THR H2   H N N 318 
THR HA   H N N 319 
THR HB   H N N 320 
THR HG1  H N N 321 
THR HG21 H N N 322 
THR HG22 H N N 323 
THR HG23 H N N 324 
THR HXT  H N N 325 
TRP N    N N N 326 
TRP CA   C N S 327 
TRP C    C N N 328 
TRP O    O N N 329 
TRP CB   C N N 330 
TRP CG   C Y N 331 
TRP CD1  C Y N 332 
TRP CD2  C Y N 333 
TRP NE1  N Y N 334 
TRP CE2  C Y N 335 
TRP CE3  C Y N 336 
TRP CZ2  C Y N 337 
TRP CZ3  C Y N 338 
TRP CH2  C Y N 339 
TRP OXT  O N N 340 
TRP H    H N N 341 
TRP H2   H N N 342 
TRP HA   H N N 343 
TRP HB2  H N N 344 
TRP HB3  H N N 345 
TRP HD1  H N N 346 
TRP HE1  H N N 347 
TRP HE3  H N N 348 
TRP HZ2  H N N 349 
TRP HZ3  H N N 350 
TRP HH2  H N N 351 
TRP HXT  H N N 352 
TYR N    N N N 353 
TYR CA   C N S 354 
TYR C    C N N 355 
TYR O    O N N 356 
TYR CB   C N N 357 
TYR CG   C Y N 358 
TYR CD1  C Y N 359 
TYR CD2  C Y N 360 
TYR CE1  C Y N 361 
TYR CE2  C Y N 362 
TYR CZ   C Y N 363 
TYR OH   O N N 364 
TYR OXT  O N N 365 
TYR H    H N N 366 
TYR H2   H N N 367 
TYR HA   H N N 368 
TYR HB2  H N N 369 
TYR HB3  H N N 370 
TYR HD1  H N N 371 
TYR HD2  H N N 372 
TYR HE1  H N N 373 
TYR HE2  H N N 374 
TYR HH   H N N 375 
TYR HXT  H N N 376 
VAL N    N N N 377 
VAL CA   C N S 378 
VAL C    C N N 379 
VAL O    O N N 380 
VAL CB   C N N 381 
VAL CG1  C N N 382 
VAL CG2  C N N 383 
VAL OXT  O N N 384 
VAL H    H N N 385 
VAL H2   H N N 386 
VAL HA   H N N 387 
VAL HB   H N N 388 
VAL HG11 H N N 389 
VAL HG12 H N N 390 
VAL HG13 H N N 391 
VAL HG21 H N N 392 
VAL HG22 H N N 393 
VAL HG23 H N N 394 
VAL HXT  H N N 395 
# 
loop_
_chem_comp_bond.comp_id 
_chem_comp_bond.atom_id_1 
_chem_comp_bond.atom_id_2 
_chem_comp_bond.value_order 
_chem_comp_bond.pdbx_aromatic_flag 
_chem_comp_bond.pdbx_stereo_config 
_chem_comp_bond.pdbx_ordinal 
ALA N   CA   sing N N 1   
ALA N   H    sing N N 2   
ALA N   H2   sing N N 3   
ALA CA  C    sing N N 4   
ALA CA  CB   sing N N 5   
ALA CA  HA   sing N N 6   
ALA C   O    doub N N 7   
ALA C   OXT  sing N N 8   
ALA CB  HB1  sing N N 9   
ALA CB  HB2  sing N N 10  
ALA CB  HB3  sing N N 11  
ALA OXT HXT  sing N N 12  
ARG N   CA   sing N N 13  
ARG N   H    sing N N 14  
ARG N   H2   sing N N 15  
ARG CA  C    sing N N 16  
ARG CA  CB   sing N N 17  
ARG CA  HA   sing N N 18  
ARG C   O    doub N N 19  
ARG C   OXT  sing N N 20  
ARG CB  CG   sing N N 21  
ARG CB  HB2  sing N N 22  
ARG CB  HB3  sing N N 23  
ARG CG  CD   sing N N 24  
ARG CG  HG2  sing N N 25  
ARG CG  HG3  sing N N 26  
ARG CD  NE   sing N N 27  
ARG CD  HD2  sing N N 28  
ARG CD  HD3  sing N N 29  
ARG NE  CZ   sing N N 30  
ARG NE  HE   sing N N 31  
ARG CZ  NH1  sing N N 32  
ARG CZ  NH2  doub N N 33  
ARG NH1 HH11 sing N N 34  
ARG NH1 HH12 sing N N 35  
ARG NH2 HH21 sing N N 36  
ARG NH2 HH22 sing N N 37  
ARG OXT HXT  sing N N 38  
ASN N   CA   sing N N 39  
ASN N   H    sing N N 40  
ASN N   H2   sing N N 41  
ASN CA  C    sing N N 42  
ASN CA  CB   sing N N 43  
ASN CA  HA   sing N N 44  
ASN C   O    doub N N 45  
ASN C   OXT  sing N N 46  
ASN CB  CG   sing N N 47  
ASN CB  HB2  sing N N 48  
ASN CB  HB3  sing N N 49  
ASN CG  OD1  doub N N 50  
ASN CG  ND2  sing N N 51  
ASN ND2 HD21 sing N N 52  
ASN ND2 HD22 sing N N 53  
ASN OXT HXT  sing N N 54  
ASP N   CA   sing N N 55  
ASP N   H    sing N N 56  
ASP N   H2   sing N N 57  
ASP CA  C    sing N N 58  
ASP CA  CB   sing N N 59  
ASP CA  HA   sing N N 60  
ASP C   O    doub N N 61  
ASP C   OXT  sing N N 62  
ASP CB  CG   sing N N 63  
ASP CB  HB2  sing N N 64  
ASP CB  HB3  sing N N 65  
ASP CG  OD1  doub N N 66  
ASP CG  OD2  sing N N 67  
ASP OD2 HD2  sing N N 68  
ASP OXT HXT  sing N N 69  
CYS N   CA   sing N N 70  
CYS N   H    sing N N 71  
CYS N   H2   sing N N 72  
CYS CA  C    sing N N 73  
CYS CA  CB   sing N N 74  
CYS CA  HA   sing N N 75  
CYS C   O    doub N N 76  
CYS C   OXT  sing N N 77  
CYS CB  SG   sing N N 78  
CYS CB  HB2  sing N N 79  
CYS CB  HB3  sing N N 80  
CYS SG  HG   sing N N 81  
CYS OXT HXT  sing N N 82  
GLN N   CA   sing N N 83  
GLN N   H    sing N N 84  
GLN N   H2   sing N N 85  
GLN CA  C    sing N N 86  
GLN CA  CB   sing N N 87  
GLN CA  HA   sing N N 88  
GLN C   O    doub N N 89  
GLN C   OXT  sing N N 90  
GLN CB  CG   sing N N 91  
GLN CB  HB2  sing N N 92  
GLN CB  HB3  sing N N 93  
GLN CG  CD   sing N N 94  
GLN CG  HG2  sing N N 95  
GLN CG  HG3  sing N N 96  
GLN CD  OE1  doub N N 97  
GLN CD  NE2  sing N N 98  
GLN NE2 HE21 sing N N 99  
GLN NE2 HE22 sing N N 100 
GLN OXT HXT  sing N N 101 
GLU N   CA   sing N N 102 
GLU N   H    sing N N 103 
GLU N   H2   sing N N 104 
GLU CA  C    sing N N 105 
GLU CA  CB   sing N N 106 
GLU CA  HA   sing N N 107 
GLU C   O    doub N N 108 
GLU C   OXT  sing N N 109 
GLU CB  CG   sing N N 110 
GLU CB  HB2  sing N N 111 
GLU CB  HB3  sing N N 112 
GLU CG  CD   sing N N 113 
GLU CG  HG2  sing N N 114 
GLU CG  HG3  sing N N 115 
GLU CD  OE1  doub N N 116 
GLU CD  OE2  sing N N 117 
GLU OE2 HE2  sing N N 118 
GLU OXT HXT  sing N N 119 
GLY N   CA   sing N N 120 
GLY N   H    sing N N 121 
GLY N   H2   sing N N 122 
GLY CA  C    sing N N 123 
GLY CA  HA2  sing N N 124 
GLY CA  HA3  sing N N 125 
GLY C   O    doub N N 126 
GLY C   OXT  sing N N 127 
GLY OXT HXT  sing N N 128 
HIS N   CA   sing N N 129 
HIS N   H    sing N N 130 
HIS N   H2   sing N N 131 
HIS CA  C    sing N N 132 
HIS CA  CB   sing N N 133 
HIS CA  HA   sing N N 134 
HIS C   O    doub N N 135 
HIS C   OXT  sing N N 136 
HIS CB  CG   sing N N 137 
HIS CB  HB2  sing N N 138 
HIS CB  HB3  sing N N 139 
HIS CG  ND1  sing Y N 140 
HIS CG  CD2  doub Y N 141 
HIS ND1 CE1  doub Y N 142 
HIS ND1 HD1  sing N N 143 
HIS CD2 NE2  sing Y N 144 
HIS CD2 HD2  sing N N 145 
HIS CE1 NE2  sing Y N 146 
HIS CE1 HE1  sing N N 147 
HIS NE2 HE2  sing N N 148 
HIS OXT HXT  sing N N 149 
HOH O   H1   sing N N 150 
HOH O   H2   sing N N 151 
ILE N   CA   sing N N 152 
ILE N   H    sing N N 153 
ILE N   H2   sing N N 154 
ILE CA  C    sing N N 155 
ILE CA  CB   sing N N 156 
ILE CA  HA   sing N N 157 
ILE C   O    doub N N 158 
ILE C   OXT  sing N N 159 
ILE CB  CG1  sing N N 160 
ILE CB  CG2  sing N N 161 
ILE CB  HB   sing N N 162 
ILE CG1 CD1  sing N N 163 
ILE CG1 HG12 sing N N 164 
ILE CG1 HG13 sing N N 165 
ILE CG2 HG21 sing N N 166 
ILE CG2 HG22 sing N N 167 
ILE CG2 HG23 sing N N 168 
ILE CD1 HD11 sing N N 169 
ILE CD1 HD12 sing N N 170 
ILE CD1 HD13 sing N N 171 
ILE OXT HXT  sing N N 172 
LEU N   CA   sing N N 173 
LEU N   H    sing N N 174 
LEU N   H2   sing N N 175 
LEU CA  C    sing N N 176 
LEU CA  CB   sing N N 177 
LEU CA  HA   sing N N 178 
LEU C   O    doub N N 179 
LEU C   OXT  sing N N 180 
LEU CB  CG   sing N N 181 
LEU CB  HB2  sing N N 182 
LEU CB  HB3  sing N N 183 
LEU CG  CD1  sing N N 184 
LEU CG  CD2  sing N N 185 
LEU CG  HG   sing N N 186 
LEU CD1 HD11 sing N N 187 
LEU CD1 HD12 sing N N 188 
LEU CD1 HD13 sing N N 189 
LEU CD2 HD21 sing N N 190 
LEU CD2 HD22 sing N N 191 
LEU CD2 HD23 sing N N 192 
LEU OXT HXT  sing N N 193 
LYS N   CA   sing N N 194 
LYS N   H    sing N N 195 
LYS N   H2   sing N N 196 
LYS CA  C    sing N N 197 
LYS CA  CB   sing N N 198 
LYS CA  HA   sing N N 199 
LYS C   O    doub N N 200 
LYS C   OXT  sing N N 201 
LYS CB  CG   sing N N 202 
LYS CB  HB2  sing N N 203 
LYS CB  HB3  sing N N 204 
LYS CG  CD   sing N N 205 
LYS CG  HG2  sing N N 206 
LYS CG  HG3  sing N N 207 
LYS CD  CE   sing N N 208 
LYS CD  HD2  sing N N 209 
LYS CD  HD3  sing N N 210 
LYS CE  NZ   sing N N 211 
LYS CE  HE2  sing N N 212 
LYS CE  HE3  sing N N 213 
LYS NZ  HZ1  sing N N 214 
LYS NZ  HZ2  sing N N 215 
LYS NZ  HZ3  sing N N 216 
LYS OXT HXT  sing N N 217 
MET N   CA   sing N N 218 
MET N   H    sing N N 219 
MET N   H2   sing N N 220 
MET CA  C    sing N N 221 
MET CA  CB   sing N N 222 
MET CA  HA   sing N N 223 
MET C   O    doub N N 224 
MET C   OXT  sing N N 225 
MET CB  CG   sing N N 226 
MET CB  HB2  sing N N 227 
MET CB  HB3  sing N N 228 
MET CG  SD   sing N N 229 
MET CG  HG2  sing N N 230 
MET CG  HG3  sing N N 231 
MET SD  CE   sing N N 232 
MET CE  HE1  sing N N 233 
MET CE  HE2  sing N N 234 
MET CE  HE3  sing N N 235 
MET OXT HXT  sing N N 236 
PHE N   CA   sing N N 237 
PHE N   H    sing N N 238 
PHE N   H2   sing N N 239 
PHE CA  C    sing N N 240 
PHE CA  CB   sing N N 241 
PHE CA  HA   sing N N 242 
PHE C   O    doub N N 243 
PHE C   OXT  sing N N 244 
PHE CB  CG   sing N N 245 
PHE CB  HB2  sing N N 246 
PHE CB  HB3  sing N N 247 
PHE CG  CD1  doub Y N 248 
PHE CG  CD2  sing Y N 249 
PHE CD1 CE1  sing Y N 250 
PHE CD1 HD1  sing N N 251 
PHE CD2 CE2  doub Y N 252 
PHE CD2 HD2  sing N N 253 
PHE CE1 CZ   doub Y N 254 
PHE CE1 HE1  sing N N 255 
PHE CE2 CZ   sing Y N 256 
PHE CE2 HE2  sing N N 257 
PHE CZ  HZ   sing N N 258 
PHE OXT HXT  sing N N 259 
PRO N   CA   sing N N 260 
PRO N   CD   sing N N 261 
PRO N   H    sing N N 262 
PRO CA  C    sing N N 263 
PRO CA  CB   sing N N 264 
PRO CA  HA   sing N N 265 
PRO C   O    doub N N 266 
PRO C   OXT  sing N N 267 
PRO CB  CG   sing N N 268 
PRO CB  HB2  sing N N 269 
PRO CB  HB3  sing N N 270 
PRO CG  CD   sing N N 271 
PRO CG  HG2  sing N N 272 
PRO CG  HG3  sing N N 273 
PRO CD  HD2  sing N N 274 
PRO CD  HD3  sing N N 275 
PRO OXT HXT  sing N N 276 
SER N   CA   sing N N 277 
SER N   H    sing N N 278 
SER N   H2   sing N N 279 
SER CA  C    sing N N 280 
SER CA  CB   sing N N 281 
SER CA  HA   sing N N 282 
SER C   O    doub N N 283 
SER C   OXT  sing N N 284 
SER CB  OG   sing N N 285 
SER CB  HB2  sing N N 286 
SER CB  HB3  sing N N 287 
SER OG  HG   sing N N 288 
SER OXT HXT  sing N N 289 
SO4 S   O1   doub N N 290 
SO4 S   O2   doub N N 291 
SO4 S   O3   sing N N 292 
SO4 S   O4   sing N N 293 
THR N   CA   sing N N 294 
THR N   H    sing N N 295 
THR N   H2   sing N N 296 
THR CA  C    sing N N 297 
THR CA  CB   sing N N 298 
THR CA  HA   sing N N 299 
THR C   O    doub N N 300 
THR C   OXT  sing N N 301 
THR CB  OG1  sing N N 302 
THR CB  CG2  sing N N 303 
THR CB  HB   sing N N 304 
THR OG1 HG1  sing N N 305 
THR CG2 HG21 sing N N 306 
THR CG2 HG22 sing N N 307 
THR CG2 HG23 sing N N 308 
THR OXT HXT  sing N N 309 
TRP N   CA   sing N N 310 
TRP N   H    sing N N 311 
TRP N   H2   sing N N 312 
TRP CA  C    sing N N 313 
TRP CA  CB   sing N N 314 
TRP CA  HA   sing N N 315 
TRP C   O    doub N N 316 
TRP C   OXT  sing N N 317 
TRP CB  CG   sing N N 318 
TRP CB  HB2  sing N N 319 
TRP CB  HB3  sing N N 320 
TRP CG  CD1  doub Y N 321 
TRP CG  CD2  sing Y N 322 
TRP CD1 NE1  sing Y N 323 
TRP CD1 HD1  sing N N 324 
TRP CD2 CE2  doub Y N 325 
TRP CD2 CE3  sing Y N 326 
TRP NE1 CE2  sing Y N 327 
TRP NE1 HE1  sing N N 328 
TRP CE2 CZ2  sing Y N 329 
TRP CE3 CZ3  doub Y N 330 
TRP CE3 HE3  sing N N 331 
TRP CZ2 CH2  doub Y N 332 
TRP CZ2 HZ2  sing N N 333 
TRP CZ3 CH2  sing Y N 334 
TRP CZ3 HZ3  sing N N 335 
TRP CH2 HH2  sing N N 336 
TRP OXT HXT  sing N N 337 
TYR N   CA   sing N N 338 
TYR N   H    sing N N 339 
TYR N   H2   sing N N 340 
TYR CA  C    sing N N 341 
TYR CA  CB   sing N N 342 
TYR CA  HA   sing N N 343 
TYR C   O    doub N N 344 
TYR C   OXT  sing N N 345 
TYR CB  CG   sing N N 346 
TYR CB  HB2  sing N N 347 
TYR CB  HB3  sing N N 348 
TYR CG  CD1  doub Y N 349 
TYR CG  CD2  sing Y N 350 
TYR CD1 CE1  sing Y N 351 
TYR CD1 HD1  sing N N 352 
TYR CD2 CE2  doub Y N 353 
TYR CD2 HD2  sing N N 354 
TYR CE1 CZ   doub Y N 355 
TYR CE1 HE1  sing N N 356 
TYR CE2 CZ   sing Y N 357 
TYR CE2 HE2  sing N N 358 
TYR CZ  OH   sing N N 359 
TYR OH  HH   sing N N 360 
TYR OXT HXT  sing N N 361 
VAL N   CA   sing N N 362 
VAL N   H    sing N N 363 
VAL N   H2   sing N N 364 
VAL CA  C    sing N N 365 
VAL CA  CB   sing N N 366 
VAL CA  HA   sing N N 367 
VAL C   O    doub N N 368 
VAL C   OXT  sing N N 369 
VAL CB  CG1  sing N N 370 
VAL CB  CG2  sing N N 371 
VAL CB  HB   sing N N 372 
VAL CG1 HG11 sing N N 373 
VAL CG1 HG12 sing N N 374 
VAL CG1 HG13 sing N N 375 
VAL CG2 HG21 sing N N 376 
VAL CG2 HG22 sing N N 377 
VAL CG2 HG23 sing N N 378 
VAL OXT HXT  sing N N 379 
# 
_pdbx_initial_refinement_model.id               1 
_pdbx_initial_refinement_model.entity_id_list   ? 
_pdbx_initial_refinement_model.type             'experimental model' 
_pdbx_initial_refinement_model.source_name      PDB 
_pdbx_initial_refinement_model.accession_code   1HCV 
_pdbx_initial_refinement_model.details          'PDB ENTRY 1HCV' 
# 
_atom_sites.entry_id                    2XA3 
_atom_sites.fract_transf_matrix[1][1]   -0.01428105 
_atom_sites.fract_transf_matrix[1][2]   0.02053812 
_atom_sites.fract_transf_matrix[1][3]   0.00950165 
_atom_sites.fract_transf_matrix[2][1]   -0.01014464 
_atom_sites.fract_transf_matrix[2][2]   -0.01030782 
_atom_sites.fract_transf_matrix[2][3]   0.00703320 
_atom_sites.fract_transf_matrix[3][1]   0.00897772 
_atom_sites.fract_transf_matrix[3][2]   0.00015003 
_atom_sites.fract_transf_matrix[3][3]   0.01316927 
_atom_sites.fract_transf_vector[1]      -0.018968 
_atom_sites.fract_transf_vector[2]      0.232668 
_atom_sites.fract_transf_vector[3]      -0.179734 
# 
loop_
_atom_type.symbol 
C 
N 
O 
S 
# 
loop_
_atom_site.group_PDB 
_atom_site.id 
_atom_site.type_symbol 
_atom_site.label_atom_id 
_atom_site.label_alt_id 
_atom_site.label_comp_id 
_atom_site.label_asym_id 
_atom_site.label_entity_id 
_atom_site.label_seq_id 
_atom_site.pdbx_PDB_ins_code 
_atom_site.Cartn_x 
_atom_site.Cartn_y 
_atom_site.Cartn_z 
_atom_site.occupancy 
_atom_site.B_iso_or_equiv 
_atom_site.pdbx_formal_charge 
_atom_site.auth_seq_id 
_atom_site.auth_comp_id 
_atom_site.auth_asym_id 
_atom_site.auth_atom_id 
_atom_site.pdbx_PDB_model_num 
ATOM   1    N N   . ALA A 1 1   ? -6.897  -17.133 5.708   1.00 33.34 ? 1    ALA A N   1 
ATOM   2    C CA  . ALA A 1 1   ? -6.784  -15.691 5.858   1.00 28.83 ? 1    ALA A CA  1 
ATOM   3    C C   . ALA A 1 1   ? -5.336  -15.233 5.695   1.00 31.66 ? 1    ALA A C   1 
ATOM   4    O O   . ALA A 1 1   ? -4.395  -15.989 5.947   1.00 30.28 ? 1    ALA A O   1 
ATOM   5    C CB  . ALA A 1 1   ? -7.333  -15.248 7.219   1.00 31.33 ? 1    ALA A CB  1 
ATOM   6    N N   . VAL A 1 2   ? -5.177  -13.995 5.248   1.00 17.56 ? 2    VAL A N   1 
ATOM   7    C CA  . VAL A 1 2   ? -3.880  -13.337 5.212   1.00 14.96 ? 2    VAL A CA  1 
ATOM   8    C C   . VAL A 1 2   ? -3.902  -12.248 6.273   1.00 14.25 ? 2    VAL A C   1 
ATOM   9    O O   . VAL A 1 2   ? -4.864  -11.488 6.340   1.00 16.31 ? 2    VAL A O   1 
ATOM   10   C CB  . VAL A 1 2   ? -3.633  -12.689 3.842   1.00 14.42 ? 2    VAL A CB  1 
ATOM   11   C CG1 . VAL A 1 2   ? -2.375  -11.845 3.864   1.00 15.81 ? 2    VAL A CG1 1 
ATOM   12   C CG2 . VAL A 1 2   ? -3.557  -13.762 2.752   1.00 17.63 ? 2    VAL A CG2 1 
ATOM   13   N N   . GLN A 1 3   ? -2.867  -12.184 7.112   1.00 11.91 ? 3    GLN A N   1 
ATOM   14   C CA  . GLN A 1 3   ? -2.737  -11.088 8.062   1.00 10.27 ? 3    GLN A CA  1 
ATOM   15   C C   . GLN A 1 3   ? -1.633  -10.147 7.610   1.00 9.54  ? 3    GLN A C   1 
ATOM   16   O O   . GLN A 1 3   ? -0.659  -10.573 6.992   1.00 10.58 ? 3    GLN A O   1 
ATOM   17   C CB  . GLN A 1 3   ? -2.441  -11.597 9.475   1.00 13.43 ? 3    GLN A CB  1 
ATOM   18   C CG  . GLN A 1 3   ? -3.556  -12.474 10.049  1.00 21.75 ? 3    GLN A CG  1 
ATOM   19   C CD  . GLN A 1 3   ? -3.278  -12.912 11.472  0.59 23.79 ? 3    GLN A CD  1 
ATOM   20   O OE1 . GLN A 1 3   ? -2.790  -14.014 11.708  0.57 30.68 ? 3    GLN A OE1 1 
ATOM   21   N NE2 . GLN A 1 3   ? -3.582  -12.043 12.430  0.56 29.63 ? 3    GLN A NE2 1 
ATOM   22   N N   A LEU A 1 4   ? -1.797  -8.869  7.949   0.59 8.40  ? 4    LEU A N   1 
ATOM   23   N N   B LEU A 1 4   ? -1.806  -8.867  7.898   0.41 8.43  ? 4    LEU A N   1 
ATOM   24   C CA  A LEU A 1 4   ? -0.938  -7.786  7.475   0.59 7.73  ? 4    LEU A CA  1 
ATOM   25   C CA  B LEU A 1 4   ? -0.826  -7.870  7.511   0.41 7.56  ? 4    LEU A CA  1 
ATOM   26   C C   A LEU A 1 4   ? -0.654  -6.795  8.596   0.59 7.91  ? 4    LEU A C   1 
ATOM   27   C C   B LEU A 1 4   ? -0.578  -6.954  8.687   0.41 8.04  ? 4    LEU A C   1 
ATOM   28   O O   A LEU A 1 4   ? -1.553  -6.448  9.366   0.59 9.36  ? 4    LEU A O   1 
ATOM   29   O O   B LEU A 1 4   ? -1.413  -6.835  9.584   0.41 10.37 ? 4    LEU A O   1 
ATOM   30   C CB  A LEU A 1 4   ? -1.647  -7.021  6.355   0.59 8.51  ? 4    LEU A CB  1 
ATOM   31   C CB  B LEU A 1 4   ? -1.333  -7.045  6.327   0.41 8.93  ? 4    LEU A CB  1 
ATOM   32   C CG  A LEU A 1 4   ? -2.177  -7.857  5.185   0.59 8.40  ? 4    LEU A CG  1 
ATOM   33   C CG  B LEU A 1 4   ? -1.830  -7.817  5.105   0.41 9.18  ? 4    LEU A CG  1 
ATOM   34   C CD1 A LEU A 1 4   ? -3.149  -7.047  4.333   0.59 9.96  ? 4    LEU A CD1 1 
ATOM   35   C CD1 B LEU A 1 4   ? -3.311  -8.163  5.255   0.41 10.69 ? 4    LEU A CD1 1 
ATOM   36   C CD2 A LEU A 1 4   ? -1.025  -8.400  4.357   0.59 11.01 ? 4    LEU A CD2 1 
ATOM   37   C CD2 B LEU A 1 4   ? -1.589  -7.001  3.853   0.41 6.99  ? 4    LEU A CD2 1 
ATOM   38   N N   . GLN A 1 5   ? 0.581   -6.312  8.681   1.00 8.44  ? 5    GLN A N   1 
ATOM   39   C CA  . GLN A 1 5   ? 0.905   -5.314  9.691   1.00 7.36  ? 5    GLN A CA  1 
ATOM   40   C C   . GLN A 1 5   ? 1.835   -4.260  9.131   1.00 9.74  ? 5    GLN A C   1 
ATOM   41   O O   . GLN A 1 5   ? 2.931   -4.583  8.668   1.00 10.04 ? 5    GLN A O   1 
ATOM   42   C CB  . GLN A 1 5   ? 1.554   -5.950  10.922  1.00 8.82  ? 5    GLN A CB  1 
ATOM   43   C CG  . GLN A 1 5   ? 1.938   -4.893  11.958  1.00 11.85 ? 5    GLN A CG  1 
ATOM   44   C CD  . GLN A 1 5   ? 2.165   -5.461  13.349  1.00 21.11 ? 5    GLN A CD  1 
ATOM   45   O OE1 . GLN A 1 5   ? 1.490   -6.401  13.774  1.00 20.17 ? 5    GLN A OE1 1 
ATOM   46   N NE2 . GLN A 1 5   ? 3.114   -4.880  14.069  1.00 22.92 ? 5    GLN A NE2 1 
ATOM   47   N N   . GLU A 1 6   ? 1.387   -3.011  9.190   1.00 9.02  ? 6    GLU A N   1 
ATOM   48   C CA  . GLU A 1 6   ? 2.158   -1.866  8.732   1.00 7.91  ? 6    GLU A CA  1 
ATOM   49   C C   . GLU A 1 6   ? 3.250   -1.490  9.715   1.00 11.90 ? 6    GLU A C   1 
ATOM   50   O O   . GLU A 1 6   ? 3.083   -1.615  10.926  1.00 12.08 ? 6    GLU A O   1 
ATOM   51   C CB  . GLU A 1 6   ? 1.250   -0.641  8.581   1.00 9.82  ? 6    GLU A CB  1 
ATOM   52   C CG  . GLU A 1 6   ? 0.125   -0.791  7.574   1.00 9.73  ? 6    GLU A CG  1 
ATOM   53   C CD  . GLU A 1 6   ? -1.124  -1.393  8.185   1.00 9.56  ? 6    GLU A CD  1 
ATOM   54   O OE1 . GLU A 1 6   ? -1.071  -1.888  9.334   1.00 10.13 ? 6    GLU A OE1 1 
ATOM   55   O OE2 . GLU A 1 6   ? -2.172  -1.357  7.529   1.00 11.12 ? 6    GLU A OE2 1 
ATOM   56   N N   . SER A 1 7   ? 4.361   -0.998  9.185   1.00 9.26  ? 7    SER A N   1 
ATOM   57   C CA  . SER A 1 7   ? 5.351   -0.296  9.993   1.00 9.56  ? 7    SER A CA  1 
ATOM   58   C C   . SER A 1 7   ? 5.856   0.895   9.199   1.00 12.02 ? 7    SER A C   1 
ATOM   59   O O   . SER A 1 7   ? 5.560   1.037   8.008   1.00 11.56 ? 7    SER A O   1 
ATOM   60   C CB  . SER A 1 7   ? 6.493   -1.207  10.417  1.00 11.98 ? 7    SER A CB  1 
ATOM   61   O OG  . SER A 1 7   ? 7.146   -1.753  9.288   1.00 14.84 ? 7    SER A OG  1 
ATOM   62   N N   . GLY A 1 8   ? 6.610   1.768   9.855   1.00 9.40  ? 8    GLY A N   1 
ATOM   63   C CA  . GLY A 1 8   ? 6.904   3.054   9.260   1.00 9.97  ? 8    GLY A CA  1 
ATOM   64   C C   . GLY A 1 8   ? 5.746   4.003   9.509   1.00 10.56 ? 8    GLY A C   1 
ATOM   65   O O   . GLY A 1 8   ? 4.709   3.604   10.049  1.00 10.79 ? 8    GLY A O   1 
ATOM   66   N N   . GLY A 1 9   ? 5.928   5.259   9.122   1.00 13.75 ? 9    GLY A N   1 
ATOM   67   C CA  . GLY A 1 9   ? 4.933   6.282   9.370   1.00 12.77 ? 9    GLY A CA  1 
ATOM   68   C C   . GLY A 1 9   ? 5.567   7.413   10.139  1.00 10.85 ? 9    GLY A C   1 
ATOM   69   O O   . GLY A 1 9   ? 6.777   7.409   10.391  1.00 10.42 ? 9    GLY A O   1 
ATOM   70   N N   . GLY A 1 10  ? 4.748   8.383   10.506  1.00 9.57  ? 10   GLY A N   1 
ATOM   71   C CA  . GLY A 1 10  ? 5.246   9.496   11.291  1.00 11.96 ? 10   GLY A CA  1 
ATOM   72   C C   . GLY A 1 10  ? 5.031   10.817  10.588  1.00 10.50 ? 10   GLY A C   1 
ATOM   73   O O   . GLY A 1 10  ? 4.233   10.919  9.652   1.00 11.94 ? 10   GLY A O   1 
ATOM   74   N N   . LEU A 1 11  ? 5.765   11.829  11.039  1.00 10.48 ? 11   LEU A N   1 
ATOM   75   C CA  . LEU A 1 11  ? 5.611   13.185  10.548  1.00 9.89  ? 11   LEU A CA  1 
ATOM   76   C C   . LEU A 1 11  ? 6.774   13.534  9.630   1.00 11.89 ? 11   LEU A C   1 
ATOM   77   O O   . LEU A 1 11  ? 7.929   13.249  9.947   1.00 14.39 ? 11   LEU A O   1 
ATOM   78   C CB  . LEU A 1 11  ? 5.595   14.140  11.750  1.00 10.09 ? 11   LEU A CB  1 
ATOM   79   C CG  . LEU A 1 11  ? 5.308   15.611  11.493  1.00 11.75 ? 11   LEU A CG  1 
ATOM   80   C CD1 . LEU A 1 11  ? 4.061   15.824  10.658  1.00 25.58 ? 11   LEU A CD1 1 
ATOM   81   C CD2 . LEU A 1 11  ? 5.158   16.336  12.827  1.00 11.19 ? 11   LEU A CD2 1 
ATOM   82   N N   A VAL A 1 12  ? 6.474   14.143  8.493   0.48 12.50 ? 12   VAL A N   1 
ATOM   83   N N   B VAL A 1 12  ? 6.460   14.160  8.498   0.52 12.51 ? 12   VAL A N   1 
ATOM   84   C CA  A VAL A 1 12  ? 7.523   14.588  7.596   0.48 15.45 ? 12   VAL A CA  1 
ATOM   85   C CA  B VAL A 1 12  ? 7.454   14.529  7.496   0.52 15.63 ? 12   VAL A CA  1 
ATOM   86   C C   A VAL A 1 12  ? 7.153   15.942  7.024   0.48 13.82 ? 12   VAL A C   1 
ATOM   87   C C   B VAL A 1 12  ? 7.139   15.919  6.950   0.52 13.72 ? 12   VAL A C   1 
ATOM   88   O O   A VAL A 1 12  ? 5.980   16.285  6.902   0.48 14.31 ? 12   VAL A O   1 
ATOM   89   O O   B VAL A 1 12  ? 5.976   16.267  6.774   0.52 14.20 ? 12   VAL A O   1 
ATOM   90   C CB  A VAL A 1 12  ? 7.743   13.600  6.443   0.48 17.13 ? 12   VAL A CB  1 
ATOM   91   C CB  B VAL A 1 12  ? 7.447   13.524  6.320   0.52 16.20 ? 12   VAL A CB  1 
ATOM   92   C CG1 A VAL A 1 12  ? 6.562   13.645  5.495   0.48 15.86 ? 12   VAL A CG1 1 
ATOM   93   C CG1 B VAL A 1 12  ? 8.527   13.864  5.304   0.52 19.91 ? 12   VAL A CG1 1 
ATOM   94   C CG2 A VAL A 1 12  ? 9.041   13.922  5.708   0.48 16.06 ? 12   VAL A CG2 1 
ATOM   95   C CG2 B VAL A 1 12  ? 7.622   12.100  6.832   0.52 18.17 ? 12   VAL A CG2 1 
ATOM   96   N N   . GLN A 1 13  ? 8.169   16.723  6.688   1.00 16.97 ? 13   GLN A N   1 
ATOM   97   C CA  . GLN A 1 13  ? 7.938   18.028  6.093   1.00 19.76 ? 13   GLN A CA  1 
ATOM   98   C C   . GLN A 1 13  ? 7.572   17.848  4.624   1.00 14.17 ? 13   GLN A C   1 
ATOM   99   O O   . GLN A 1 13  ? 8.094   16.947  3.961   1.00 16.34 ? 13   GLN A O   1 
ATOM   100  C CB  . GLN A 1 13  ? 9.189   18.898  6.223   1.00 26.60 ? 13   GLN A CB  1 
ATOM   101  C CG  . GLN A 1 13  ? 9.436   19.392  7.641   1.00 32.41 ? 13   GLN A CG  1 
ATOM   102  C CD  . GLN A 1 13  ? 10.769  20.093  7.786   0.52 34.40 ? 13   GLN A CD  1 
ATOM   103  O OE1 . GLN A 1 13  ? 11.714  19.807  7.052   0.51 32.51 ? 13   GLN A OE1 1 
ATOM   104  N NE2 . GLN A 1 13  ? 10.853  21.013  8.739   0.47 35.28 ? 13   GLN A NE2 1 
ATOM   105  N N   . ALA A 1 14  ? 6.680   18.704  4.133   1.00 16.69 ? 14   ALA A N   1 
ATOM   106  C CA  . ALA A 1 14  ? 6.301   18.696  2.721   1.00 16.15 ? 14   ALA A CA  1 
ATOM   107  C C   . ALA A 1 14  ? 7.544   18.705  1.850   1.00 16.71 ? 14   ALA A C   1 
ATOM   108  O O   . ALA A 1 14  ? 8.525   19.404  2.143   1.00 17.93 ? 14   ALA A O   1 
ATOM   109  C CB  . ALA A 1 14  ? 5.398   19.880  2.396   1.00 17.76 ? 14   ALA A CB  1 
ATOM   110  N N   . GLY A 1 15  ? 7.509   17.910  0.783   1.00 12.90 ? 15   GLY A N   1 
ATOM   111  C CA  . GLY A 1 15  ? 8.670   17.708  -0.063  1.00 12.56 ? 15   GLY A CA  1 
ATOM   112  C C   . GLY A 1 15  ? 9.527   16.528  0.349   1.00 11.64 ? 15   GLY A C   1 
ATOM   113  O O   . GLY A 1 15  ? 10.355  16.049  -0.423  1.00 13.69 ? 15   GLY A O   1 
ATOM   114  N N   . GLY A 1 16  ? 9.323   16.042  1.573   1.00 13.33 ? 16   GLY A N   1 
ATOM   115  C CA  . GLY A 1 16  ? 10.137  14.963  2.105   1.00 13.65 ? 16   GLY A CA  1 
ATOM   116  C C   . GLY A 1 16  ? 9.683   13.572  1.705   1.00 12.27 ? 16   GLY A C   1 
ATOM   117  O O   . GLY A 1 16  ? 8.748   13.413  0.911   1.00 14.08 ? 16   GLY A O   1 
ATOM   118  N N   A SER A 1 17  ? 10.369  12.568  2.245   0.50 12.97 ? 17   SER A N   1 
ATOM   119  N N   B SER A 1 17  ? 10.344  12.560  2.261   0.50 12.98 ? 17   SER A N   1 
ATOM   120  C CA  A SER A 1 17  ? 10.096  11.177  1.918   0.50 14.34 ? 17   SER A CA  1 
ATOM   121  C CA  B SER A 1 17  ? 10.053  11.180  1.901   0.50 14.29 ? 17   SER A CA  1 
ATOM   122  C C   A SER A 1 17  ? 9.799   10.378  3.179   0.50 14.14 ? 17   SER A C   1 
ATOM   123  C C   B SER A 1 17  ? 9.991   10.270  3.122   0.50 14.27 ? 17   SER A C   1 
ATOM   124  O O   A SER A 1 17  ? 10.097  10.812  4.293   0.50 15.06 ? 17   SER A O   1 
ATOM   125  O O   B SER A 1 17  ? 10.637  10.519  4.143   0.50 11.95 ? 17   SER A O   1 
ATOM   126  C CB  A SER A 1 17  ? 11.295  10.551  1.205   0.50 16.31 ? 17   SER A CB  1 
ATOM   127  C CB  B SER A 1 17  ? 11.099  10.655  0.924   0.50 17.00 ? 17   SER A CB  1 
ATOM   128  O OG  A SER A 1 17  ? 11.549  11.161  -0.050  0.50 18.38 ? 17   SER A OG  1 
ATOM   129  O OG  B SER A 1 17  ? 12.361  10.533  1.554   0.50 19.24 ? 17   SER A OG  1 
ATOM   130  N N   . LEU A 1 18  ? 9.218   9.201   2.984   1.00 13.09 ? 18   LEU A N   1 
ATOM   131  C CA  . LEU A 1 18  ? 8.981   8.258   4.063   1.00 14.26 ? 18   LEU A CA  1 
ATOM   132  C C   . LEU A 1 18  ? 8.700   6.919   3.401   1.00 12.30 ? 18   LEU A C   1 
ATOM   133  O O   . LEU A 1 18  ? 8.063   6.868   2.348   1.00 12.78 ? 18   LEU A O   1 
ATOM   134  C CB  . LEU A 1 18  ? 7.769   8.713   4.881   1.00 14.81 ? 18   LEU A CB  1 
ATOM   135  C CG  . LEU A 1 18  ? 7.318   7.883   6.071   1.00 24.19 ? 18   LEU A CG  1 
ATOM   136  C CD1 . LEU A 1 18  ? 6.395   8.694   6.950   1.00 27.47 ? 18   LEU A CD1 1 
ATOM   137  C CD2 . LEU A 1 18  ? 6.620   6.641   5.593   1.00 36.90 ? 18   LEU A CD2 1 
ATOM   138  N N   A ARG A 1 19  ? 9.142   5.836   4.032   0.46 11.91 ? 19   ARG A N   1 
ATOM   139  N N   B ARG A 1 19  ? 9.218   5.842   3.982   0.54 11.88 ? 19   ARG A N   1 
ATOM   140  C CA  A ARG A 1 19  ? 8.918   4.497   3.501   0.46 10.12 ? 19   ARG A CA  1 
ATOM   141  C CA  B ARG A 1 19  ? 8.863   4.515   3.502   0.54 10.10 ? 19   ARG A CA  1 
ATOM   142  C C   A ARG A 1 19  ? 8.053   3.677   4.454   0.46 10.76 ? 19   ARG A C   1 
ATOM   143  C C   B ARG A 1 19  ? 7.938   3.839   4.498   0.54 10.26 ? 19   ARG A C   1 
ATOM   144  O O   A ARG A 1 19  ? 8.425   3.476   5.615   0.46 11.53 ? 19   ARG A O   1 
ATOM   145  O O   B ARG A 1 19  ? 8.145   3.894   5.712   0.54 10.39 ? 19   ARG A O   1 
ATOM   146  C CB  A ARG A 1 19  ? 10.263  3.804   3.290   0.46 12.45 ? 19   ARG A CB  1 
ATOM   147  C CB  B ARG A 1 19  ? 10.097  3.642   3.253   0.54 12.33 ? 19   ARG A CB  1 
ATOM   148  C CG  A ARG A 1 19  ? 10.197  2.412   2.700   0.46 13.24 ? 19   ARG A CG  1 
ATOM   149  C CG  B ARG A 1 19  ? 9.773   2.374   2.460   0.54 10.57 ? 19   ARG A CG  1 
ATOM   150  C CD  A ARG A 1 19  ? 11.613  1.929   2.431   0.46 14.41 ? 19   ARG A CD  1 
ATOM   151  C CD  B ARG A 1 19  ? 10.978  1.446   2.322   0.54 15.24 ? 19   ARG A CD  1 
ATOM   152  N NE  A ARG A 1 19  ? 11.682  0.590   1.858   0.46 18.08 ? 19   ARG A NE  1 
ATOM   153  N NE  B ARG A 1 19  ? 11.335  0.833   3.598   0.54 17.45 ? 19   ARG A NE  1 
ATOM   154  C CZ  A ARG A 1 19  ? 11.655  0.335   0.555   0.46 22.45 ? 19   ARG A CZ  1 
ATOM   155  C CZ  B ARG A 1 19  ? 12.140  -0.218  3.729   0.54 22.51 ? 19   ARG A CZ  1 
ATOM   156  N NH1 A ARG A 1 19  ? 11.533  1.329   -0.315  0.46 21.10 ? 19   ARG A NH1 1 
ATOM   157  N NH1 B ARG A 1 19  ? 12.676  -0.783  2.655   0.54 19.69 ? 19   ARG A NH1 1 
ATOM   158  N NH2 A ARG A 1 19  ? 11.743  -0.915  0.121   0.46 17.77 ? 19   ARG A NH2 1 
ATOM   159  N NH2 B ARG A 1 19  ? 12.405  -0.706  4.933   0.54 24.61 ? 19   ARG A NH2 1 
ATOM   160  N N   . LEU A 1 20  ? 6.904   3.209   3.967   1.00 8.20  ? 20   LEU A N   1 
ATOM   161  C CA  . LEU A 1 20  ? 6.056   2.320   4.745   1.00 8.40  ? 20   LEU A CA  1 
ATOM   162  C C   . LEU A 1 20  ? 6.370   0.883   4.373   1.00 9.16  ? 20   LEU A C   1 
ATOM   163  O O   . LEU A 1 20  ? 6.670   0.593   3.213   1.00 8.92  ? 20   LEU A O   1 
ATOM   164  C CB  . LEU A 1 20  ? 4.580   2.587   4.476   1.00 8.74  ? 20   LEU A CB  1 
ATOM   165  C CG  . LEU A 1 20  ? 4.102   4.021   4.695   1.00 9.51  ? 20   LEU A CG  1 
ATOM   166  C CD1 . LEU A 1 20  ? 2.589   4.129   4.487   1.00 10.76 ? 20   LEU A CD1 1 
ATOM   167  C CD2 . LEU A 1 20  ? 4.494   4.527   6.087   1.00 11.96 ? 20   LEU A CD2 1 
ATOM   168  N N   . SER A 1 21  ? 6.306   -0.012  5.357   1.00 9.22  ? 21   SER A N   1 
ATOM   169  C CA  . SER A 1 21  ? 6.465   -1.440  5.116   1.00 7.76  ? 21   SER A CA  1 
ATOM   170  C C   . SER A 1 21  ? 5.213   -2.141  5.571   1.00 10.36 ? 21   SER A C   1 
ATOM   171  O O   . SER A 1 21  ? 4.500   -1.662  6.452   1.00 10.02 ? 21   SER A O   1 
ATOM   172  C CB  . SER A 1 21  ? 7.654   -2.010  5.889   1.00 11.03 ? 21   SER A CB  1 
ATOM   173  O OG  . SER A 1 21  ? 8.849   -1.361  5.503   1.00 15.16 ? 21   SER A OG  1 
ATOM   174  N N   . CYS A 1 22  ? 4.938   -3.273  4.943   1.00 9.92  ? 22   CYS A N   1 
ATOM   175  C CA  . CYS A 1 22  ? 3.844   -4.113  5.358   1.00 10.46 ? 22   CYS A CA  1 
ATOM   176  C C   . CYS A 1 22  ? 4.372   -5.527  5.422   1.00 9.33  ? 22   CYS A C   1 
ATOM   177  O O   . CYS A 1 22  ? 4.881   -6.062  4.435   1.00 12.37 ? 22   CYS A O   1 
ATOM   178  C CB  . CYS A 1 22  ? 2.697   -4.017  4.374   1.00 11.09 ? 22   CYS A CB  1 
ATOM   179  S SG  . CYS A 1 22  ? 1.307   -5.080  4.824   1.00 14.88 ? 22   CYS A SG  1 
ATOM   180  N N   A THR A 1 23  ? 4.275   -6.125  6.606   0.56 8.03  ? 23   THR A N   1 
ATOM   181  N N   B THR A 1 23  ? 4.224   -6.136  6.589   0.44 8.05  ? 23   THR A N   1 
ATOM   182  C CA  A THR A 1 23  ? 4.690   -7.498  6.811   0.56 8.76  ? 23   THR A CA  1 
ATOM   183  C CA  B THR A 1 23  ? 4.712   -7.471  6.842   0.44 8.80  ? 23   THR A CA  1 
ATOM   184  C C   A THR A 1 23  ? 3.482   -8.404  6.591   0.56 8.39  ? 23   THR A C   1 
ATOM   185  C C   B THR A 1 23  ? 3.506   -8.417  6.807   0.44 8.92  ? 23   THR A C   1 
ATOM   186  O O   A THR A 1 23  ? 2.367   -8.114  7.052   0.56 6.85  ? 23   THR A O   1 
ATOM   187  O O   B THR A 1 23  ? 2.575   -8.269  7.600   0.44 10.62 ? 23   THR A O   1 
ATOM   188  C CB  A THR A 1 23  ? 5.310   -7.700  8.223   0.56 13.39 ? 23   THR A CB  1 
ATOM   189  C CB  B THR A 1 23  ? 5.430   -7.492  8.212   0.44 12.90 ? 23   THR A CB  1 
ATOM   190  O OG1 A THR A 1 23  ? 5.979   -8.962  8.286   0.56 19.24 ? 23   THR A OG1 1 
ATOM   191  O OG1 B THR A 1 23  ? 6.394   -6.424  8.265   0.44 4.44  ? 23   THR A OG1 1 
ATOM   192  C CG2 A THR A 1 23  ? 4.254   -7.650  9.301   0.56 11.12 ? 23   THR A CG2 1 
ATOM   193  C CG2 B THR A 1 23  ? 6.132   -8.804  8.439   0.44 17.29 ? 23   THR A CG2 1 
ATOM   194  N N   A VAL A 1 24  ? 3.715   -9.494  5.873   0.56 9.32  ? 24   VAL A N   1 
ATOM   195  N N   B VAL A 1 24  ? 3.512   -9.363  5.868   0.44 8.67  ? 24   VAL A N   1 
ATOM   196  C CA  A VAL A 1 24  ? 2.652   -10.370 5.405   0.56 9.05  ? 24   VAL A CA  1 
ATOM   197  C CA  B VAL A 1 24  ? 2.372   -10.265 5.639   0.44 8.70  ? 24   VAL A CA  1 
ATOM   198  C C   A VAL A 1 24  ? 2.777   -11.747 6.039   0.56 10.63 ? 24   VAL A C   1 
ATOM   199  C C   B VAL A 1 24  ? 2.589   -11.672 6.202   0.44 10.05 ? 24   VAL A C   1 
ATOM   200  O O   A VAL A 1 24  ? 3.890   -12.250 6.224   0.56 8.64  ? 24   VAL A O   1 
ATOM   201  O O   B VAL A 1 24  ? 3.723   -12.077 6.475   0.44 10.54 ? 24   VAL A O   1 
ATOM   202  C CB  A VAL A 1 24  ? 2.718   -10.479 3.865   0.56 14.49 ? 24   VAL A CB  1 
ATOM   203  C CB  B VAL A 1 24  ? 2.037   -10.368 4.122   0.44 11.03 ? 24   VAL A CB  1 
ATOM   204  C CG1 A VAL A 1 24  ? 1.753   -11.511 3.355   0.56 13.21 ? 24   VAL A CG1 1 
ATOM   205  C CG1 B VAL A 1 24  ? 3.104   -11.159 3.383   0.44 9.56  ? 24   VAL A CG1 1 
ATOM   206  C CG2 A VAL A 1 24  ? 2.447   -9.115  3.221   0.56 10.72 ? 24   VAL A CG2 1 
ATOM   207  C CG2 B VAL A 1 24  ? 0.692   -11.005 3.905   0.44 19.85 ? 24   VAL A CG2 1 
ATOM   208  N N   A SER A 1 25  ? 1.651   -12.361 6.391   0.56 10.15 ? 25   SER A N   1 
ATOM   209  N N   B SER A 1 25  ? 1.497   -12.416 6.369   0.44 9.91  ? 25   SER A N   1 
ATOM   210  C CA  A SER A 1 25  ? 1.716   -13.693 6.988   0.56 10.70 ? 25   SER A CA  1 
ATOM   211  C CA  B SER A 1 25  ? 1.563   -13.802 6.832   0.44 11.06 ? 25   SER A CA  1 
ATOM   212  C C   A SER A 1 25  ? 2.502   -14.643 6.090   0.56 13.28 ? 25   SER A C   1 
ATOM   213  C C   B SER A 1 25  ? 2.577   -14.601 6.026   0.44 13.40 ? 25   SER A C   1 
ATOM   214  O O   A SER A 1 25  ? 2.273   -14.730 4.880   0.56 12.87 ? 25   SER A O   1 
ATOM   215  O O   B SER A 1 25  ? 2.573   -14.553 4.793   0.44 12.78 ? 25   SER A O   1 
ATOM   216  C CB  A SER A 1 25  ? 0.329   -14.242 7.335   0.56 13.82 ? 25   SER A CB  1 
ATOM   217  C CB  B SER A 1 25  ? 0.191   -14.468 6.722   0.44 12.41 ? 25   SER A CB  1 
ATOM   218  O OG  A SER A 1 25  ? -0.563  -14.127 6.250   0.56 13.24 ? 25   SER A OG  1 
ATOM   219  O OG  B SER A 1 25  ? -0.763  -13.813 7.536   0.44 10.09 ? 25   SER A OG  1 
ATOM   220  N N   . ALA A 1 26  ? 3.441   -15.341 6.718   1.00 16.72 ? 26   ALA A N   1 
ATOM   221  C CA  . ALA A 1 26  ? 4.504   -16.066 6.041   1.00 23.63 ? 26   ALA A CA  1 
ATOM   222  C C   . ALA A 1 26  ? 4.050   -17.078 5.003   1.00 21.66 ? 26   ALA A C   1 
ATOM   223  O O   . ALA A 1 26  ? 4.741   -17.296 4.008   1.00 32.24 ? 26   ALA A O   1 
ATOM   224  C CB  . ALA A 1 26  ? 5.427   -16.728 7.065   1.00 27.78 ? 26   ALA A CB  1 
ATOM   225  N N   . ARG A 1 27  ? 2.897   -17.695 5.211   1.00 20.83 ? 27   ARG A N   1 
ATOM   226  C CA  . ARG A 1 27  ? 2.513   -18.749 4.285   1.00 25.02 ? 27   ARG A CA  1 
ATOM   227  C C   . ARG A 1 27  ? 1.456   -18.299 3.277   1.00 30.43 ? 27   ARG A C   1 
ATOM   228  O O   . ARG A 1 27  ? 0.737   -19.111 2.696   1.00 28.79 ? 27   ARG A O   1 
ATOM   229  C CB  . ARG A 1 27  ? 2.143   -20.026 5.049   1.00 38.42 ? 27   ARG A CB  1 
ATOM   230  C CG  . ARG A 1 27  ? 3.334   -20.543 5.865   1.00 45.23 ? 27   ARG A CG  1 
ATOM   231  C CD  . ARG A 1 27  ? 3.036   -21.804 6.652   1.00 44.55 ? 27   ARG A CD  1 
ATOM   232  N NE  . ARG A 1 27  ? 4.159   -22.160 7.518   0.49 41.59 ? 27   ARG A NE  1 
ATOM   233  C CZ  . ARG A 1 27  ? 5.225   -22.848 7.118   0.44 45.91 ? 27   ARG A CZ  1 
ATOM   234  N NH1 . ARG A 1 27  ? 5.321   -23.259 5.861   0.53 43.16 ? 27   ARG A NH1 1 
ATOM   235  N NH2 . ARG A 1 27  ? 6.200   -23.123 7.977   0.60 40.64 ? 27   ARG A NH2 1 
ATOM   236  N N   . THR A 1 28  ? 1.398   -16.987 3.063   1.00 22.73 ? 28   THR A N   1 
ATOM   237  C CA  . THR A 1 28  ? 0.552   -16.396 2.030   1.00 19.84 ? 28   THR A CA  1 
ATOM   238  C C   . THR A 1 28  ? 0.990   -16.891 0.654   1.00 18.61 ? 28   THR A C   1 
ATOM   239  O O   . THR A 1 28  ? 2.175   -16.840 0.319   1.00 22.29 ? 28   THR A O   1 
ATOM   240  C CB  . THR A 1 28  ? 0.645   -14.853 2.062   1.00 17.85 ? 28   THR A CB  1 
ATOM   241  O OG1 . THR A 1 28  ? 0.194   -14.377 3.333   1.00 22.41 ? 28   THR A OG1 1 
ATOM   242  C CG2 . THR A 1 28  ? -0.215  -14.233 0.971   1.00 16.57 ? 28   THR A CG2 1 
ATOM   243  N N   . SER A 1 29  ? 0.032   -17.365 -0.145  1.00 16.31 ? 29   SER A N   1 
ATOM   244  C CA  . SER A 1 29  ? 0.307   -17.862 -1.487  1.00 16.33 ? 29   SER A CA  1 
ATOM   245  C C   . SER A 1 29  ? 0.573   -16.736 -2.482  1.00 18.42 ? 29   SER A C   1 
ATOM   246  O O   . SER A 1 29  ? 0.340   -15.559 -2.182  1.00 15.95 ? 29   SER A O   1 
ATOM   247  C CB  . SER A 1 29  ? -0.867  -18.712 -1.989  1.00 16.73 ? 29   SER A CB  1 
ATOM   248  O OG  . SER A 1 29  ? -1.902  -17.886 -2.510  1.00 16.15 ? 29   SER A OG  1 
ATOM   249  N N   . SER A 1 30  ? 1.042   -17.099 -3.673  1.00 18.31 ? 30   SER A N   1 
ATOM   250  C CA  . SER A 1 30  ? 1.316   -16.117 -4.721  1.00 17.51 ? 30   SER A CA  1 
ATOM   251  C C   . SER A 1 30  ? 0.046   -15.538 -5.359  1.00 19.91 ? 30   SER A C   1 
ATOM   252  O O   . SER A 1 30  ? 0.111   -14.532 -6.063  1.00 20.99 ? 30   SER A O   1 
ATOM   253  C CB  . SER A 1 30  ? 2.200   -16.741 -5.808  1.00 21.08 ? 30   SER A CB  1 
ATOM   254  O OG  . SER A 1 30  ? 1.447   -17.610 -6.634  1.00 28.05 ? 30   SER A OG  1 
ATOM   255  N N   A SER A 1 31  ? -1.105  -16.164 -5.114  0.58 17.59 ? 31   SER A N   1 
ATOM   256  N N   B SER A 1 31  ? -1.090  -16.173 -5.085  0.42 17.61 ? 31   SER A N   1 
ATOM   257  C CA  A SER A 1 31  ? -2.364  -15.782 -5.764  0.58 15.10 ? 31   SER A CA  1 
ATOM   258  C CA  B SER A 1 31  ? -2.368  -15.806 -5.681  0.42 15.16 ? 31   SER A CA  1 
ATOM   259  C C   A SER A 1 31  ? -3.032  -14.563 -5.125  0.58 13.55 ? 31   SER A C   1 
ATOM   260  C C   B SER A 1 31  ? -2.989  -14.603 -4.974  0.42 13.71 ? 31   SER A C   1 
ATOM   261  O O   A SER A 1 31  ? -4.200  -14.620 -4.758  0.58 12.50 ? 31   SER A O   1 
ATOM   262  O O   B SER A 1 31  ? -4.079  -14.701 -4.409  0.42 12.15 ? 31   SER A O   1 
ATOM   263  C CB  A SER A 1 31  ? -3.357  -16.947 -5.740  0.58 18.30 ? 31   SER A CB  1 
ATOM   264  C CB  B SER A 1 31  ? -3.331  -16.992 -5.597  0.42 18.10 ? 31   SER A CB  1 
ATOM   265  O OG  A SER A 1 31  ? -2.837  -18.087 -6.401  0.58 17.81 ? 31   SER A OG  1 
ATOM   266  O OG  B SER A 1 31  ? -4.137  -17.085 -6.756  0.42 22.62 ? 31   SER A OG  1 
ATOM   267  N N   . HIS A 1 32  ? -2.291  -13.471 -4.997  1.00 10.39 ? 32   HIS A N   1 
ATOM   268  C CA  . HIS A 1 32  ? -2.794  -12.273 -4.318  1.00 9.19  ? 32   HIS A CA  1 
ATOM   269  C C   . HIS A 1 32  ? -2.352  -11.004 -5.003  1.00 9.77  ? 32   HIS A C   1 
ATOM   270  O O   . HIS A 1 32  ? -1.347  -10.994 -5.719  1.00 11.57 ? 32   HIS A O   1 
ATOM   271  C CB  . HIS A 1 32  ? -2.318  -12.214 -2.859  1.00 10.97 ? 32   HIS A CB  1 
ATOM   272  C CG  . HIS A 1 32  ? -2.925  -13.272 -1.998  1.00 11.69 ? 32   HIS A CG  1 
ATOM   273  N ND1 . HIS A 1 32  ? -2.352  -14.514 -1.839  1.00 12.68 ? 32   HIS A ND1 1 
ATOM   274  C CD2 . HIS A 1 32  ? -4.080  -13.291 -1.290  1.00 11.08 ? 32   HIS A CD2 1 
ATOM   275  C CE1 . HIS A 1 32  ? -3.125  -15.254 -1.063  1.00 11.73 ? 32   HIS A CE1 1 
ATOM   276  N NE2 . HIS A 1 32  ? -4.175  -14.533 -0.711  1.00 10.95 ? 32   HIS A NE2 1 
ATOM   277  N N   . ASP A 1 33  ? -3.113  -9.937  -4.775  1.00 8.55  ? 33   ASP A N   1 
ATOM   278  C CA  . ASP A 1 33  ? -2.638  -8.580  -5.023  1.00 9.07  ? 33   ASP A CA  1 
ATOM   279  C C   . ASP A 1 33  ? -2.431  -7.950  -3.652  1.00 9.11  ? 33   ASP A C   1 
ATOM   280  O O   . ASP A 1 33  ? -3.219  -8.176  -2.736  1.00 9.04  ? 33   ASP A O   1 
ATOM   281  C CB  . ASP A 1 33  ? -3.684  -7.744  -5.764  1.00 9.29  ? 33   ASP A CB  1 
ATOM   282  C CG  . ASP A 1 33  ? -3.900  -8.186  -7.191  1.00 10.67 ? 33   ASP A CG  1 
ATOM   283  O OD1 . ASP A 1 33  ? -2.979  -8.757  -7.796  1.00 13.77 ? 33   ASP A OD1 1 
ATOM   284  O OD2 . ASP A 1 33  ? -5.009  -7.929  -7.696  1.00 12.77 ? 33   ASP A OD2 1 
ATOM   285  N N   A MET A 1 34  ? -1.363  -7.170  -3.505  0.47 7.51  ? 34   MET A N   1 
ATOM   286  N N   B MET A 1 34  ? -1.367  -7.174  -3.527  0.53 7.50  ? 34   MET A N   1 
ATOM   287  C CA  A MET A 1 34  ? -1.097  -6.404  -2.280  0.47 6.33  ? 34   MET A CA  1 
ATOM   288  C CA  B MET A 1 34  ? -1.118  -6.379  -2.338  0.53 6.35  ? 34   MET A CA  1 
ATOM   289  C C   A MET A 1 34  ? -1.200  -4.907  -2.564  0.47 7.93  ? 34   MET A C   1 
ATOM   290  C C   B MET A 1 34  ? -1.419  -4.934  -2.687  0.53 7.95  ? 34   MET A C   1 
ATOM   291  O O   A MET A 1 34  ? -0.602  -4.404  -3.517  0.47 6.67  ? 34   MET A O   1 
ATOM   292  O O   B MET A 1 34  ? -1.193  -4.487  -3.812  0.53 7.10  ? 34   MET A O   1 
ATOM   293  C CB  A MET A 1 34  ? 0.296   -6.719  -1.719  0.47 7.54  ? 34   MET A CB  1 
ATOM   294  C CB  B MET A 1 34  ? 0.338   -6.526  -1.898  0.53 7.53  ? 34   MET A CB  1 
ATOM   295  C CG  A MET A 1 34  ? 0.343   -7.901  -0.767  0.47 9.30  ? 34   MET A CG  1 
ATOM   296  C CG  B MET A 1 34  ? 0.706   -7.953  -1.541  0.53 8.65  ? 34   MET A CG  1 
ATOM   297  S SD  A MET A 1 34  ? -0.263  -9.414  -1.509  0.47 8.59  ? 34   MET A SD  1 
ATOM   298  S SD  B MET A 1 34  ? -0.091  -8.456  -0.012  0.53 12.82 ? 34   MET A SD  1 
ATOM   299  C CE  A MET A 1 34  ? 0.196   -10.626 -0.271  0.47 12.36 ? 34   MET A CE  1 
ATOM   300  C CE  B MET A 1 34  ? 0.254   -10.215 0.003   0.53 13.64 ? 34   MET A CE  1 
ATOM   301  N N   . GLY A 1 35  ? -1.945  -4.190  -1.728  1.00 9.91  ? 35   GLY A N   1 
ATOM   302  C CA  . GLY A 1 35  ? -2.247  -2.798  -1.986  1.00 12.96 ? 35   GLY A CA  1 
ATOM   303  C C   . GLY A 1 35  ? -2.059  -1.893  -0.794  1.00 9.71  ? 35   GLY A C   1 
ATOM   304  O O   . GLY A 1 35  ? -1.912  -2.362  0.333   1.00 9.78  ? 35   GLY A O   1 
ATOM   305  N N   . TRP A 1 36  ? -2.039  -0.595  -1.077  1.00 7.09  ? 36   TRP A N   1 
ATOM   306  C CA  . TRP A 1 36  ? -2.096  0.434   -0.050  1.00 6.86  ? 36   TRP A CA  1 
ATOM   307  C C   . TRP A 1 36  ? -3.325  1.276   -0.301  1.00 8.21  ? 36   TRP A C   1 
ATOM   308  O O   . TRP A 1 36  ? -3.619  1.650   -1.453  1.00 8.33  ? 36   TRP A O   1 
ATOM   309  C CB  . TRP A 1 36  ? -0.844  1.320   -0.066  1.00 8.51  ? 36   TRP A CB  1 
ATOM   310  C CG  . TRP A 1 36  ? 0.385   0.582   0.369   1.00 7.63  ? 36   TRP A CG  1 
ATOM   311  C CD1 . TRP A 1 36  ? 1.264   -0.098  -0.432  1.00 9.03  ? 36   TRP A CD1 1 
ATOM   312  C CD2 . TRP A 1 36  ? 0.840   0.405   1.710   1.00 9.01  ? 36   TRP A CD2 1 
ATOM   313  N NE1 . TRP A 1 36  ? 2.249   -0.675  0.337   1.00 9.25  ? 36   TRP A NE1 1 
ATOM   314  C CE2 . TRP A 1 36  ? 2.019   -0.371  1.654   1.00 8.92  ? 36   TRP A CE2 1 
ATOM   315  C CE3 . TRP A 1 36  ? 0.387   0.861   2.960   1.00 10.07 ? 36   TRP A CE3 1 
ATOM   316  C CZ2 . TRP A 1 36  ? 2.742   -0.726  2.803   1.00 9.86  ? 36   TRP A CZ2 1 
ATOM   317  C CZ3 . TRP A 1 36  ? 1.103   0.502   4.098   1.00 10.35 ? 36   TRP A CZ3 1 
ATOM   318  C CH2 . TRP A 1 36  ? 2.271   -0.279  4.009   1.00 9.97  ? 36   TRP A CH2 1 
ATOM   319  N N   . PHE A 1 37  ? -4.035  1.573   0.783   1.00 7.93  ? 37   PHE A N   1 
ATOM   320  C CA  . PHE A 1 37  ? -5.189  2.462   0.785   1.00 7.22  ? 37   PHE A CA  1 
ATOM   321  C C   . PHE A 1 37  ? -4.934  3.516   1.849   1.00 8.01  ? 37   PHE A C   1 
ATOM   322  O O   . PHE A 1 37  ? -4.045  3.356   2.685   1.00 9.54  ? 37   PHE A O   1 
ATOM   323  C CB  . PHE A 1 37  ? -6.468  1.679   1.110   1.00 10.03 ? 37   PHE A CB  1 
ATOM   324  C CG  . PHE A 1 37  ? -6.910  0.741   0.006   1.00 9.45  ? 37   PHE A CG  1 
ATOM   325  C CD1 . PHE A 1 37  ? -7.994  1.068   -0.801  1.00 10.63 ? 37   PHE A CD1 1 
ATOM   326  C CD2 . PHE A 1 37  ? -6.250  -0.454  -0.219  1.00 7.82  ? 37   PHE A CD2 1 
ATOM   327  C CE1 . PHE A 1 37  ? -8.394  0.222   -1.820  1.00 12.84 ? 37   PHE A CE1 1 
ATOM   328  C CE2 . PHE A 1 37  ? -6.655  -1.307  -1.244  1.00 10.42 ? 37   PHE A CE2 1 
ATOM   329  C CZ  . PHE A 1 37  ? -7.718  -0.963  -2.041  1.00 12.37 ? 37   PHE A CZ  1 
ATOM   330  N N   . ARG A 1 38  ? -5.697  4.601   1.817   1.00 8.82  ? 38   ARG A N   1 
ATOM   331  C CA  . ARG A 1 38  ? -5.548  5.621   2.851   1.00 8.16  ? 38   ARG A CA  1 
ATOM   332  C C   . ARG A 1 38  ? -6.878  6.260   3.174   1.00 8.77  ? 38   ARG A C   1 
ATOM   333  O O   . ARG A 1 38  ? -7.784  6.280   2.347   1.00 9.98  ? 38   ARG A O   1 
ATOM   334  C CB  . ARG A 1 38  ? -4.538  6.692   2.427   1.00 7.22  ? 38   ARG A CB  1 
ATOM   335  C CG  . ARG A 1 38  ? -5.020  7.614   1.323   1.00 8.18  ? 38   ARG A CG  1 
ATOM   336  C CD  . ARG A 1 38  ? -3.874  8.476   0.831   1.00 11.88 ? 38   ARG A CD  1 
ATOM   337  N NE  . ARG A 1 38  ? -4.283  9.286   -0.311  1.00 13.32 ? 38   ARG A NE  1 
ATOM   338  C CZ  . ARG A 1 38  ? -3.467  10.126  -0.940  1.00 14.47 ? 38   ARG A CZ  1 
ATOM   339  N NH1 . ARG A 1 38  ? -2.214  10.239  -0.542  1.00 10.45 ? 38   ARG A NH1 1 
ATOM   340  N NH2 . ARG A 1 38  ? -3.907  10.855  -1.956  1.00 19.18 ? 38   ARG A NH2 1 
ATOM   341  N N   . GLN A 1 39  ? -6.985  6.766   4.399   1.00 8.85  ? 39   GLN A N   1 
ATOM   342  C CA  . GLN A 1 39  ? -8.185  7.459   4.826   1.00 9.71  ? 39   GLN A CA  1 
ATOM   343  C C   . GLN A 1 39  ? -7.804  8.641   5.717   1.00 10.38 ? 39   GLN A C   1 
ATOM   344  O O   . GLN A 1 39  ? -7.154  8.466   6.742   1.00 11.01 ? 39   GLN A O   1 
ATOM   345  C CB  . GLN A 1 39  ? -9.110  6.507   5.574   1.00 12.27 ? 39   GLN A CB  1 
ATOM   346  C CG  . GLN A 1 39  ? -10.450 7.154   5.899   1.00 10.72 ? 39   GLN A CG  1 
ATOM   347  C CD  . GLN A 1 39  ? -11.462 6.161   6.440   1.00 18.49 ? 39   GLN A CD  1 
ATOM   348  O OE1 . GLN A 1 39  ? -11.105 5.214   7.139   1.00 20.79 ? 39   GLN A OE1 1 
ATOM   349  N NE2 . GLN A 1 39  ? -12.731 6.377   6.116   1.00 20.22 ? 39   GLN A NE2 1 
ATOM   350  N N   . ALA A 1 40  ? -8.195  9.842   5.305   1.00 13.03 ? 40   ALA A N   1 
ATOM   351  C CA  . ALA A 1 40  ? -8.066  11.004  6.184   1.00 18.35 ? 40   ALA A CA  1 
ATOM   352  C C   . ALA A 1 40  ? -9.379  11.160  6.953   1.00 17.39 ? 40   ALA A C   1 
ATOM   353  O O   . ALA A 1 40  ? -10.432 10.822  6.426   1.00 13.76 ? 40   ALA A O   1 
ATOM   354  C CB  . ALA A 1 40  ? -7.776  12.238  5.372   1.00 21.13 ? 40   ALA A CB  1 
ATOM   355  N N   . PRO A 1 41  ? -9.326  11.648  8.212   1.00 23.96 ? 41   PRO A N   1 
ATOM   356  C CA  . PRO A 1 41  ? -10.565 11.883  8.971   1.00 23.45 ? 41   PRO A CA  1 
ATOM   357  C C   . PRO A 1 41  ? -11.559 12.767  8.225   1.00 13.72 ? 41   PRO A C   1 
ATOM   358  O O   . PRO A 1 41  ? -11.185 13.799  7.670   1.00 16.17 ? 41   PRO A O   1 
ATOM   359  C CB  . PRO A 1 41  ? -10.069 12.581  10.241  1.00 20.05 ? 41   PRO A CB  1 
ATOM   360  C CG  . PRO A 1 41  ? -8.709  12.010  10.442  1.00 30.96 ? 41   PRO A CG  1 
ATOM   361  C CD  . PRO A 1 41  ? -8.130  11.816  9.056   1.00 23.37 ? 41   PRO A CD  1 
ATOM   362  N N   . GLY A 1 42  ? -12.813 12.330  8.197   1.00 14.70 ? 42   GLY A N   1 
ATOM   363  C CA  . GLY A 1 42  ? -13.850 13.044  7.479   1.00 16.24 ? 42   GLY A CA  1 
ATOM   364  C C   . GLY A 1 42  ? -14.046 12.551  6.052   1.00 17.36 ? 42   GLY A C   1 
ATOM   365  O O   . GLY A 1 42  ? -15.073 12.827  5.439   1.00 18.92 ? 42   GLY A O   1 
ATOM   366  N N   A LYS A 1 43  ? -13.068 11.823  5.521   0.51 14.42 ? 43   LYS A N   1 
ATOM   367  N N   B LYS A 1 43  ? -13.067 11.811  5.537   0.49 14.40 ? 43   LYS A N   1 
ATOM   368  C CA  A LYS A 1 43  ? -13.129 11.383  4.130   0.51 16.30 ? 43   LYS A CA  1 
ATOM   369  C CA  B LYS A 1 43  ? -13.086 11.362  4.148   0.49 16.34 ? 43   LYS A CA  1 
ATOM   370  C C   A LYS A 1 43  ? -13.236 9.871   4.015   0.51 15.16 ? 43   LYS A C   1 
ATOM   371  C C   B LYS A 1 43  ? -13.308 9.861   4.044   0.49 15.19 ? 43   LYS A C   1 
ATOM   372  O O   A LYS A 1 43  ? -12.936 9.142   4.963   0.51 12.85 ? 43   LYS A O   1 
ATOM   373  O O   B LYS A 1 43  ? -13.145 9.130   5.021   0.49 12.51 ? 43   LYS A O   1 
ATOM   374  C CB  A LYS A 1 43  ? -11.907 11.886  3.354   0.51 17.43 ? 43   LYS A CB  1 
ATOM   375  C CB  B LYS A 1 43  ? -11.764 11.715  3.462   0.49 17.18 ? 43   LYS A CB  1 
ATOM   376  C CG  A LYS A 1 43  ? -11.823 13.399  3.247   0.51 20.25 ? 43   LYS A CG  1 
ATOM   377  C CG  B LYS A 1 43  ? -11.384 13.183  3.530   0.49 19.68 ? 43   LYS A CG  1 
ATOM   378  C CD  A LYS A 1 43  ? -10.497 13.848  2.644   0.51 19.55 ? 43   LYS A CD  1 
ATOM   379  C CD  B LYS A 1 43  ? -12.417 14.049  2.838   0.49 21.35 ? 43   LYS A CD  1 
ATOM   380  C CE  A LYS A 1 43  ? -10.330 13.350  1.215   0.51 33.26 ? 43   LYS A CE  1 
ATOM   381  C CE  B LYS A 1 43  ? -11.822 15.382  2.408   0.49 28.54 ? 43   LYS A CE  1 
ATOM   382  N NZ  A LYS A 1 43  ? -9.023  13.762  0.622   0.51 27.46 ? 43   LYS A NZ  1 
ATOM   383  N NZ  B LYS A 1 43  ? -11.135 16.082  3.524   0.49 33.88 ? 43   LYS A NZ  1 
ATOM   384  N N   . GLU A 1 44  ? -13.675 9.409   2.846   1.00 16.40 ? 44   GLU A N   1 
ATOM   385  C CA  . GLU A 1 44  ? -13.775 7.987   2.574   1.00 14.83 ? 44   GLU A CA  1 
ATOM   386  C C   . GLU A 1 44  ? -12.394 7.415   2.299   1.00 16.87 ? 44   GLU A C   1 
ATOM   387  O O   . GLU A 1 44  ? -11.495 8.111   1.823   1.00 14.12 ? 44   GLU A O   1 
ATOM   388  C CB  . GLU A 1 44  ? -14.685 7.723   1.367   1.00 20.12 ? 44   GLU A CB  1 
ATOM   389  C CG  . GLU A 1 44  ? -16.145 8.099   1.606   1.00 29.53 ? 44   GLU A CG  1 
ATOM   390  C CD  . GLU A 1 44  ? -16.700 7.502   2.894   1.00 45.88 ? 44   GLU A CD  1 
ATOM   391  O OE1 . GLU A 1 44  ? -16.872 8.259   3.878   1.00 55.32 ? 44   GLU A OE1 1 
ATOM   392  O OE2 . GLU A 1 44  ? -16.957 6.278   2.926   1.00 48.08 ? 44   GLU A OE2 1 
ATOM   393  N N   A ARG A 1 45  ? -12.235 6.131   2.568   0.50 15.53 ? 45   ARG A N   1 
ATOM   394  N N   B ARG A 1 45  ? -12.233 6.144   2.657   0.50 15.44 ? 45   ARG A N   1 
ATOM   395  C CA  A ARG A 1 45  ? -11.009 5.444   2.198   0.50 14.41 ? 45   ARG A CA  1 
ATOM   396  C CA  B ARG A 1 45  ? -11.005 5.403   2.386   0.50 14.44 ? 45   ARG A CA  1 
ATOM   397  C C   A ARG A 1 45  ? -10.797 5.539   0.683   0.50 14.39 ? 45   ARG A C   1 
ATOM   398  C C   B ARG A 1 45  ? -10.849 5.191   0.888   0.50 14.01 ? 45   ARG A C   1 
ATOM   399  O O   A ARG A 1 45  ? -11.753 5.526   -0.095  0.50 11.97 ? 45   ARG A O   1 
ATOM   400  O O   B ARG A 1 45  ? -11.796 4.802   0.201   0.50 16.40 ? 45   ARG A O   1 
ATOM   401  C CB  A ARG A 1 45  ? -11.104 3.994   2.638   0.50 15.22 ? 45   ARG A CB  1 
ATOM   402  C CB  B ARG A 1 45  ? -11.027 4.057   3.104   0.50 15.00 ? 45   ARG A CB  1 
ATOM   403  C CG  A ARG A 1 45  ? -9.791  3.243   2.673   0.50 11.81 ? 45   ARG A CG  1 
ATOM   404  C CG  B ARG A 1 45  ? -10.146 2.995   2.453   0.50 17.13 ? 45   ARG A CG  1 
ATOM   405  C CD  A ARG A 1 45  ? -10.076 1.810   3.073   0.50 18.88 ? 45   ARG A CD  1 
ATOM   406  C CD  B ARG A 1 45  ? -10.439 1.612   3.020   0.50 19.54 ? 45   ARG A CD  1 
ATOM   407  N NE  A ARG A 1 45  ? -11.046 1.180   2.175   0.50 16.36 ? 45   ARG A NE  1 
ATOM   408  N NE  B ARG A 1 45  ? -9.776  1.410   4.301   0.50 17.43 ? 45   ARG A NE  1 
ATOM   409  C CZ  A ARG A 1 45  ? -11.791 0.129   2.501   0.50 14.12 ? 45   ARG A CZ  1 
ATOM   410  C CZ  B ARG A 1 45  ? -9.957  0.357   5.092   0.50 19.44 ? 45   ARG A CZ  1 
ATOM   411  N NH1 A ARG A 1 45  ? -11.692 -0.408  3.709   0.50 19.15 ? 45   ARG A NH1 1 
ATOM   412  N NH1 B ARG A 1 45  ? -10.797 -0.614  4.747   0.50 19.19 ? 45   ARG A NH1 1 
ATOM   413  N NH2 A ARG A 1 45  ? -12.634 -0.386  1.620   0.50 15.04 ? 45   ARG A NH2 1 
ATOM   414  N NH2 B ARG A 1 45  ? -9.297  0.282   6.236   0.50 12.24 ? 45   ARG A NH2 1 
ATOM   415  N N   A GLU A 1 46  ? -9.543  5.654   0.264   0.50 11.85 ? 46   GLU A N   1 
ATOM   416  N N   B GLU A 1 46  ? -9.645  5.443   0.388   0.50 11.66 ? 46   GLU A N   1 
ATOM   417  C CA  A GLU A 1 46  ? -9.240  5.702   -1.156  0.50 12.02 ? 46   GLU A CA  1 
ATOM   418  C CA  B GLU A 1 46  ? -9.396  5.434   -1.041  0.50 13.01 ? 46   GLU A CA  1 
ATOM   419  C C   A GLU A 1 46  ? -8.045  4.829   -1.501  0.50 10.56 ? 46   GLU A C   1 
ATOM   420  C C   B GLU A 1 46  ? -8.168  4.614   -1.403  0.50 10.03 ? 46   GLU A C   1 
ATOM   421  O O   A GLU A 1 46  ? -7.074  4.737   -0.739  0.50 8.58  ? 46   GLU A O   1 
ATOM   422  O O   B GLU A 1 46  ? -7.276  4.390   -0.577  0.50 9.58  ? 46   GLU A O   1 
ATOM   423  C CB  A GLU A 1 46  ? -8.985  7.134   -1.622  0.50 17.34 ? 46   GLU A CB  1 
ATOM   424  C CB  B GLU A 1 46  ? -9.232  6.864   -1.556  0.50 15.56 ? 46   GLU A CB  1 
ATOM   425  C CG  A GLU A 1 46  ? -7.571  7.615   -1.375  0.50 19.80 ? 46   GLU A CG  1 
ATOM   426  C CG  B GLU A 1 46  ? -8.130  7.646   -0.854  0.50 14.97 ? 46   GLU A CG  1 
ATOM   427  C CD  A GLU A 1 46  ? -7.020  8.417   -2.537  0.50 27.60 ? 46   GLU A CD  1 
ATOM   428  C CD  B GLU A 1 46  ? -8.010  9.078   -1.351  0.50 23.16 ? 46   GLU A CD  1 
ATOM   429  O OE1 A GLU A 1 46  ? -7.768  9.245   -3.103  0.50 23.56 ? 46   GLU A OE1 1 
ATOM   430  O OE1 B GLU A 1 46  ? -6.882  9.615   -1.346  0.50 13.61 ? 46   GLU A OE1 1 
ATOM   431  O OE2 A GLU A 1 46  ? -5.836  8.210   -2.883  0.50 18.27 ? 46   GLU A OE2 1 
ATOM   432  O OE2 B GLU A 1 46  ? -9.041  9.661   -1.750  0.50 26.77 ? 46   GLU A OE2 1 
ATOM   433  N N   . PHE A 1 47  ? -8.133  4.182   -2.655  1.00 12.45 ? 47   PHE A N   1 
ATOM   434  C CA  . PHE A 1 47  ? -7.023  3.421   -3.194  1.00 9.92  ? 47   PHE A CA  1 
ATOM   435  C C   . PHE A 1 47  ? -5.792  4.307   -3.397  1.00 9.70  ? 47   PHE A C   1 
ATOM   436  O O   . PHE A 1 47  ? -5.898  5.450   -3.838  1.00 12.31 ? 47   PHE A O   1 
ATOM   437  C CB  . PHE A 1 47  ? -7.461  2.821   -4.530  1.00 12.20 ? 47   PHE A CB  1 
ATOM   438  C CG  . PHE A 1 47  ? -6.360  2.131   -5.270  1.00 11.01 ? 47   PHE A CG  1 
ATOM   439  C CD1 . PHE A 1 47  ? -5.898  0.899   -4.839  1.00 10.75 ? 47   PHE A CD1 1 
ATOM   440  C CD2 . PHE A 1 47  ? -5.803  2.705   -6.404  1.00 10.31 ? 47   PHE A CD2 1 
ATOM   441  C CE1 . PHE A 1 47  ? -4.874  0.246   -5.518  1.00 12.05 ? 47   PHE A CE1 1 
ATOM   442  C CE2 . PHE A 1 47  ? -4.774  2.053   -7.089  1.00 11.02 ? 47   PHE A CE2 1 
ATOM   443  C CZ  . PHE A 1 47  ? -4.319  0.824   -6.636  1.00 9.67  ? 47   PHE A CZ  1 
ATOM   444  N N   . VAL A 1 48  ? -4.618  3.763   -3.090  1.00 8.75  ? 48   VAL A N   1 
ATOM   445  C CA  . VAL A 1 48  ? -3.366  4.456   -3.370  1.00 9.01  ? 48   VAL A CA  1 
ATOM   446  C C   . VAL A 1 48  ? -2.506  3.727   -4.412  1.00 9.03  ? 48   VAL A C   1 
ATOM   447  O O   . VAL A 1 48  ? -2.087  4.335   -5.403  1.00 8.88  ? 48   VAL A O   1 
ATOM   448  C CB  . VAL A 1 48  ? -2.551  4.680   -2.078  1.00 8.74  ? 48   VAL A CB  1 
ATOM   449  C CG1 . VAL A 1 48  ? -1.222  5.356   -2.392  1.00 9.37  ? 48   VAL A CG1 1 
ATOM   450  C CG2 . VAL A 1 48  ? -3.366  5.526   -1.086  1.00 9.14  ? 48   VAL A CG2 1 
ATOM   451  N N   . ALA A 1 49  ? -2.211  2.450   -4.180  1.00 9.10  ? 49   ALA A N   1 
ATOM   452  C CA  . ALA A 1 49  ? -1.343  1.700   -5.081  1.00 7.50  ? 49   ALA A CA  1 
ATOM   453  C C   . ALA A 1 49  ? -1.500  0.213   -4.875  1.00 9.19  ? 49   ALA A C   1 
ATOM   454  O O   . ALA A 1 49  ? -1.920  -0.225  -3.809  1.00 10.01 ? 49   ALA A O   1 
ATOM   455  C CB  . ALA A 1 49  ? 0.113   2.107   -4.891  1.00 10.22 ? 49   ALA A CB  1 
ATOM   456  N N   . ALA A 1 50  ? -1.184  -0.569  -5.902  1.00 8.42  ? 50   ALA A N   1 
ATOM   457  C CA  . ALA A 1 50  ? -1.240  -2.017  -5.777  1.00 9.74  ? 50   ALA A CA  1 
ATOM   458  C C   . ALA A 1 50  ? -0.172  -2.679  -6.623  1.00 8.36  ? 50   ALA A C   1 
ATOM   459  O O   . ALA A 1 50  ? 0.314   -2.102  -7.600  1.00 9.02  ? 50   ALA A O   1 
ATOM   460  C CB  . ALA A 1 50  ? -2.617  -2.555  -6.159  1.00 10.40 ? 50   ALA A CB  1 
ATOM   461  N N   . ILE A 1 51  ? 0.169   -3.895  -6.239  1.00 8.18  ? 51   ILE A N   1 
ATOM   462  C CA  . ILE A 1 51  ? 1.158   -4.703  -6.937  1.00 10.74 ? 51   ILE A CA  1 
ATOM   463  C C   . ILE A 1 51  ? 0.695   -6.151  -6.932  1.00 9.99  ? 51   ILE A C   1 
ATOM   464  O O   . ILE A 1 51  ? 0.243   -6.663  -5.906  1.00 10.41 ? 51   ILE A O   1 
ATOM   465  C CB  . ILE A 1 51  ? 2.572   -4.556  -6.291  1.00 9.95  ? 51   ILE A CB  1 
ATOM   466  C CG1 . ILE A 1 51  ? 3.644   -5.239  -7.155  1.00 9.65  ? 51   ILE A CG1 1 
ATOM   467  C CG2 . ILE A 1 51  ? 2.584   -5.082  -4.843  1.00 10.28 ? 51   ILE A CG2 1 
ATOM   468  C CD1 . ILE A 1 51  ? 5.046   -4.787  -6.812  1.00 12.28 ? 51   ILE A CD1 1 
ATOM   469  N N   . SER A 1 52  ? 0.807   -6.817  -8.076  1.00 8.97  ? 52   SER A N   1 
ATOM   470  C CA  . SER A 1 52  ? 0.536   -8.245  -8.119  1.00 9.42  ? 52   SER A CA  1 
ATOM   471  C C   . SER A 1 52  ? 1.635   -8.979  -7.356  1.00 9.71  ? 52   SER A C   1 
ATOM   472  O O   . SER A 1 52  ? 2.824   -8.772  -7.616  1.00 11.70 ? 52   SER A O   1 
ATOM   473  C CB  . SER A 1 52  ? 0.496   -8.715  -9.564  1.00 12.20 ? 52   SER A CB  1 
ATOM   474  O OG  . SER A 1 52  ? 0.549   -10.125 -9.629  1.00 14.63 ? 52   SER A OG  1 
ATOM   475  N N   . TRP A 1 53  A 1.241   -9.827  -6.413  1.00 9.78  ? 52   TRP A N   1 
ATOM   476  C CA  . TRP A 1 53  A 2.187   -10.536 -5.561  1.00 11.73 ? 52   TRP A CA  1 
ATOM   477  C C   . TRP A 1 53  A 2.944   -11.576 -6.368  1.00 14.64 ? 52   TRP A C   1 
ATOM   478  O O   . TRP A 1 53  A 4.065   -11.931 -6.017  1.00 16.85 ? 52   TRP A O   1 
ATOM   479  C CB  . TRP A 1 53  A 1.428   -11.189 -4.408  1.00 10.59 ? 52   TRP A CB  1 
ATOM   480  C CG  . TRP A 1 53  A 2.221   -11.699 -3.221  1.00 11.02 ? 52   TRP A CG  1 
ATOM   481  C CD1 . TRP A 1 53  A 2.174   -12.958 -2.711  1.00 12.57 ? 52   TRP A CD1 1 
ATOM   482  C CD2 . TRP A 1 53  A 3.091   -10.947 -2.349  1.00 11.83 ? 52   TRP A CD2 1 
ATOM   483  N NE1 . TRP A 1 53  A 2.979   -13.056 -1.601  1.00 14.42 ? 52   TRP A NE1 1 
ATOM   484  C CE2 . TRP A 1 53  A 3.550   -11.835 -1.356  1.00 14.15 ? 52   TRP A CE2 1 
ATOM   485  C CE3 . TRP A 1 53  A 3.532   -9.617  -2.322  1.00 12.49 ? 52   TRP A CE3 1 
ATOM   486  C CZ2 . TRP A 1 53  A 4.441   -11.445 -0.351  1.00 15.64 ? 52   TRP A CZ2 1 
ATOM   487  C CZ3 . TRP A 1 53  A 4.412   -9.224  -1.305  1.00 11.57 ? 52   TRP A CZ3 1 
ATOM   488  C CH2 . TRP A 1 53  A 4.856   -10.141 -0.341  1.00 13.12 ? 52   TRP A CH2 1 
ATOM   489  N N   . SER A 1 54  ? 2.341   -12.047 -7.460  1.00 13.45 ? 53   SER A N   1 
ATOM   490  C CA  . SER A 1 54  ? 2.994   -13.049 -8.310  1.00 13.96 ? 53   SER A CA  1 
ATOM   491  C C   . SER A 1 54  ? 3.828   -12.431 -9.444  1.00 18.50 ? 53   SER A C   1 
ATOM   492  O O   . SER A 1 54  ? 4.979   -12.806 -9.651  1.00 27.51 ? 53   SER A O   1 
ATOM   493  C CB  . SER A 1 54  ? 1.954   -14.025 -8.868  1.00 14.74 ? 53   SER A CB  1 
ATOM   494  O OG  . SER A 1 54  ? 0.959   -13.349 -9.628  1.00 20.08 ? 53   SER A OG  1 
ATOM   495  N N   . GLY A 1 55  ? 3.256   -11.470 -10.158 1.00 15.55 ? 54   GLY A N   1 
ATOM   496  C CA  . GLY A 1 55  ? 3.869   -10.962 -11.378 1.00 15.81 ? 54   GLY A CA  1 
ATOM   497  C C   . GLY A 1 55  ? 4.492   -9.577  -11.315 1.00 15.81 ? 54   GLY A C   1 
ATOM   498  O O   . GLY A 1 55  ? 5.222   -9.165  -12.225 1.00 16.41 ? 54   GLY A O   1 
ATOM   499  N N   . GLY A 1 56  ? 4.208   -8.840  -10.250 1.00 13.03 ? 55   GLY A N   1 
ATOM   500  C CA  . GLY A 1 56  ? 4.843   -7.551  -10.048 1.00 14.50 ? 55   GLY A CA  1 
ATOM   501  C C   . GLY A 1 56  ? 4.277   -6.357  -10.800 1.00 11.23 ? 55   GLY A C   1 
ATOM   502  O O   . GLY A 1 56  ? 4.821   -5.261  -10.696 1.00 14.35 ? 55   GLY A O   1 
ATOM   503  N N   . THR A 1 57  ? 3.197   -6.551  -11.552 1.00 11.56 ? 56   THR A N   1 
ATOM   504  C CA  . THR A 1 57  ? 2.553   -5.428  -12.226 1.00 10.87 ? 56   THR A CA  1 
ATOM   505  C C   . THR A 1 57  ? 1.995   -4.461  -11.191 1.00 12.71 ? 56   THR A C   1 
ATOM   506  O O   . THR A 1 57  ? 1.426   -4.893  -10.182 1.00 12.16 ? 56   THR A O   1 
ATOM   507  C CB  . THR A 1 57  ? 1.423   -5.903  -13.153 1.00 12.87 ? 56   THR A CB  1 
ATOM   508  O OG1 . THR A 1 57  ? 1.962   -6.856  -14.087 1.00 15.43 ? 56   THR A OG1 1 
ATOM   509  C CG2 . THR A 1 57  ? 0.820   -4.712  -13.922 1.00 14.95 ? 56   THR A CG2 1 
ATOM   510  N N   . THR A 1 58  ? 2.170   -3.169  -11.437 1.00 12.05 ? 57   THR A N   1 
ATOM   511  C CA  . THR A 1 58  ? 1.704   -2.141  -10.502 1.00 11.54 ? 57   THR A CA  1 
ATOM   512  C C   . THR A 1 58  ? 0.610   -1.239  -11.067 1.00 14.42 ? 57   THR A C   1 
ATOM   513  O O   . THR A 1 58  ? 0.442   -1.120  -12.286 1.00 16.24 ? 57   THR A O   1 
ATOM   514  C CB  . THR A 1 58  ? 2.860   -1.260  -10.015 1.00 10.81 ? 57   THR A CB  1 
ATOM   515  O OG1 . THR A 1 58  ? 3.448   -0.591  -11.137 1.00 13.88 ? 57   THR A OG1 1 
ATOM   516  C CG2 . THR A 1 58  ? 3.926   -2.089  -9.299  1.00 12.26 ? 57   THR A CG2 1 
ATOM   517  N N   A ASN A 1 59  ? -0.120  -0.596  -10.165 0.68 12.13 ? 58   ASN A N   1 
ATOM   518  N N   B ASN A 1 59  ? -0.143  -0.621  -10.159 0.32 12.23 ? 58   ASN A N   1 
ATOM   519  C CA  A ASN A 1 59  ? -1.132  0.382   -10.521 0.68 14.86 ? 58   ASN A CA  1 
ATOM   520  C CA  B ASN A 1 59  ? -1.157  0.375   -10.489 0.32 14.96 ? 58   ASN A CA  1 
ATOM   521  C C   A ASN A 1 59  ? -1.180  1.450   -9.431  0.68 15.42 ? 58   ASN A C   1 
ATOM   522  C C   B ASN A 1 59  ? -1.167  1.458   -9.419  0.32 15.36 ? 58   ASN A C   1 
ATOM   523  O O   A ASN A 1 59  ? -0.994  1.144   -8.259  0.68 13.17 ? 58   ASN A O   1 
ATOM   524  O O   B ASN A 1 59  ? -0.951  1.173   -8.244  0.32 13.14 ? 58   ASN A O   1 
ATOM   525  C CB  A ASN A 1 59  ? -2.494  -0.299  -10.653 0.68 16.23 ? 58   ASN A CB  1 
ATOM   526  C CB  B ASN A 1 59  ? -2.542  -0.267  -10.578 0.32 16.31 ? 58   ASN A CB  1 
ATOM   527  C CG  A ASN A 1 59  ? -3.581  0.656   -11.084 0.68 18.88 ? 58   ASN A CG  1 
ATOM   528  C CG  B ASN A 1 59  ? -2.753  -1.029  -11.871 0.32 20.76 ? 58   ASN A CG  1 
ATOM   529  O OD1 A ASN A 1 59  ? -4.554  0.861   -10.368 0.68 22.60 ? 58   ASN A OD1 1 
ATOM   530  O OD1 B ASN A 1 59  ? -2.079  -0.784  -12.874 0.32 31.09 ? 58   ASN A OD1 1 
ATOM   531  N ND2 A ASN A 1 59  ? -3.416  1.251   -12.263 0.68 31.13 ? 58   ASN A ND2 1 
ATOM   532  N ND2 B ASN A 1 59  ? -3.706  -1.952  -11.859 0.32 19.46 ? 58   ASN A ND2 1 
ATOM   533  N N   . TYR A 1 60  ? -1.418  2.697   -9.823  1.00 11.75 ? 59   TYR A N   1 
ATOM   534  C CA  . TYR A 1 60  ? -1.441  3.817   -8.883  1.00 10.14 ? 59   TYR A CA  1 
ATOM   535  C C   . TYR A 1 60  ? -2.649  4.701   -9.082  1.00 12.92 ? 59   TYR A C   1 
ATOM   536  O O   . TYR A 1 60  ? -3.113  4.891   -10.207 1.00 13.76 ? 59   TYR A O   1 
ATOM   537  C CB  . TYR A 1 60  ? -0.215  4.694   -9.088  1.00 11.71 ? 59   TYR A CB  1 
ATOM   538  C CG  . TYR A 1 60  ? 1.091   3.988   -8.845  1.00 12.17 ? 59   TYR A CG  1 
ATOM   539  C CD1 . TYR A 1 60  ? 1.667   3.994   -7.583  1.00 11.47 ? 59   TYR A CD1 1 
ATOM   540  C CD2 . TYR A 1 60  ? 1.751   3.315   -9.870  1.00 11.00 ? 59   TYR A CD2 1 
ATOM   541  C CE1 . TYR A 1 60  ? 2.875   3.357   -7.337  1.00 12.73 ? 59   TYR A CE1 1 
ATOM   542  C CE2 . TYR A 1 60  ? 2.964   2.664   -9.639  1.00 13.14 ? 59   TYR A CE2 1 
ATOM   543  C CZ  . TYR A 1 60  ? 3.519   2.692   -8.356  1.00 12.03 ? 59   TYR A CZ  1 
ATOM   544  O OH  . TYR A 1 60  ? 4.717   2.072   -8.099  1.00 12.61 ? 59   TYR A OH  1 
ATOM   545  N N   . VAL A 1 61  ? -3.126  5.296   -7.996  1.00 10.05 ? 60   VAL A N   1 
ATOM   546  C CA  . VAL A 1 61  ? -4.100  6.371   -8.107  1.00 11.19 ? 60   VAL A CA  1 
ATOM   547  C C   . VAL A 1 61  ? -3.400  7.567   -8.761  1.00 12.12 ? 60   VAL A C   1 
ATOM   548  O O   . VAL A 1 61  ? -2.207  7.801   -8.532  1.00 11.27 ? 60   VAL A O   1 
ATOM   549  C CB  . VAL A 1 61  ? -4.728  6.736   -6.731  1.00 10.57 ? 60   VAL A CB  1 
ATOM   550  C CG1 . VAL A 1 61  ? -3.726  7.462   -5.847  1.00 11.80 ? 60   VAL A CG1 1 
ATOM   551  C CG2 . VAL A 1 61  ? -5.989  7.567   -6.931  1.00 14.44 ? 60   VAL A CG2 1 
ATOM   552  N N   . ASP A 1 62  ? -4.124  8.306   -9.600  1.00 13.77 ? 61   ASP A N   1 
ATOM   553  C CA  . ASP A 1 62  ? -3.490  9.355   -10.394 1.00 15.29 ? 61   ASP A CA  1 
ATOM   554  C C   . ASP A 1 62  ? -2.696  10.351  -9.549  1.00 15.24 ? 61   ASP A C   1 
ATOM   555  O O   . ASP A 1 62  ? -1.619  10.805  -9.952  1.00 15.18 ? 61   ASP A O   1 
ATOM   556  C CB  . ASP A 1 62  ? -4.536  10.124  -11.212 1.00 16.50 ? 61   ASP A CB  1 
ATOM   557  C CG  . ASP A 1 62  ? -5.113  9.298   -12.345 1.00 25.87 ? 61   ASP A CG  1 
ATOM   558  O OD1 . ASP A 1 62  ? -4.513  8.263   -12.695 1.00 29.76 ? 61   ASP A OD1 1 
ATOM   559  O OD2 . ASP A 1 62  ? -6.165  9.696   -12.891 1.00 31.88 ? 61   ASP A OD2 1 
ATOM   560  N N   . SER A 1 63  ? -3.239  10.698  -8.389  1.00 12.62 ? 62   SER A N   1 
ATOM   561  C CA  . SER A 1 63  ? -2.664  11.772  -7.575  1.00 14.10 ? 62   SER A CA  1 
ATOM   562  C C   . SER A 1 63  ? -1.320  11.435  -6.930  1.00 12.67 ? 62   SER A C   1 
ATOM   563  O O   . SER A 1 63  ? -0.668  12.314  -6.371  1.00 12.07 ? 62   SER A O   1 
ATOM   564  C CB  . SER A 1 63  ? -3.651  12.219  -6.496  1.00 14.27 ? 62   SER A CB  1 
ATOM   565  O OG  . SER A 1 63  ? -3.834  11.198  -5.535  1.00 17.48 ? 62   SER A OG  1 
ATOM   566  N N   . VAL A 1 64  ? -0.902  10.173  -6.992  1.00 9.59  ? 63   VAL A N   1 
ATOM   567  C CA  . VAL A 1 64  ? 0.408   9.811   -6.441  1.00 9.26  ? 63   VAL A CA  1 
ATOM   568  C C   . VAL A 1 64  ? 1.398   9.317   -7.495  1.00 10.16 ? 63   VAL A C   1 
ATOM   569  O O   . VAL A 1 64  ? 2.566   9.076   -7.201  1.00 10.31 ? 63   VAL A O   1 
ATOM   570  C CB  . VAL A 1 64  ? 0.298   8.763   -5.282  1.00 8.75  ? 63   VAL A CB  1 
ATOM   571  C CG1 . VAL A 1 64  ? -0.747  9.200   -4.260  1.00 12.01 ? 63   VAL A CG1 1 
ATOM   572  C CG2 . VAL A 1 64  ? -0.011  7.365   -5.830  1.00 10.12 ? 63   VAL A CG2 1 
ATOM   573  N N   . LYS A 1 65  ? 0.935   9.173   -8.733  1.00 13.80 ? 64   LYS A N   1 
ATOM   574  C CA  . LYS A 1 65  ? 1.819   8.767   -9.812  1.00 13.30 ? 64   LYS A CA  1 
ATOM   575  C C   . LYS A 1 65  ? 3.023   9.704   -9.904  1.00 9.20  ? 64   LYS A C   1 
ATOM   576  O O   . LYS A 1 65  ? 2.863   10.930  -9.891  1.00 14.16 ? 64   LYS A O   1 
ATOM   577  C CB  . LYS A 1 65  ? 1.053   8.774   -11.137 1.00 16.58 ? 64   LYS A CB  1 
ATOM   578  C CG  . LYS A 1 65  ? 0.054   7.650   -11.253 1.00 18.59 ? 64   LYS A CG  1 
ATOM   579  C CD  . LYS A 1 65  ? -0.672  7.694   -12.576 1.00 26.20 ? 64   LYS A CD  1 
ATOM   580  C CE  . LYS A 1 65  ? -1.632  6.519   -12.700 1.00 24.48 ? 64   LYS A CE  1 
ATOM   581  N NZ  . LYS A 1 65  ? -2.250  6.508   -14.057 1.00 34.06 ? 64   LYS A NZ  1 
ATOM   582  N N   . GLY A 1 66  ? 4.219   9.131   -9.972  1.00 10.50 ? 65   GLY A N   1 
ATOM   583  C CA  . GLY A 1 66  ? 5.431   9.920   -10.066 1.00 12.64 ? 65   GLY A CA  1 
ATOM   584  C C   . GLY A 1 66  ? 5.988   10.356  -8.722  1.00 9.91  ? 65   GLY A C   1 
ATOM   585  O O   . GLY A 1 66  ? 7.087   10.902  -8.654  1.00 11.08 ? 65   GLY A O   1 
ATOM   586  N N   . ARG A 1 67  ? 5.241   10.089  -7.653  1.00 9.63  ? 66   ARG A N   1 
ATOM   587  C CA  . ARG A 1 67  ? 5.659   10.472  -6.298  1.00 10.12 ? 66   ARG A CA  1 
ATOM   588  C C   . ARG A 1 67  ? 5.842   9.256   -5.400  1.00 9.95  ? 66   ARG A C   1 
ATOM   589  O O   . ARG A 1 67  ? 6.815   9.173   -4.668  1.00 10.56 ? 66   ARG A O   1 
ATOM   590  C CB  . ARG A 1 67  ? 4.686   11.467  -5.665  1.00 9.22  ? 66   ARG A CB  1 
ATOM   591  C CG  . ARG A 1 67  ? 4.502   12.728  -6.514  1.00 8.08  ? 66   ARG A CG  1 
ATOM   592  C CD  . ARG A 1 67  ? 3.761   13.837  -5.775  1.00 9.89  ? 66   ARG A CD  1 
ATOM   593  N NE  . ARG A 1 67  ? 2.395   13.470  -5.402  1.00 10.27 ? 66   ARG A NE  1 
ATOM   594  C CZ  . ARG A 1 67  ? 2.001   13.225  -4.156  1.00 9.30  ? 66   ARG A CZ  1 
ATOM   595  N NH1 . ARG A 1 67  ? 2.872   13.308  -3.151  1.00 11.95 ? 66   ARG A NH1 1 
ATOM   596  N NH2 . ARG A 1 67  ? 0.732   12.909  -3.921  1.00 11.27 ? 66   ARG A NH2 1 
ATOM   597  N N   . PHE A 1 68  ? 4.899   8.322   -5.463  1.00 9.91  ? 67   PHE A N   1 
ATOM   598  C CA  . PHE A 1 68  ? 4.972   7.104   -4.658  1.00 10.04 ? 67   PHE A CA  1 
ATOM   599  C C   . PHE A 1 68  ? 5.354   5.917   -5.537  1.00 10.60 ? 67   PHE A C   1 
ATOM   600  O O   . PHE A 1 68  ? 5.018   5.867   -6.726  1.00 12.78 ? 67   PHE A O   1 
ATOM   601  C CB  . PHE A 1 68  ? 3.613   6.763   -4.024  1.00 9.19  ? 67   PHE A CB  1 
ATOM   602  C CG  . PHE A 1 68  ? 3.101   7.765   -3.010  1.00 10.58 ? 67   PHE A CG  1 
ATOM   603  C CD1 . PHE A 1 68  ? 3.777   8.949   -2.726  1.00 10.55 ? 67   PHE A CD1 1 
ATOM   604  C CD2 . PHE A 1 68  ? 1.914   7.494   -2.334  1.00 10.07 ? 67   PHE A CD2 1 
ATOM   605  C CE1 . PHE A 1 68  ? 3.257   9.857   -1.796  1.00 10.85 ? 67   PHE A CE1 1 
ATOM   606  C CE2 . PHE A 1 68  ? 1.396   8.383   -1.403  1.00 11.13 ? 67   PHE A CE2 1 
ATOM   607  C CZ  . PHE A 1 68  ? 2.071   9.565   -1.131  1.00 13.00 ? 67   PHE A CZ  1 
ATOM   608  N N   A ASP A 1 69  ? 6.014   4.935   -4.943  0.58 9.74  ? 68   ASP A N   1 
ATOM   609  N N   B ASP A 1 69  ? 6.062   4.969   -4.933  0.42 9.78  ? 68   ASP A N   1 
ATOM   610  C CA  A ASP A 1 69  ? 6.379   3.721   -5.662  0.58 11.55 ? 68   ASP A CA  1 
ATOM   611  C CA  B ASP A 1 69  ? 6.431   3.717   -5.582  0.42 11.66 ? 68   ASP A CA  1 
ATOM   612  C C   A ASP A 1 69  ? 6.130   2.518   -4.767  0.58 10.97 ? 68   ASP A C   1 
ATOM   613  C C   B ASP A 1 69  ? 5.997   2.568   -4.685  0.42 10.83 ? 68   ASP A C   1 
ATOM   614  O O   A ASP A 1 69  ? 6.646   2.453   -3.644  0.58 9.50  ? 68   ASP A O   1 
ATOM   615  O O   B ASP A 1 69  ? 6.262   2.576   -3.482  0.42 9.80  ? 68   ASP A O   1 
ATOM   616  C CB  A ASP A 1 69  ? 7.848   3.777   -6.079  0.58 15.19 ? 68   ASP A CB  1 
ATOM   617  C CB  B ASP A 1 69  ? 7.950   3.646   -5.784  0.42 15.04 ? 68   ASP A CB  1 
ATOM   618  C CG  A ASP A 1 69  ? 8.310   2.510   -6.761  0.58 19.08 ? 68   ASP A CG  1 
ATOM   619  C CG  B ASP A 1 69  ? 8.480   4.755   -6.674  0.42 19.43 ? 68   ASP A CG  1 
ATOM   620  O OD1 A ASP A 1 69  ? 8.135   2.398   -7.992  0.58 21.01 ? 68   ASP A OD1 1 
ATOM   621  O OD1 B ASP A 1 69  ? 7.896   4.985   -7.753  0.42 21.71 ? 68   ASP A OD1 1 
ATOM   622  O OD2 A ASP A 1 69  ? 8.852   1.629   -6.060  0.58 23.44 ? 68   ASP A OD2 1 
ATOM   623  O OD2 B ASP A 1 69  ? 9.489   5.388   -6.300  0.42 27.77 ? 68   ASP A OD2 1 
ATOM   624  N N   . ILE A 1 70  ? 5.329   1.578   -5.264  1.00 8.93  ? 69   ILE A N   1 
ATOM   625  C CA  . ILE A 1 70  ? 5.025   0.355   -4.534  1.00 8.24  ? 69   ILE A CA  1 
ATOM   626  C C   . ILE A 1 70  ? 5.967   -0.748  -5.021  1.00 7.89  ? 69   ILE A C   1 
ATOM   627  O O   . ILE A 1 70  ? 6.246   -0.860  -6.222  1.00 12.87 ? 69   ILE A O   1 
ATOM   628  C CB  . ILE A 1 70  ? 3.543   -0.045  -4.684  1.00 8.72  ? 69   ILE A CB  1 
ATOM   629  C CG1 . ILE A 1 70  ? 3.209   -1.199  -3.746  1.00 8.65  ? 69   ILE A CG1 1 
ATOM   630  C CG2 . ILE A 1 70  ? 3.216   -0.436  -6.142  1.00 11.42 ? 69   ILE A CG2 1 
ATOM   631  C CD1 . ILE A 1 70  ? 1.740   -1.597  -3.748  1.00 10.04 ? 69   ILE A CD1 1 
ATOM   632  N N   . SER A 1 71  ? 6.486   -1.533  -4.089  1.00 8.08  ? 70   SER A N   1 
ATOM   633  C CA  . SER A 1 71  ? 7.357   -2.649  -4.420  1.00 8.85  ? 70   SER A CA  1 
ATOM   634  C C   . SER A 1 71  ? 7.090   -3.785  -3.446  1.00 9.94  ? 70   SER A C   1 
ATOM   635  O O   . SER A 1 71  ? 6.361   -3.620  -2.461  1.00 9.26  ? 70   SER A O   1 
ATOM   636  C CB  . SER A 1 71  ? 8.834   -2.243  -4.373  1.00 10.22 ? 70   SER A CB  1 
ATOM   637  O OG  . SER A 1 71  ? 9.207   -1.781  -3.080  1.00 11.93 ? 70   SER A OG  1 
ATOM   638  N N   . LYS A 1 72  ? 7.683   -4.938  -3.716  1.00 9.37  ? 71   LYS A N   1 
ATOM   639  C CA  . LYS A 1 72  ? 7.464   -6.100  -2.877  1.00 7.78  ? 71   LYS A CA  1 
ATOM   640  C C   . LYS A 1 72  ? 8.754   -6.890  -2.753  1.00 11.73 ? 71   LYS A C   1 
ATOM   641  O O   . LYS A 1 72  ? 9.674   -6.758  -3.562  1.00 13.53 ? 71   LYS A O   1 
ATOM   642  C CB  . LYS A 1 72  ? 6.382   -7.001  -3.469  1.00 9.20  ? 71   LYS A CB  1 
ATOM   643  C CG  . LYS A 1 72  ? 6.781   -7.609  -4.821  1.00 11.26 ? 71   LYS A CG  1 
ATOM   644  C CD  . LYS A 1 72  ? 5.660   -8.459  -5.405  1.00 12.63 ? 71   LYS A CD  1 
ATOM   645  C CE  . LYS A 1 72  ? 5.998   -9.020  -6.788  1.00 15.44 ? 71   LYS A CE  1 
ATOM   646  N NZ  . LYS A 1 72  ? 7.201   -9.913  -6.772  1.00 19.22 ? 71   LYS A NZ  1 
ATOM   647  N N   . ASP A 1 73  ? 8.808   -7.722  -1.725  1.00 9.35  ? 72   ASP A N   1 
ATOM   648  C CA  . ASP A 1 73  ? 9.892   -8.679  -1.560  1.00 9.73  ? 72   ASP A CA  1 
ATOM   649  C C   . ASP A 1 73  ? 9.242   -9.972  -1.084  1.00 9.57  ? 72   ASP A C   1 
ATOM   650  O O   . ASP A 1 73  ? 9.006   -10.157 0.110   1.00 10.70 ? 72   ASP A O   1 
ATOM   651  C CB  . ASP A 1 73  ? 10.914  -8.138  -0.550  1.00 11.63 ? 72   ASP A CB  1 
ATOM   652  C CG  . ASP A 1 73  ? 12.162  -8.982  -0.480  1.00 11.91 ? 72   ASP A CG  1 
ATOM   653  O OD1 . ASP A 1 73  ? 12.082  -10.188 -0.810  1.00 14.83 ? 72   ASP A OD1 1 
ATOM   654  O OD2 . ASP A 1 73  ? 13.218  -8.440  -0.082  1.00 15.63 ? 72   ASP A OD2 1 
ATOM   655  N N   . ASN A 1 74  ? 8.910   -10.856 -2.022  1.00 9.32  ? 73   ASN A N   1 
ATOM   656  C CA  . ASN A 1 74  ? 8.251   -12.096 -1.659  1.00 8.78  ? 73   ASN A CA  1 
ATOM   657  C C   . ASN A 1 74  ? 9.107   -12.951 -0.740  1.00 9.64  ? 73   ASN A C   1 
ATOM   658  O O   . ASN A 1 74  ? 8.578   -13.633 0.128   1.00 12.18 ? 73   ASN A O   1 
ATOM   659  C CB  . ASN A 1 74  ? 7.912   -12.929 -2.903  1.00 11.99 ? 73   ASN A CB  1 
ATOM   660  C CG  . ASN A 1 74  ? 6.824   -12.305 -3.740  1.00 12.23 ? 73   ASN A CG  1 
ATOM   661  O OD1 . ASN A 1 74  ? 5.682   -12.779 -3.754  1.00 15.66 ? 73   ASN A OD1 1 
ATOM   662  N ND2 . ASN A 1 74  ? 7.170   -11.248 -4.451  1.00 12.40 ? 73   ASN A ND2 1 
ATOM   663  N N   . ALA A 1 75  ? 10.424  -12.921 -0.944  1.00 11.41 ? 74   ALA A N   1 
ATOM   664  C CA  . ALA A 1 75  ? 11.326  -13.740 -0.143  1.00 13.40 ? 74   ALA A CA  1 
ATOM   665  C C   . ALA A 1 75  ? 11.251  -13.376 1.342   1.00 10.36 ? 74   ALA A C   1 
ATOM   666  O O   . ALA A 1 75  ? 11.462  -14.231 2.210   1.00 11.41 ? 74   ALA A O   1 
ATOM   667  C CB  . ALA A 1 75  ? 12.758  -13.617 -0.657  1.00 13.30 ? 74   ALA A CB  1 
ATOM   668  N N   . LYS A 1 76  ? 10.941  -12.113 1.631   1.00 9.12  ? 75   LYS A N   1 
ATOM   669  C CA  . LYS A 1 76  ? 10.849  -11.650 3.014   1.00 8.54  ? 75   LYS A CA  1 
ATOM   670  C C   . LYS A 1 76  ? 9.405   -11.430 3.468   1.00 10.25 ? 75   LYS A C   1 
ATOM   671  O O   . LYS A 1 76  ? 9.181   -10.976 4.590   1.00 11.79 ? 75   LYS A O   1 
ATOM   672  C CB  . LYS A 1 76  ? 11.661  -10.360 3.210   1.00 8.82  ? 75   LYS A CB  1 
ATOM   673  C CG  . LYS A 1 76  ? 13.157  -10.534 2.978   1.00 10.22 ? 75   LYS A CG  1 
ATOM   674  C CD  . LYS A 1 76  ? 13.911  -9.221  3.223   1.00 12.78 ? 75   LYS A CD  1 
ATOM   675  C CE  . LYS A 1 76  ? 15.369  -9.380  2.907   1.00 15.60 ? 75   LYS A CE  1 
ATOM   676  N NZ  . LYS A 1 76  ? 16.085  -8.096  3.169   1.00 23.16 ? 75   LYS A NZ  1 
ATOM   677  N N   . ASN A 1 77  ? 8.436   -11.763 2.614   1.00 9.96  ? 76   ASN A N   1 
ATOM   678  C CA  . ASN A 1 77  ? 7.013   -11.503 2.894   1.00 8.95  ? 76   ASN A CA  1 
ATOM   679  C C   . ASN A 1 77  ? 6.745   -10.043 3.265   1.00 11.49 ? 76   ASN A C   1 
ATOM   680  O O   . ASN A 1 77  ? 6.126   -9.750  4.295   1.00 10.29 ? 76   ASN A O   1 
ATOM   681  C CB  . ASN A 1 77  ? 6.512   -12.460 3.973   1.00 9.81  ? 76   ASN A CB  1 
ATOM   682  C CG  . ASN A 1 77  ? 6.512   -13.885 3.489   1.00 14.37 ? 76   ASN A CG  1 
ATOM   683  O OD1 . ASN A 1 77  ? 7.108   -14.768 4.107   1.00 23.20 ? 76   ASN A OD1 1 
ATOM   684  N ND2 . ASN A 1 77  ? 5.900   -14.106 2.336   1.00 13.28 ? 76   ASN A ND2 1 
ATOM   685  N N   . ALA A 1 78  ? 7.215   -9.134  2.414   1.00 9.49  ? 77   ALA A N   1 
ATOM   686  C CA  . ALA A 1 78  ? 7.124   -7.702  2.665   1.00 11.30 ? 77   ALA A CA  1 
ATOM   687  C C   . ALA A 1 78  ? 6.576   -6.962  1.446   1.00 11.17 ? 77   ALA A C   1 
ATOM   688  O O   . ALA A 1 78  ? 6.865   -7.332  0.304   1.00 10.22 ? 77   ALA A O   1 
ATOM   689  C CB  . ALA A 1 78  ? 8.509   -7.152  3.006   1.00 13.31 ? 77   ALA A CB  1 
ATOM   690  N N   A VAL A 1 79  ? 5.795   -5.916  1.693   0.31 8.88  ? 78   VAL A N   1 
ATOM   691  N N   B VAL A 1 79  ? 5.773   -5.933  1.706   0.69 8.84  ? 78   VAL A N   1 
ATOM   692  C CA  A VAL A 1 79  ? 5.385   -4.986  0.638   0.31 8.69  ? 78   VAL A CA  1 
ATOM   693  C CA  B VAL A 1 79  ? 5.349   -4.972  0.683   0.69 8.62  ? 78   VAL A CA  1 
ATOM   694  C C   A VAL A 1 79  ? 5.633   -3.556  1.119   0.31 9.41  ? 78   VAL A C   1 
ATOM   695  C C   B VAL A 1 79  ? 5.832   -3.607  1.160   0.69 8.91  ? 78   VAL A C   1 
ATOM   696  O O   A VAL A 1 79  ? 5.370   -3.230  2.275   0.31 10.33 ? 78   VAL A O   1 
ATOM   697  O O   B VAL A 1 79  ? 5.916   -3.365  2.367   0.69 9.02  ? 78   VAL A O   1 
ATOM   698  C CB  A VAL A 1 79  ? 3.910   -5.193  0.207   0.31 8.77  ? 78   VAL A CB  1 
ATOM   699  C CB  B VAL A 1 79  ? 3.808   -4.944  0.505   0.69 9.41  ? 78   VAL A CB  1 
ATOM   700  C CG1 A VAL A 1 79  ? 2.984   -5.152  1.408   0.31 11.15 ? 78   VAL A CG1 1 
ATOM   701  C CG1 B VAL A 1 79  ? 3.425   -4.346  -0.856  0.69 11.17 ? 78   VAL A CG1 1 
ATOM   702  C CG2 A VAL A 1 79  ? 3.494   -4.155  -0.836  0.31 11.16 ? 78   VAL A CG2 1 
ATOM   703  C CG2 B VAL A 1 79  ? 3.219   -6.340  0.647   0.69 10.01 ? 78   VAL A CG2 1 
ATOM   704  N N   . TYR A 1 80  ? 6.146   -2.715  0.230   1.00 8.72  ? 79   TYR A N   1 
ATOM   705  C CA  . TYR A 1 80  ? 6.633   -1.385  0.596   1.00 9.68  ? 79   TYR A CA  1 
ATOM   706  C C   . TYR A 1 80  ? 5.901   -0.293  -0.162  1.00 8.94  ? 79   TYR A C   1 
ATOM   707  O O   . TYR A 1 80  ? 5.495   -0.479  -1.306  1.00 10.36 ? 79   TYR A O   1 
ATOM   708  C CB  . TYR A 1 80  ? 8.124   -1.268  0.287   1.00 10.53 ? 79   TYR A CB  1 
ATOM   709  C CG  . TYR A 1 80  ? 8.966   -2.348  0.906   1.00 10.72 ? 79   TYR A CG  1 
ATOM   710  C CD1 . TYR A 1 80  ? 9.323   -2.287  2.240   1.00 14.61 ? 79   TYR A CD1 1 
ATOM   711  C CD2 . TYR A 1 80  ? 9.405   -3.429  0.152   1.00 11.70 ? 79   TYR A CD2 1 
ATOM   712  C CE1 . TYR A 1 80  ? 10.106  -3.276  2.816   1.00 14.89 ? 79   TYR A CE1 1 
ATOM   713  C CE2 . TYR A 1 80  ? 10.179  -4.422  0.721   1.00 14.60 ? 79   TYR A CE2 1 
ATOM   714  C CZ  . TYR A 1 80  ? 10.530  -4.333  2.057   1.00 20.00 ? 79   TYR A CZ  1 
ATOM   715  O OH  . TYR A 1 80  ? 11.305  -5.307  2.643   1.00 21.29 ? 79   TYR A OH  1 
ATOM   716  N N   . LEU A 1 81  ? 5.735   0.853   0.480   1.00 8.11  ? 80   LEU A N   1 
ATOM   717  C CA  . LEU A 1 81  ? 5.309   2.053   -0.219  1.00 8.35  ? 80   LEU A CA  1 
ATOM   718  C C   . LEU A 1 81  ? 6.358   3.123   0.045   1.00 8.34  ? 80   LEU A C   1 
ATOM   719  O O   . LEU A 1 81  ? 6.480   3.621   1.168   1.00 8.74  ? 80   LEU A O   1 
ATOM   720  C CB  . LEU A 1 81  ? 3.924   2.513   0.253   1.00 9.82  ? 80   LEU A CB  1 
ATOM   721  C CG  . LEU A 1 81  ? 3.318   3.661   -0.563  1.00 9.23  ? 80   LEU A CG  1 
ATOM   722  C CD1 . LEU A 1 81  ? 3.028   3.193   -1.988  1.00 11.15 ? 80   LEU A CD1 1 
ATOM   723  C CD2 . LEU A 1 81  ? 2.058   4.180   0.091   1.00 9.77  ? 80   LEU A CD2 1 
ATOM   724  N N   . GLN A 1 82  ? 7.133   3.463   -0.979  1.00 8.56  ? 81   GLN A N   1 
ATOM   725  C CA  . GLN A 1 82  ? 8.093   4.560   -0.893  1.00 8.57  ? 81   GLN A CA  1 
ATOM   726  C C   . GLN A 1 82  ? 7.364   5.832   -1.277  1.00 9.23  ? 81   GLN A C   1 
ATOM   727  O O   . GLN A 1 82  ? 6.915   5.988   -2.414  1.00 11.32 ? 81   GLN A O   1 
ATOM   728  C CB  . GLN A 1 82  ? 9.261   4.315   -1.848  1.00 9.37  ? 81   GLN A CB  1 
ATOM   729  C CG  . GLN A 1 82  ? 10.318  5.412   -1.791  1.00 11.21 ? 81   GLN A CG  1 
ATOM   730  C CD  . GLN A 1 82  ? 10.986  5.529   -0.427  1.00 12.24 ? 81   GLN A CD  1 
ATOM   731  O OE1 . GLN A 1 82  ? 11.380  4.531   0.181   1.00 15.57 ? 81   GLN A OE1 1 
ATOM   732  N NE2 . GLN A 1 82  ? 11.115  6.758   0.062   1.00 15.21 ? 81   GLN A NE2 1 
ATOM   733  N N   A MET A 1 83  ? 7.251   6.733   -0.315  0.54 8.82  ? 82   MET A N   1 
ATOM   734  N N   B MET A 1 83  ? 7.201   6.749   -0.324  0.46 8.87  ? 82   MET A N   1 
ATOM   735  C CA  A MET A 1 83  ? 6.535   7.970   -0.527  0.54 8.88  ? 82   MET A CA  1 
ATOM   736  C CA  B MET A 1 83  ? 6.437   7.978   -0.577  0.46 8.73  ? 82   MET A CA  1 
ATOM   737  C C   A MET A 1 83  ? 7.566   9.083   -0.659  0.54 10.83 ? 82   MET A C   1 
ATOM   738  C C   B MET A 1 83  ? 7.343   9.212   -0.648  0.46 11.41 ? 82   MET A C   1 
ATOM   739  O O   A MET A 1 83  ? 8.269   9.415   0.303   0.54 12.24 ? 82   MET A O   1 
ATOM   740  O O   B MET A 1 83  ? 7.709   9.778   0.383   0.46 11.47 ? 82   MET A O   1 
ATOM   741  C CB  A MET A 1 83  ? 5.595   8.213   0.651   0.54 9.94  ? 82   MET A CB  1 
ATOM   742  C CB  B MET A 1 83  ? 5.371   8.197   0.507   0.46 10.11 ? 82   MET A CB  1 
ATOM   743  C CG  A MET A 1 83  ? 4.731   6.989   0.968   0.54 7.73  ? 82   MET A CG  1 
ATOM   744  C CG  B MET A 1 83  ? 4.212   7.199   0.507   0.46 9.91  ? 82   MET A CG  1 
ATOM   745  S SD  A MET A 1 83  ? 3.834   7.029   2.537   0.54 13.31 ? 82   MET A SD  1 
ATOM   746  S SD  B MET A 1 83  ? 3.043   7.476   1.872   0.46 14.98 ? 82   MET A SD  1 
ATOM   747  C CE  A MET A 1 83  ? 2.641   8.326   2.244   0.54 11.61 ? 82   MET A CE  1 
ATOM   748  C CE  B MET A 1 83  ? 4.173   7.497   3.262   0.46 9.81  ? 82   MET A CE  1 
ATOM   749  N N   . ASN A 1 84  A 7.680   9.627   -1.866  1.00 10.24 ? 82   ASN A N   1 
ATOM   750  C CA  . ASN A 1 84  A 8.554   10.775  -2.105  1.00 8.89  ? 82   ASN A CA  1 
ATOM   751  C C   . ASN A 1 84  A 7.720   11.998  -2.437  1.00 10.42 ? 82   ASN A C   1 
ATOM   752  O O   . ASN A 1 84  A 6.534   11.883  -2.741  1.00 11.32 ? 82   ASN A O   1 
ATOM   753  C CB  . ASN A 1 84  A 9.508   10.477  -3.259  1.00 9.48  ? 82   ASN A CB  1 
ATOM   754  C CG  . ASN A 1 84  A 10.466  9.348   -2.953  1.00 12.72 ? 82   ASN A CG  1 
ATOM   755  O OD1 . ASN A 1 84  A 10.880  9.161   -1.813  1.00 15.45 ? 82   ASN A OD1 1 
ATOM   756  N ND2 . ASN A 1 84  A 10.819  8.582   -3.975  1.00 20.73 ? 82   ASN A ND2 1 
ATOM   757  N N   . SER A 1 85  B 8.342   13.175  -2.378  1.00 11.26 ? 82   SER A N   1 
ATOM   758  C CA  . SER A 1 85  B 7.651   14.407  -2.744  1.00 10.50 ? 82   SER A CA  1 
ATOM   759  C C   . SER A 1 85  B 6.321   14.520  -2.003  1.00 12.63 ? 82   SER A C   1 
ATOM   760  O O   . SER A 1 85  B 5.283   14.806  -2.603  1.00 10.95 ? 82   SER A O   1 
ATOM   761  C CB  . SER A 1 85  B 7.417   14.460  -4.262  1.00 12.31 ? 82   SER A CB  1 
ATOM   762  O OG  . SER A 1 85  B 8.652   14.479  -4.955  1.00 12.36 ? 82   SER A OG  1 
ATOM   763  N N   . LEU A 1 86  C 6.357   14.302  -0.688  1.00 11.79 ? 82   LEU A N   1 
ATOM   764  C CA  . LEU A 1 86  C 5.124   14.283  0.094   1.00 12.82 ? 82   LEU A CA  1 
ATOM   765  C C   . LEU A 1 86  C 4.430   15.645  0.156   1.00 13.77 ? 82   LEU A C   1 
ATOM   766  O O   . LEU A 1 86  C 5.077   16.688  0.330   1.00 12.97 ? 82   LEU A O   1 
ATOM   767  C CB  . LEU A 1 86  C 5.386   13.719  1.498   1.00 12.22 ? 82   LEU A CB  1 
ATOM   768  C CG  . LEU A 1 86  C 5.363   12.187  1.545   1.00 12.69 ? 82   LEU A CG  1 
ATOM   769  C CD1 . LEU A 1 86  C 6.163   11.657  2.724   1.00 15.62 ? 82   LEU A CD1 1 
ATOM   770  C CD2 . LEU A 1 86  C 3.924   11.681  1.582   1.00 13.01 ? 82   LEU A CD2 1 
ATOM   771  N N   . LYS A 1 87  ? 3.112   15.621  -0.016  1.00 10.92 ? 83   LYS A N   1 
ATOM   772  C CA  A LYS A 1 87  ? 2.326   16.857  -0.018  0.50 13.80 ? 83   LYS A CA  1 
ATOM   773  C CA  B LYS A 1 87  ? 2.288   16.824  0.003   0.50 13.80 ? 83   LYS A CA  1 
ATOM   774  C C   A LYS A 1 87  ? 1.254   16.855  1.075   0.50 12.30 ? 83   LYS A C   1 
ATOM   775  C C   B LYS A 1 87  ? 1.402   16.853  1.234   0.50 12.12 ? 83   LYS A C   1 
ATOM   776  O O   A LYS A 1 87  ? 0.758   15.800  1.471   0.50 9.79  ? 83   LYS A O   1 
ATOM   777  O O   B LYS A 1 87  ? 1.155   15.818  1.859   0.50 10.65 ? 83   LYS A O   1 
ATOM   778  C CB  A LYS A 1 87  ? 1.699   17.041  -1.405  0.50 15.29 ? 83   LYS A CB  1 
ATOM   779  C CB  B LYS A 1 87  ? 1.372   16.881  -1.220  0.50 15.00 ? 83   LYS A CB  1 
ATOM   780  C CG  A LYS A 1 87  ? 2.720   17.016  -2.549  0.50 14.70 ? 83   LYS A CG  1 
ATOM   781  C CG  B LYS A 1 87  ? 2.058   17.077  -2.549  0.50 14.83 ? 83   LYS A CG  1 
ATOM   782  C CD  A LYS A 1 87  ? 2.057   16.970  -3.932  0.50 14.45 ? 83   LYS A CD  1 
ATOM   783  C CD  B LYS A 1 87  ? 1.014   17.271  -3.638  0.50 13.07 ? 83   LYS A CD  1 
ATOM   784  C CE  A LYS A 1 87  ? 1.352   18.282  -4.264  0.50 12.12 ? 83   LYS A CE  1 
ATOM   785  C CE  B LYS A 1 87  ? 1.655   17.488  -4.994  0.50 13.36 ? 83   LYS A CE  1 
ATOM   786  N NZ  A LYS A 1 87  ? 0.745   18.280  -5.629  0.50 13.36 ? 83   LYS A NZ  1 
ATOM   787  N NZ  B LYS A 1 87  ? 0.635   17.891  -6.002  0.50 14.64 ? 83   LYS A NZ  1 
ATOM   788  N N   . PRO A 1 88  ? 0.890   18.042  1.578   1.00 14.80 ? 84   PRO A N   1 
ATOM   789  C CA  . PRO A 1 88  ? -0.103  18.124  2.651   1.00 17.64 ? 84   PRO A CA  1 
ATOM   790  C C   . PRO A 1 88  ? -1.319  17.235  2.384   1.00 13.82 ? 84   PRO A C   1 
ATOM   791  O O   . PRO A 1 88  ? -1.832  16.639  3.340   1.00 15.87 ? 84   PRO A O   1 
ATOM   792  C CB  . PRO A 1 88  ? -0.487  19.608  2.651   1.00 21.27 ? 84   PRO A CB  1 
ATOM   793  C CG  . PRO A 1 88  ? 0.755   20.297  2.153   1.00 20.42 ? 84   PRO A CG  1 
ATOM   794  C CD  . PRO A 1 88  ? 1.363   19.368  1.140   1.00 16.63 ? 84   PRO A CD  1 
ATOM   795  N N   . GLU A 1 89  ? -1.740  17.139  1.119   1.00 17.34 ? 85   GLU A N   1 
ATOM   796  C CA  . GLU A 1 89  ? -2.859  16.282  0.694   1.00 19.59 ? 85   GLU A CA  1 
ATOM   797  C C   . GLU A 1 89  ? -2.676  14.801  1.055   1.00 15.00 ? 85   GLU A C   1 
ATOM   798  O O   . GLU A 1 89  ? -3.651  14.046  1.103   1.00 16.27 ? 85   GLU A O   1 
ATOM   799  C CB  . GLU A 1 89  ? -3.116  16.421  -0.826  1.00 18.89 ? 85   GLU A CB  1 
ATOM   800  C CG  . GLU A 1 89  ? -2.157  15.631  -1.745  1.00 23.83 ? 85   GLU A CG  1 
ATOM   801  C CD  . GLU A 1 89  ? -2.219  16.094  -3.208  1.00 27.57 ? 85   GLU A CD  1 
ATOM   802  O OE1 . GLU A 1 89  ? -2.127  17.322  -3.443  1.00 25.88 ? 85   GLU A OE1 1 
ATOM   803  O OE2 . GLU A 1 89  ? -2.348  15.237  -4.118  1.00 18.24 ? 85   GLU A OE2 1 
ATOM   804  N N   . ASP A 1 90  ? -1.437  14.402  1.326   1.00 12.34 ? 86   ASP A N   1 
ATOM   805  C CA  . ASP A 1 90  ? -1.132  12.997  1.586   1.00 12.04 ? 86   ASP A CA  1 
ATOM   806  C C   . ASP A 1 90  ? -1.339  12.579  3.040   1.00 12.50 ? 86   ASP A C   1 
ATOM   807  O O   . ASP A 1 90  ? -1.248  11.395  3.372   1.00 11.86 ? 86   ASP A O   1 
ATOM   808  C CB  . ASP A 1 90  ? 0.292   12.664  1.157   1.00 11.33 ? 86   ASP A CB  1 
ATOM   809  C CG  . ASP A 1 90  ? 0.503   12.809  -0.340  1.00 12.19 ? 86   ASP A CG  1 
ATOM   810  O OD1 . ASP A 1 90  ? -0.404  12.447  -1.117  1.00 13.66 ? 86   ASP A OD1 1 
ATOM   811  O OD2 . ASP A 1 90  ? 1.598   13.270  -0.719  1.00 12.14 ? 86   ASP A OD2 1 
ATOM   812  N N   . THR A 1 91  ? -1.624  13.542  3.914   1.00 9.93  ? 87   THR A N   1 
ATOM   813  C CA  . THR A 1 91  ? -1.847  13.208  5.314   1.00 11.60 ? 87   THR A CA  1 
ATOM   814  C C   . THR A 1 91  ? -3.046  12.274  5.455   1.00 9.95  ? 87   THR A C   1 
ATOM   815  O O   . THR A 1 91  ? -4.132  12.590  4.989   1.00 12.02 ? 87   THR A O   1 
ATOM   816  C CB  . THR A 1 91  ? -2.060  14.491  6.129   1.00 9.65  ? 87   THR A CB  1 
ATOM   817  O OG1 . THR A 1 91  ? -0.846  15.243  6.120   1.00 11.12 ? 87   THR A OG1 1 
ATOM   818  C CG2 . THR A 1 91  ? -2.445  14.157  7.576   1.00 9.51  ? 87   THR A CG2 1 
ATOM   819  N N   . ALA A 1 92  ? -2.842  11.131  6.120   1.00 9.43  ? 88   ALA A N   1 
ATOM   820  C CA  . ALA A 1 92  ? -3.885  10.122  6.254   1.00 8.93  ? 88   ALA A CA  1 
ATOM   821  C C   . ALA A 1 92  ? -3.381  8.944   7.065   1.00 8.92  ? 88   ALA A C   1 
ATOM   822  O O   . ALA A 1 92  ? -2.181  8.816   7.325   1.00 9.81  ? 88   ALA A O   1 
ATOM   823  C CB  . ALA A 1 92  ? -4.320  9.632   4.859   1.00 10.90 ? 88   ALA A CB  1 
ATOM   824  N N   . VAL A 1 93  ? -4.311  8.080   7.462   1.00 8.82  ? 89   VAL A N   1 
ATOM   825  C CA  . VAL A 1 93  ? -3.930  6.755   7.923   1.00 8.82  ? 89   VAL A CA  1 
ATOM   826  C C   . VAL A 1 93  ? -3.806  5.863   6.696   1.00 8.02  ? 89   VAL A C   1 
ATOM   827  O O   . VAL A 1 93  ? -4.724  5.782   5.888   1.00 9.43  ? 89   VAL A O   1 
ATOM   828  C CB  . VAL A 1 93  ? -4.972  6.160   8.880   1.00 8.55  ? 89   VAL A CB  1 
ATOM   829  C CG1 . VAL A 1 93  ? -4.523  4.778   9.361   1.00 10.23 ? 89   VAL A CG1 1 
ATOM   830  C CG2 . VAL A 1 93  ? -5.201  7.089   10.064  1.00 13.90 ? 89   VAL A CG2 1 
ATOM   831  N N   . TYR A 1 94  ? -2.653  5.222   6.561   1.00 8.10  ? 90   TYR A N   1 
ATOM   832  C CA  . TYR A 1 94  ? -2.361  4.336   5.426   1.00 7.76  ? 90   TYR A CA  1 
ATOM   833  C C   . TYR A 1 94  ? -2.517  2.890   5.845   1.00 8.54  ? 90   TYR A C   1 
ATOM   834  O O   . TYR A 1 94  ? -1.982  2.473   6.881   1.00 8.58  ? 90   TYR A O   1 
ATOM   835  C CB  . TYR A 1 94  ? -0.940  4.582   4.907   1.00 8.58  ? 90   TYR A CB  1 
ATOM   836  C CG  . TYR A 1 94  ? -0.849  5.838   4.084   1.00 8.96  ? 90   TYR A CG  1 
ATOM   837  C CD1 . TYR A 1 94  ? -0.736  5.778   2.702   1.00 10.20 ? 90   TYR A CD1 1 
ATOM   838  C CD2 . TYR A 1 94  ? -0.939  7.086   4.683   1.00 9.33  ? 90   TYR A CD2 1 
ATOM   839  C CE1 . TYR A 1 94  ? -0.683  6.924   1.945   1.00 8.31  ? 90   TYR A CE1 1 
ATOM   840  C CE2 . TYR A 1 94  ? -0.899  8.242   3.933   1.00 10.33 ? 90   TYR A CE2 1 
ATOM   841  C CZ  . TYR A 1 94  ? -0.771  8.152   2.561   1.00 9.53  ? 90   TYR A CZ  1 
ATOM   842  O OH  . TYR A 1 94  ? -0.726  9.300   1.807   1.00 9.69  ? 90   TYR A OH  1 
ATOM   843  N N   . TYR A 1 95  ? -3.271  2.138   5.040   1.00 8.43  ? 91   TYR A N   1 
ATOM   844  C CA  . TYR A 1 95  ? -3.519  0.727   5.313   1.00 7.79  ? 91   TYR A CA  1 
ATOM   845  C C   . TYR A 1 95  ? -2.938  -0.149  4.230   1.00 8.23  ? 91   TYR A C   1 
ATOM   846  O O   . TYR A 1 95  ? -3.131  0.099   3.049   1.00 8.90  ? 91   TYR A O   1 
ATOM   847  C CB  . TYR A 1 95  ? -5.024  0.425   5.366   1.00 10.45 ? 91   TYR A CB  1 
ATOM   848  C CG  . TYR A 1 95  ? -5.779  1.150   6.441   1.00 10.20 ? 91   TYR A CG  1 
ATOM   849  C CD1 . TYR A 1 95  ? -5.986  0.553   7.677   1.00 11.90 ? 91   TYR A CD1 1 
ATOM   850  C CD2 . TYR A 1 95  ? -6.295  2.419   6.219   1.00 12.37 ? 91   TYR A CD2 1 
ATOM   851  C CE1 . TYR A 1 95  ? -6.677  1.205   8.672   1.00 15.10 ? 91   TYR A CE1 1 
ATOM   852  C CE2 . TYR A 1 95  ? -6.997  3.085   7.217   1.00 13.82 ? 91   TYR A CE2 1 
ATOM   853  C CZ  . TYR A 1 95  ? -7.179  2.460   8.436   1.00 15.27 ? 91   TYR A CZ  1 
ATOM   854  O OH  . TYR A 1 95  ? -7.875  3.071   9.455   1.00 17.70 ? 91   TYR A OH  1 
ATOM   855  N N   A CYS A 1 96  ? -2.238  -1.180  4.666   0.51 8.09  ? 92   CYS A N   1 
ATOM   856  N N   B CYS A 1 96  ? -2.195  -1.176  4.613   0.49 8.09  ? 92   CYS A N   1 
ATOM   857  C CA  A CYS A 1 96  ? -1.852  -2.277  3.805   0.51 7.76  ? 92   CYS A CA  1 
ATOM   858  C CA  B CYS A 1 96  ? -1.853  -2.196  3.628   0.49 7.55  ? 92   CYS A CA  1 
ATOM   859  C C   A CYS A 1 96  ? -3.084  -3.166  3.614   0.51 7.39  ? 92   CYS A C   1 
ATOM   860  C C   B CYS A 1 96  ? -2.943  -3.262  3.631   0.49 7.79  ? 92   CYS A C   1 
ATOM   861  O O   A CYS A 1 96  ? -3.934  -3.268  4.517   0.51 5.35  ? 92   CYS A O   1 
ATOM   862  O O   B CYS A 1 96  ? -3.548  -3.568  4.664   0.49 9.25  ? 92   CYS A O   1 
ATOM   863  C CB  A CYS A 1 96  ? -0.722  -3.049  4.478   0.51 8.45  ? 92   CYS A CB  1 
ATOM   864  C CB  B CYS A 1 96  ? -0.451  -2.785  3.826   0.49 9.28  ? 92   CYS A CB  1 
ATOM   865  S SG  A CYS A 1 96  ? -0.144  -4.448  3.563   0.51 11.77 ? 92   CYS A SG  1 
ATOM   866  S SG  B CYS A 1 96  ? -0.180  -3.750  5.315   0.49 12.87 ? 92   CYS A SG  1 
ATOM   867  N N   . ALA A 1 97  ? -3.192  -3.810  2.452   1.00 8.25  ? 93   ALA A N   1 
ATOM   868  C CA  . ALA A 1 97  ? -4.313  -4.687  2.200   1.00 7.50  ? 93   ALA A CA  1 
ATOM   869  C C   . ALA A 1 97  ? -3.928  -5.756  1.198   1.00 8.17  ? 93   ALA A C   1 
ATOM   870  O O   . ALA A 1 97  ? -2.958  -5.617  0.453   1.00 8.95  ? 93   ALA A O   1 
ATOM   871  C CB  . ALA A 1 97  ? -5.500  -3.877  1.676   1.00 10.35 ? 93   ALA A CB  1 
ATOM   872  N N   . ALA A 1 98  ? -4.692  -6.838  1.184   1.00 6.92  ? 94   ALA A N   1 
ATOM   873  C CA  . ALA A 1 98  ? -4.451  -7.890  0.217   1.00 7.64  ? 94   ALA A CA  1 
ATOM   874  C C   . ALA A 1 98  ? -5.756  -8.448  -0.281  1.00 10.18 ? 94   ALA A C   1 
ATOM   875  O O   . ALA A 1 98  ? -6.778  -8.381  0.396   1.00 9.70  ? 94   ALA A O   1 
ATOM   876  C CB  . ALA A 1 98  ? -3.566  -8.999  0.800   1.00 10.99 ? 94   ALA A CB  1 
ATOM   877  N N   . LYS A 1 99  ? -5.714  -8.966  -1.496  1.00 8.12  ? 95   LYS A N   1 
ATOM   878  C CA  . LYS A 1 99  ? -6.898  -9.510  -2.142  1.00 7.77  ? 95   LYS A CA  1 
ATOM   879  C C   . LYS A 1 99  ? -6.511  -10.816 -2.821  1.00 9.67  ? 95   LYS A C   1 
ATOM   880  O O   . LYS A 1 99  ? -5.521  -10.878 -3.555  1.00 10.15 ? 95   LYS A O   1 
ATOM   881  C CB  . LYS A 1 99  ? -7.398  -8.522  -3.187  1.00 11.06 ? 95   LYS A CB  1 
ATOM   882  C CG  . LYS A 1 99  ? -8.738  -8.925  -3.816  1.00 10.50 ? 95   LYS A CG  1 
ATOM   883  C CD  . LYS A 1 99  ? -9.142  -7.956  -4.908  1.00 10.86 ? 95   LYS A CD  1 
ATOM   884  C CE  . LYS A 1 99  ? -10.527 -8.316  -5.459  1.00 14.94 ? 95   LYS A CE  1 
ATOM   885  N NZ  . LYS A 1 99  ? -10.976 -7.325  -6.468  1.00 17.74 ? 95   LYS A NZ  1 
ATOM   886  N N   . TRP A 1 100 ? -7.290  -11.864 -2.579  1.00 7.82  ? 96   TRP A N   1 
ATOM   887  C CA  . TRP A 1 100 ? -7.050  -13.121 -3.274  1.00 9.71  ? 96   TRP A CA  1 
ATOM   888  C C   . TRP A 1 100 ? -7.489  -12.974 -4.732  1.00 11.27 ? 96   TRP A C   1 
ATOM   889  O O   . TRP A 1 100 ? -8.520  -12.371 -5.013  1.00 14.17 ? 96   TRP A O   1 
ATOM   890  C CB  . TRP A 1 100 ? -7.793  -14.261 -2.586  1.00 10.21 ? 96   TRP A CB  1 
ATOM   891  C CG  . TRP A 1 100 ? -7.450  -15.584 -3.180  1.00 11.19 ? 96   TRP A CG  1 
ATOM   892  C CD1 . TRP A 1 100 ? -6.380  -16.369 -2.867  1.00 10.82 ? 96   TRP A CD1 1 
ATOM   893  C CD2 . TRP A 1 100 ? -8.178  -16.279 -4.203  1.00 13.59 ? 96   TRP A CD2 1 
ATOM   894  N NE1 . TRP A 1 100 ? -6.397  -17.513 -3.633  1.00 12.95 ? 96   TRP A NE1 1 
ATOM   895  C CE2 . TRP A 1 100 ? -7.486  -17.475 -4.462  1.00 12.95 ? 96   TRP A CE2 1 
ATOM   896  C CE3 . TRP A 1 100 ? -9.342  -16.002 -4.926  1.00 13.89 ? 96   TRP A CE3 1 
ATOM   897  C CZ2 . TRP A 1 100 ? -7.924  -18.404 -5.411  1.00 17.01 ? 96   TRP A CZ2 1 
ATOM   898  C CZ3 . TRP A 1 100 ? -9.772  -16.927 -5.873  1.00 18.81 ? 96   TRP A CZ3 1 
ATOM   899  C CH2 . TRP A 1 100 ? -9.061  -18.111 -6.100  1.00 15.54 ? 96   TRP A CH2 1 
ATOM   900  N N   . ARG A 1 101 ? -6.691  -13.501 -5.659  1.00 12.25 ? 97   ARG A N   1 
ATOM   901  C CA  . ARG A 1 101 ? -6.976  -13.414 -7.094  1.00 18.15 ? 97   ARG A CA  1 
ATOM   902  C C   . ARG A 1 101 ? -6.730  -14.782 -7.689  1.00 17.82 ? 97   ARG A C   1 
ATOM   903  O O   . ARG A 1 101 ? -5.688  -15.374 -7.430  1.00 21.77 ? 97   ARG A O   1 
ATOM   904  C CB  . ARG A 1 101 ? -6.011  -12.443 -7.803  1.00 22.38 ? 97   ARG A CB  1 
ATOM   905  C CG  . ARG A 1 101 ? -5.942  -11.022 -7.265  1.00 17.75 ? 97   ARG A CG  1 
ATOM   906  C CD  . ARG A 1 101 ? -7.177  -10.191 -7.628  1.00 19.17 ? 97   ARG A CD  1 
ATOM   907  N NE  . ARG A 1 101 ? -7.630  -10.360 -9.013  1.00 21.79 ? 97   ARG A NE  1 
ATOM   908  C CZ  . ARG A 1 101 ? -7.114  -9.730  -10.070 1.00 27.03 ? 97   ARG A CZ  1 
ATOM   909  N NH1 . ARG A 1 101 ? -6.104  -8.887  -9.929  1.00 19.42 ? 97   ARG A NH1 1 
ATOM   910  N NH2 . ARG A 1 101 ? -7.602  -9.958  -11.283 1.00 26.68 ? 97   ARG A NH2 1 
ATOM   911  N N   . PRO A 1 102 ? -7.664  -15.280 -8.516  1.00 16.26 ? 98   PRO A N   1 
ATOM   912  C CA  . PRO A 1 102 ? -7.416  -16.558 -9.187  1.00 26.92 ? 98   PRO A CA  1 
ATOM   913  C C   . PRO A 1 102 ? -6.371  -16.395 -10.287 1.00 27.94 ? 98   PRO A C   1 
ATOM   914  O O   . PRO A 1 102 ? -6.084  -15.267 -10.690 1.00 21.91 ? 98   PRO A O   1 
ATOM   915  C CB  . PRO A 1 102 ? -8.775  -16.878 -9.806  1.00 24.35 ? 98   PRO A CB  1 
ATOM   916  C CG  . PRO A 1 102 ? -9.364  -15.548 -10.087 1.00 20.98 ? 98   PRO A CG  1 
ATOM   917  C CD  . PRO A 1 102 ? -8.956  -14.696 -8.909  1.00 19.09 ? 98   PRO A CD  1 
ATOM   918  N N   . LEU A 1 103 ? -5.779  -17.488 -10.781 0.49 30.25 ? 99   LEU A N   1 
ATOM   919  C CA  . LEU A 1 103 ? -4.885  -17.439 -11.898 0.63 33.18 ? 99   LEU A CA  1 
ATOM   920  C C   . LEU A 1 103 ? -5.581  -16.995 -13.196 0.67 36.18 ? 99   LEU A C   1 
ATOM   921  O O   . LEU A 1 103 ? -6.725  -17.331 -13.440 0.68 40.87 ? 99   LEU A O   1 
ATOM   922  C CB  . LEU A 1 103 ? -4.238  -18.813 -12.122 0.55 32.86 ? 99   LEU A CB  1 
ATOM   923  C CG  . LEU A 1 103 ? -2.801  -18.853 -12.621 0.46 35.04 ? 99   LEU A CG  1 
ATOM   924  C CD1 . LEU A 1 103 ? -2.188  -20.244 -12.453 0.45 40.65 ? 99   LEU A CD1 1 
ATOM   925  C CD2 . LEU A 1 103 ? -2.751  -18.405 -14.067 0.47 35.53 ? 99   LEU A CD2 1 
ATOM   926  N N   . ARG A 1 104 ? -4.871  -16.255 -14.053 1.00 20.00 ? 100  ARG A N   1 
ATOM   927  C CA  . ARG A 1 104 ? -5.434  -15.517 -15.167 1.00 20.00 ? 100  ARG A CA  1 
ATOM   928  C C   . ARG A 1 104 ? -4.289  -15.068 -15.957 1.00 20.00 ? 100  ARG A C   1 
ATOM   929  O O   . ARG A 1 104 ? -3.099  -15.117 -15.786 1.00 36.35 ? 100  ARG A O   1 
ATOM   930  C CB  . ARG A 1 104 ? -6.229  -14.295 -14.653 1.00 20.00 ? 100  ARG A CB  1 
ATOM   931  C CG  . ARG A 1 104 ? -6.770  -13.301 -15.676 1.00 20.00 ? 100  ARG A CG  1 
ATOM   932  C CD  . ARG A 1 104 ? -7.523  -12.112 -15.046 1.00 20.00 ? 100  ARG A CD  1 
ATOM   933  N NE  . ARG A 1 104 ? -8.081  -11.318 -16.129 1.00 20.00 ? 100  ARG A NE  1 
ATOM   934  C CZ  . ARG A 1 104 ? -9.216  -11.615 -16.750 1.00 20.00 ? 100  ARG A CZ  1 
ATOM   935  N NH1 . ARG A 1 104 ? -9.930  -12.663 -16.352 1.00 20.00 ? 100  ARG A NH1 1 
ATOM   936  N NH2 . ARG A 1 104 ? -9.638  -10.863 -17.751 1.00 20.00 ? 100  ARG A NH2 1 
ATOM   937  N N   . TYR A 1 105 A -4.749  -14.453 -17.045 0.56 38.30 ? 100  TYR A N   1 
ATOM   938  C CA  . TYR A 1 105 A -3.797  -13.984 -18.043 0.52 42.40 ? 100  TYR A CA  1 
ATOM   939  C C   . TYR A 1 105 A -3.289  -12.596 -17.674 0.58 35.18 ? 100  TYR A C   1 
ATOM   940  O O   . TYR A 1 105 A -2.082  -12.357 -17.650 0.55 40.30 ? 100  TYR A O   1 
ATOM   941  C CB  . TYR A 1 105 A -4.420  -13.964 -19.438 0.53 38.44 ? 100  TYR A CB  1 
ATOM   942  C CG  . TYR A 1 105 A -3.460  -13.518 -20.521 0.44 43.10 ? 100  TYR A CG  1 
ATOM   943  C CD1 . TYR A 1 105 A -2.567  -14.412 -21.097 0.44 48.05 ? 100  TYR A CD1 1 
ATOM   944  C CD2 . TYR A 1 105 A -3.447  -12.201 -20.967 0.52 38.22 ? 100  TYR A CD2 1 
ATOM   945  C CE1 . TYR A 1 105 A -1.687  -14.010 -22.086 0.52 43.96 ? 100  TYR A CE1 1 
ATOM   946  C CE2 . TYR A 1 105 A -2.570  -11.789 -21.956 0.54 37.79 ? 100  TYR A CE2 1 
ATOM   947  C CZ  . TYR A 1 105 A -1.694  -12.697 -22.512 0.48 45.11 ? 100  TYR A CZ  1 
ATOM   948  O OH  . TYR A 1 105 A -0.820  -12.292 -23.497 0.54 45.99 ? 100  TYR A OH  1 
ATOM   949  N N   . SER A 1 106 B -4.214  -11.687 -17.380 1.00 39.14 ? 100  SER A N   1 
ATOM   950  C CA  . SER A 1 106 B -3.843  -10.320 -17.020 1.00 38.06 ? 100  SER A CA  1 
ATOM   951  C C   . SER A 1 106 B -3.320  -10.232 -15.590 1.00 35.32 ? 100  SER A C   1 
ATOM   952  O O   . SER A 1 106 B -3.978  -10.675 -14.645 1.00 36.03 ? 100  SER A O   1 
ATOM   953  C CB  . SER A 1 106 B -5.020  -9.360  -17.201 1.00 34.25 ? 100  SER A CB  1 
ATOM   954  O OG  . SER A 1 106 B -4.620  -8.025  -16.925 1.00 39.01 ? 100  SER A OG  1 
ATOM   955  N N   . ASP A 1 107 C -2.139  -9.647  -15.440 1.00 24.85 ? 100  ASP A N   1 
ATOM   956  C CA  . ASP A 1 107 C -1.500  -9.531  -14.135 1.00 20.56 ? 100  ASP A CA  1 
ATOM   957  C C   . ASP A 1 107 C -1.833  -8.217  -13.433 1.00 21.16 ? 100  ASP A C   1 
ATOM   958  O O   . ASP A 1 107 C -1.414  -7.999  -12.298 1.00 24.70 ? 100  ASP A O   1 
ATOM   959  C CB  . ASP A 1 107 C 0.016   -9.667  -14.278 1.00 19.67 ? 100  ASP A CB  1 
ATOM   960  C CG  . ASP A 1 107 C 0.722   -9.818  -12.939 1.00 16.72 ? 100  ASP A CG  1 
ATOM   961  O OD1 . ASP A 1 107 C 0.335   -10.710 -12.159 1.00 20.93 ? 100  ASP A OD1 1 
ATOM   962  O OD2 . ASP A 1 107 C 1.683   -9.063  -12.682 1.00 15.62 ? 100  ASP A OD2 1 
ATOM   963  N N   A ASN A 1 108 D -2.584  -7.341  -14.096 0.55 19.48 ? 100  ASN A N   1 
ATOM   964  N N   B ASN A 1 108 D -2.589  -7.360  -14.111 0.45 19.52 ? 100  ASN A N   1 
ATOM   965  C CA  A ASN A 1 108 D -2.877  -6.019  -13.532 0.55 20.45 ? 100  ASN A CA  1 
ATOM   966  C CA  B ASN A 1 108 D -3.015  -6.096  -13.530 0.45 20.49 ? 100  ASN A CA  1 
ATOM   967  C C   A ASN A 1 108 D -3.695  -6.107  -12.246 0.55 17.72 ? 100  ASN A C   1 
ATOM   968  C C   B ASN A 1 108 D -3.635  -6.322  -12.157 0.45 16.89 ? 100  ASN A C   1 
ATOM   969  O O   A ASN A 1 108 D -4.826  -6.584  -12.256 0.55 16.43 ? 100  ASN A O   1 
ATOM   970  O O   B ASN A 1 108 D -4.549  -7.133  -12.012 0.45 14.71 ? 100  ASN A O   1 
ATOM   971  C CB  A ASN A 1 108 D -3.584  -5.122  -14.555 0.55 22.35 ? 100  ASN A CB  1 
ATOM   972  C CB  B ASN A 1 108 D -4.014  -5.393  -14.454 0.45 21.33 ? 100  ASN A CB  1 
ATOM   973  C CG  A ASN A 1 108 D -3.643  -3.665  -14.119 0.55 19.55 ? 100  ASN A CG  1 
ATOM   974  C CG  B ASN A 1 108 D -3.421  -5.052  -15.813 0.45 23.06 ? 100  ASN A CG  1 
ATOM   975  O OD1 A ASN A 1 108 D -2.631  -3.072  -13.740 0.55 25.28 ? 100  ASN A OD1 1 
ATOM   976  O OD1 B ASN A 1 108 D -2.203  -5.055  -15.995 0.45 26.50 ? 100  ASN A OD1 1 
ATOM   977  N ND2 A ASN A 1 108 D -4.832  -3.078  -14.181 0.55 24.76 ? 100  ASN A ND2 1 
ATOM   978  N ND2 B ASN A 1 108 D -4.286  -4.754  -16.777 0.45 30.32 ? 100  ASN A ND2 1 
ATOM   979  N N   . PRO A 1 109 E -3.125  -5.622  -11.134 1.00 15.20 ? 100  PRO A N   1 
ATOM   980  C CA  . PRO A 1 109 E -3.735  -5.786  -9.813  1.00 11.97 ? 100  PRO A CA  1 
ATOM   981  C C   . PRO A 1 109 E -5.017  -4.986  -9.649  1.00 12.71 ? 100  PRO A C   1 
ATOM   982  O O   . PRO A 1 109 E -5.216  -3.967  -10.307 1.00 15.65 ? 100  PRO A O   1 
ATOM   983  C CB  . PRO A 1 109 E -2.652  -5.264  -8.870  1.00 12.66 ? 100  PRO A CB  1 
ATOM   984  C CG  . PRO A 1 109 E -1.904  -4.262  -9.694  1.00 12.64 ? 100  PRO A CG  1 
ATOM   985  C CD  . PRO A 1 109 E -1.861  -4.869  -11.070 1.00 12.38 ? 100  PRO A CD  1 
ATOM   986  N N   A SER A 1 110 F -5.885  -5.460  -8.765  0.56 11.75 ? 100  SER A N   1 
ATOM   987  N N   B SER A 1 110 F -5.883  -5.465  -8.761  0.44 11.78 ? 100  SER A N   1 
ATOM   988  C CA  A SER A 1 110 F -7.144  -4.792  -8.477  0.56 12.47 ? 100  SER A CA  1 
ATOM   989  C CA  B SER A 1 110 F -7.138  -4.795  -8.439  0.44 12.52 ? 100  SER A CA  1 
ATOM   990  C C   A SER A 1 110 F -6.947  -3.516  -7.670  0.56 12.34 ? 100  SER A C   1 
ATOM   991  C C   B SER A 1 110 F -6.916  -3.484  -7.704  0.44 12.35 ? 100  SER A C   1 
ATOM   992  O O   A SER A 1 110 F -5.955  -3.365  -6.953  0.56 12.83 ? 100  SER A O   1 
ATOM   993  O O   B SER A 1 110 F -5.883  -3.282  -7.064  0.44 12.87 ? 100  SER A O   1 
ATOM   994  C CB  A SER A 1 110 F -8.046  -5.738  -7.690  0.56 13.43 ? 100  SER A CB  1 
ATOM   995  C CB  B SER A 1 110 F -7.994  -5.694  -7.545  0.44 13.02 ? 100  SER A CB  1 
ATOM   996  O OG  A SER A 1 110 F -9.320  -5.163  -7.477  0.56 13.35 ? 100  SER A OG  1 
ATOM   997  O OG  B SER A 1 110 F -8.269  -6.937  -8.163  0.44 15.34 ? 100  SER A OG  1 
ATOM   998  N N   . ASN A 1 111 G -7.905  -2.602  -7.784  1.00 12.92 ? 100  ASN A N   1 
ATOM   999  C CA  . ASN A 1 111 G -7.906  -1.387  -6.979  1.00 10.72 ? 100  ASN A CA  1 
ATOM   1000 C C   . ASN A 1 111 G -9.107  -1.314  -6.042  1.00 12.39 ? 100  ASN A C   1 
ATOM   1001 O O   . ASN A 1 111 G -9.365  -0.281  -5.428  1.00 15.36 ? 100  ASN A O   1 
ATOM   1002 C CB  . ASN A 1 111 G -7.816  -0.131  -7.861  1.00 15.07 ? 100  ASN A CB  1 
ATOM   1003 C CG  . ASN A 1 111 G -9.037  0.070   -8.742  1.00 18.40 ? 100  ASN A CG  1 
ATOM   1004 O OD1 . ASN A 1 111 G -10.072 -0.572  -8.567  1.00 19.52 ? 100  ASN A OD1 1 
ATOM   1005 N ND2 . ASN A 1 111 G -8.921  0.987   -9.696  1.00 24.83 ? 100  ASN A ND2 1 
ATOM   1006 N N   . SER A 1 112 H -9.841  -2.413  -5.917  1.00 13.54 ? 100  SER A N   1 
ATOM   1007 C CA  . SER A 1 112 H -11.045 -2.401  -5.108  1.00 13.95 ? 100  SER A CA  1 
ATOM   1008 C C   . SER A 1 112 H -11.408 -3.784  -4.579  1.00 13.62 ? 100  SER A C   1 
ATOM   1009 O O   . SER A 1 112 H -10.893 -4.801  -5.048  1.00 13.23 ? 100  SER A O   1 
ATOM   1010 C CB  . SER A 1 112 H -12.210 -1.832  -5.924  1.00 15.35 ? 100  SER A CB  1 
ATOM   1011 O OG  . SER A 1 112 H -12.505 -2.700  -7.005  1.00 19.16 ? 100  SER A OG  1 
ATOM   1012 N N   . ASP A 1 113 I -12.291 -3.797  -3.586  1.00 13.96 ? 100  ASP A N   1 
ATOM   1013 C CA  . ASP A 1 113 I -12.832 -5.027  -3.008  1.00 14.44 ? 100  ASP A CA  1 
ATOM   1014 C C   . ASP A 1 113 I -11.762 -5.936  -2.426  1.00 14.52 ? 100  ASP A C   1 
ATOM   1015 O O   . ASP A 1 113 I -11.797 -7.149  -2.621  1.00 14.82 ? 100  ASP A O   1 
ATOM   1016 C CB  . ASP A 1 113 I -13.657 -5.782  -4.052  1.00 17.31 ? 100  ASP A CB  1 
ATOM   1017 C CG  . ASP A 1 113 I -14.771 -4.933  -4.615  1.00 24.02 ? 100  ASP A CG  1 
ATOM   1018 O OD1 . ASP A 1 113 I -15.559 -4.410  -3.811  1.00 23.61 ? 100  ASP A OD1 1 
ATOM   1019 O OD2 . ASP A 1 113 I -14.840 -4.776  -5.850  1.00 28.30 ? 100  ASP A OD2 1 
ATOM   1020 N N   . TYR A 1 114 J -10.811 -5.338  -1.712  1.00 10.45 ? 100  TYR A N   1 
ATOM   1021 C CA  . TYR A 1 114 J -9.781  -6.119  -1.038  1.00 8.68  ? 100  TYR A CA  1 
ATOM   1022 C C   . TYR A 1 114 J -10.359 -6.898  0.140   1.00 11.33 ? 100  TYR A C   1 
ATOM   1023 O O   . TYR A 1 114 J -11.392 -6.516  0.710   1.00 15.22 ? 100  TYR A O   1 
ATOM   1024 C CB  . TYR A 1 114 J -8.596  -5.233  -0.620  1.00 9.59  ? 100  TYR A CB  1 
ATOM   1025 C CG  . TYR A 1 114 J -7.598  -5.026  -1.739  1.00 9.19  ? 100  TYR A CG  1 
ATOM   1026 C CD1 . TYR A 1 114 J -8.004  -4.493  -2.962  1.00 9.25  ? 100  TYR A CD1 1 
ATOM   1027 C CD2 . TYR A 1 114 J -6.255  -5.390  -1.584  1.00 8.94  ? 100  TYR A CD2 1 
ATOM   1028 C CE1 . TYR A 1 114 J -7.098  -4.312  -3.997  1.00 10.56 ? 100  TYR A CE1 1 
ATOM   1029 C CE2 . TYR A 1 114 J -5.352  -5.213  -2.616  1.00 9.20  ? 100  TYR A CE2 1 
ATOM   1030 C CZ  . TYR A 1 114 J -5.773  -4.672  -3.811  1.00 8.43  ? 100  TYR A CZ  1 
ATOM   1031 O OH  . TYR A 1 114 J -4.868  -4.522  -4.849  1.00 10.87 ? 100  TYR A OH  1 
ATOM   1032 N N   . ASN A 1 115 ? -9.700  -7.996  0.496   1.00 8.25  ? 101  ASN A N   1 
ATOM   1033 C CA  . ASN A 1 115 ? -10.202 -8.916  1.522   1.00 8.77  ? 101  ASN A CA  1 
ATOM   1034 C C   . ASN A 1 115 ? -9.589  -8.713  2.899   1.00 9.58  ? 101  ASN A C   1 
ATOM   1035 O O   . ASN A 1 115 ? -10.269 -8.828  3.914   1.00 11.60 ? 101  ASN A O   1 
ATOM   1036 C CB  . ASN A 1 115 ? -9.919  -10.371 1.121   1.00 8.81  ? 101  ASN A CB  1 
ATOM   1037 C CG  . ASN A 1 115 ? -10.452 -10.720 -0.253  1.00 11.71 ? 101  ASN A CG  1 
ATOM   1038 O OD1 . ASN A 1 115 ? -9.692  -11.083 -1.135  1.00 12.49 ? 101  ASN A OD1 1 
ATOM   1039 N ND2 . ASN A 1 115 ? -11.771 -10.631 -0.433  1.00 8.85  ? 101  ASN A ND2 1 
ATOM   1040 N N   . TYR A 1 116 ? -8.282  -8.456  2.927   1.00 8.36  ? 102  TYR A N   1 
ATOM   1041 C CA  . TYR A 1 116 ? -7.514  -8.511  4.165   1.00 10.36 ? 102  TYR A CA  1 
ATOM   1042 C C   . TYR A 1 116 ? -6.862  -7.159  4.407   1.00 9.62  ? 102  TYR A C   1 
ATOM   1043 O O   . TYR A 1 116 ? -6.423  -6.503  3.462   1.00 9.39  ? 102  TYR A O   1 
ATOM   1044 C CB  . TYR A 1 116 ? -6.446  -9.603  4.059   1.00 9.66  ? 102  TYR A CB  1 
ATOM   1045 C CG  . TYR A 1 116 ? -6.953  -10.882 3.437   1.00 9.94  ? 102  TYR A CG  1 
ATOM   1046 C CD1 . TYR A 1 116 ? -7.883  -11.675 4.097   1.00 12.84 ? 102  TYR A CD1 1 
ATOM   1047 C CD2 . TYR A 1 116 ? -6.498  -11.296 2.191   1.00 10.29 ? 102  TYR A CD2 1 
ATOM   1048 C CE1 . TYR A 1 116 ? -8.344  -12.854 3.533   1.00 10.62 ? 102  TYR A CE1 1 
ATOM   1049 C CE2 . TYR A 1 116 ? -6.950  -12.473 1.614   1.00 10.25 ? 102  TYR A CE2 1 
ATOM   1050 C CZ  . TYR A 1 116 ? -7.872  -13.244 2.297   1.00 10.72 ? 102  TYR A CZ  1 
ATOM   1051 O OH  . TYR A 1 116 ? -8.327  -14.406 1.725   1.00 13.31 ? 102  TYR A OH  1 
ATOM   1052 N N   . TRP A 1 117 ? -6.823  -6.731  5.668   1.00 8.08  ? 103  TRP A N   1 
ATOM   1053 C CA  . TRP A 1 117 ? -6.453  -5.366  6.013   1.00 9.42  ? 103  TRP A CA  1 
ATOM   1054 C C   . TRP A 1 117 ? -5.524  -5.310  7.204   1.00 9.05  ? 103  TRP A C   1 
ATOM   1055 O O   . TRP A 1 117 ? -5.711  -6.028  8.184   1.00 10.82 ? 103  TRP A O   1 
ATOM   1056 C CB  . TRP A 1 117 ? -7.712  -4.551  6.360   1.00 10.83 ? 103  TRP A CB  1 
ATOM   1057 C CG  . TRP A 1 117 ? -8.608  -4.416  5.193   1.00 9.25  ? 103  TRP A CG  1 
ATOM   1058 C CD1 . TRP A 1 117 ? -9.606  -5.278  4.818   1.00 12.05 ? 103  TRP A CD1 1 
ATOM   1059 C CD2 . TRP A 1 117 ? -8.567  -3.386  4.196   1.00 7.82  ? 103  TRP A CD2 1 
ATOM   1060 N NE1 . TRP A 1 117 ? -10.188 -4.841  3.652   1.00 12.67 ? 103  TRP A NE1 1 
ATOM   1061 C CE2 . TRP A 1 117 ? -9.570  -3.685  3.249   1.00 9.32  ? 103  TRP A CE2 1 
ATOM   1062 C CE3 . TRP A 1 117 ? -7.772  -2.249  4.007   1.00 8.29  ? 103  TRP A CE3 1 
ATOM   1063 C CZ2 . TRP A 1 117 ? -9.809  -2.882  2.128   1.00 9.96  ? 103  TRP A CZ2 1 
ATOM   1064 C CZ3 . TRP A 1 117 ? -8.014  -1.445  2.889   1.00 10.74 ? 103  TRP A CZ3 1 
ATOM   1065 C CH2 . TRP A 1 117 ? -9.024  -1.770  1.966   1.00 9.49  ? 103  TRP A CH2 1 
ATOM   1066 N N   . GLY A 1 118 ? -4.541  -4.419  7.133   1.00 8.95  ? 104  GLY A N   1 
ATOM   1067 C CA  . GLY A 1 118 ? -3.756  -4.066  8.300   1.00 9.69  ? 104  GLY A CA  1 
ATOM   1068 C C   . GLY A 1 118 ? -4.512  -3.151  9.228   1.00 8.73  ? 104  GLY A C   1 
ATOM   1069 O O   . GLY A 1 118 ? -5.686  -2.859  9.012   1.00 14.36 ? 104  GLY A O   1 
ATOM   1070 N N   A GLN A 1 119 ? -3.789  -2.670  10.230  0.50 9.99  ? 105  GLN A N   1 
ATOM   1071 N N   B GLN A 1 119 ? -3.856  -2.697  10.283  0.50 10.01 ? 105  GLN A N   1 
ATOM   1072 C CA  A GLN A 1 119 ? -4.338  -1.874  11.316  0.50 13.34 ? 105  GLN A CA  1 
ATOM   1073 C CA  B GLN A 1 119 ? -4.530  -1.830  11.241  0.50 13.08 ? 105  GLN A CA  1 
ATOM   1074 C C   A GLN A 1 119 ? -4.129  -0.377  11.088  0.50 10.10 ? 105  GLN A C   1 
ATOM   1075 C C   B GLN A 1 119 ? -4.378  -0.354  10.882  0.50 10.32 ? 105  GLN A C   1 
ATOM   1076 O O   A GLN A 1 119 ? -4.595  0.452   11.876  0.50 10.90 ? 105  GLN A O   1 
ATOM   1077 O O   B GLN A 1 119 ? -5.132  0.487   11.381  0.50 9.81  ? 105  GLN A O   1 
ATOM   1078 C CB  A GLN A 1 119 ? -3.683  -2.300  12.634  0.50 16.18 ? 105  GLN A CB  1 
ATOM   1079 C CB  B GLN A 1 119 ? -4.028  -2.097  12.662  0.50 14.48 ? 105  GLN A CB  1 
ATOM   1080 C CG  A GLN A 1 119 ? -3.744  -3.808  12.923  0.50 15.17 ? 105  GLN A CG  1 
ATOM   1081 C CG  B GLN A 1 119 ? -2.524  -1.985  12.798  0.50 19.03 ? 105  GLN A CG  1 
ATOM   1082 C CD  A GLN A 1 119 ? -2.819  -4.654  12.038  0.50 13.72 ? 105  GLN A CD  1 
ATOM   1083 C CD  B GLN A 1 119 ? -2.023  -2.317  14.192  0.50 28.05 ? 105  GLN A CD  1 
ATOM   1084 O OE1 A GLN A 1 119 ? -1.699  -4.261  11.729  0.50 14.73 ? 105  GLN A OE1 1 
ATOM   1085 O OE1 B GLN A 1 119 ? -2.809  -2.609  15.094  0.50 42.01 ? 105  GLN A OE1 1 
ATOM   1086 N NE2 A GLN A 1 119 ? -3.294  -5.830  11.649  0.50 21.73 ? 105  GLN A NE2 1 
ATOM   1087 N NE2 B GLN A 1 119 ? -0.706  -2.271  14.374  0.50 23.50 ? 105  GLN A NE2 1 
ATOM   1088 N N   . GLY A 1 120 ? -3.414  -0.041  10.017  1.00 9.93  ? 106  GLY A N   1 
ATOM   1089 C CA  . GLY A 1 120 ? -3.173  1.338   9.629   1.00 10.05 ? 106  GLY A CA  1 
ATOM   1090 C C   . GLY A 1 120 ? -1.985  1.987   10.319  1.00 11.23 ? 106  GLY A C   1 
ATOM   1091 O O   . GLY A 1 120 ? -1.633  1.641   11.454  1.00 12.98 ? 106  GLY A O   1 
ATOM   1092 N N   . THR A 1 121 ? -1.363  2.927   9.614   1.00 8.55  ? 107  THR A N   1 
ATOM   1093 C CA  . THR A 1 121 ? -0.324  3.768   10.206  1.00 9.02  ? 107  THR A CA  1 
ATOM   1094 C C   . THR A 1 121 ? -0.493  5.218   9.772   1.00 8.65  ? 107  THR A C   1 
ATOM   1095 O O   . THR A 1 121 ? -0.733  5.504   8.607   1.00 10.73 ? 107  THR A O   1 
ATOM   1096 C CB  . THR A 1 121 ? 1.105   3.252   9.910   1.00 9.82  ? 107  THR A CB  1 
ATOM   1097 O OG1 . THR A 1 121 ? 2.043   4.092   10.598  1.00 10.39 ? 107  THR A OG1 1 
ATOM   1098 C CG2 . THR A 1 121 ? 1.421   3.254   8.406   1.00 11.54 ? 107  THR A CG2 1 
ATOM   1099 N N   . GLN A 1 122 ? -0.386  6.139   10.728  1.00 8.29  ? 108  GLN A N   1 
ATOM   1100 C CA  . GLN A 1 122 ? -0.555  7.555   10.423  1.00 9.21  ? 108  GLN A CA  1 
ATOM   1101 C C   . GLN A 1 122 ? 0.670   8.154   9.747   1.00 8.19  ? 108  GLN A C   1 
ATOM   1102 O O   . GLN A 1 122 ? 1.784   8.012   10.248  1.00 9.54  ? 108  GLN A O   1 
ATOM   1103 C CB  . GLN A 1 122 ? -0.838  8.335   11.714  1.00 8.77  ? 108  GLN A CB  1 
ATOM   1104 C CG  . GLN A 1 122 ? -0.970  9.850   11.487  1.00 12.66 ? 108  GLN A CG  1 
ATOM   1105 C CD  . GLN A 1 122 ? -2.291  10.250  10.827  1.00 13.18 ? 108  GLN A CD  1 
ATOM   1106 O OE1 . GLN A 1 122 ? -3.351  9.706   11.151  1.00 18.61 ? 108  GLN A OE1 1 
ATOM   1107 N NE2 . GLN A 1 122 ? -2.235  11.213  9.911   1.00 10.76 ? 108  GLN A NE2 1 
ATOM   1108 N N   . VAL A 1 123 ? 0.445   8.837   8.626   1.00 8.61  ? 109  VAL A N   1 
ATOM   1109 C CA  . VAL A 1 123 ? 1.453   9.646   7.963   1.00 10.33 ? 109  VAL A CA  1 
ATOM   1110 C C   . VAL A 1 123 ? 0.933   11.077  7.945   1.00 10.43 ? 109  VAL A C   1 
ATOM   1111 O O   . VAL A 1 123 ? -0.178  11.341  7.490   1.00 11.14 ? 109  VAL A O   1 
ATOM   1112 C CB  . VAL A 1 123 ? 1.683   9.177   6.510   1.00 12.26 ? 109  VAL A CB  1 
ATOM   1113 C CG1 . VAL A 1 123 ? 2.584   10.144  5.759   1.00 15.82 ? 109  VAL A CG1 1 
ATOM   1114 C CG2 . VAL A 1 123 ? 2.276   7.769   6.500   1.00 15.14 ? 109  VAL A CG2 1 
ATOM   1115 N N   . THR A 1 124 ? 1.740   11.996  8.460   1.00 11.52 ? 110  THR A N   1 
ATOM   1116 C CA  . THR A 1 124 ? 1.339   13.387  8.538   1.00 12.31 ? 110  THR A CA  1 
ATOM   1117 C C   . THR A 1 124 ? 2.391   14.237  7.851   1.00 8.75  ? 110  THR A C   1 
ATOM   1118 O O   . THR A 1 124 ? 3.583   14.096  8.116   1.00 10.11 ? 110  THR A O   1 
ATOM   1119 C CB  . THR A 1 124 ? 1.181   13.808  10.001  1.00 14.41 ? 110  THR A CB  1 
ATOM   1120 O OG1 . THR A 1 124 ? 0.211   12.958  10.623  1.00 14.59 ? 110  THR A OG1 1 
ATOM   1121 C CG2 . THR A 1 124 ? 0.701   15.237  10.094  1.00 15.65 ? 110  THR A CG2 1 
ATOM   1122 N N   . VAL A 1 125 ? 1.942   15.087  6.932   1.00 11.24 ? 111  VAL A N   1 
ATOM   1123 C CA  . VAL A 1 125 ? 2.845   15.937  6.174   1.00 12.97 ? 111  VAL A CA  1 
ATOM   1124 C C   . VAL A 1 125 ? 2.619   17.378  6.613   1.00 14.12 ? 111  VAL A C   1 
ATOM   1125 O O   . VAL A 1 125 ? 1.507   17.885  6.518   1.00 18.69 ? 111  VAL A O   1 
ATOM   1126 C CB  . VAL A 1 125 ? 2.598   15.798  4.661   1.00 14.56 ? 111  VAL A CB  1 
ATOM   1127 C CG1 . VAL A 1 125 ? 3.576   16.680  3.877   1.00 12.78 ? 111  VAL A CG1 1 
ATOM   1128 C CG2 . VAL A 1 125 ? 2.725   14.329  4.228   1.00 12.37 ? 111  VAL A CG2 1 
ATOM   1129 N N   . SER A 1 126 ? 3.671   18.026  7.096   1.00 15.06 ? 112  SER A N   1 
ATOM   1130 C CA  . SER A 1 126 ? 3.512   19.382  7.620   1.00 24.27 ? 112  SER A CA  1 
ATOM   1131 C C   . SER A 1 126 ? 3.993   20.429  6.622   1.00 34.41 ? 112  SER A C   1 
ATOM   1132 O O   . SER A 1 126 ? 4.888   20.165  5.817   1.00 29.94 ? 112  SER A O   1 
ATOM   1133 C CB  . SER A 1 126 ? 4.267   19.541  8.930   1.00 28.39 ? 112  SER A CB  1 
ATOM   1134 O OG  . SER A 1 126 ? 5.657   19.554  8.690   1.00 35.05 ? 112  SER A OG  1 
ATOM   1135 N N   . SER A 1 127 ? 3.392   21.614  6.701   1.00 36.32 ? 113  SER A N   1 
ATOM   1136 C CA  . SER A 1 127 ? 3.729   22.745  5.834   1.00 41.73 ? 113  SER A CA  1 
ATOM   1137 C C   . SER A 1 127 ? 3.785   22.351  4.363   1.00 51.02 ? 113  SER A C   1 
ATOM   1138 O O   . SER A 1 127 ? 2.761   22.021  3.767   1.00 50.03 ? 113  SER A O   1 
ATOM   1139 C CB  . SER A 1 127 ? 5.043   23.398  6.271   1.00 51.92 ? 113  SER A CB  1 
ATOM   1140 O OG  . SER A 1 127 ? 4.920   23.951  7.570   1.00 49.32 ? 113  SER A OG  1 
HETATM 1141 S S   . SO4 B 2 .   ? -4.576  -19.904 -1.549  0.77 18.90 ? 1114 SO4 A S   1 
HETATM 1142 O O1  . SO4 B 2 .   ? -5.953  -20.381 -1.550  0.82 21.58 ? 1114 SO4 A O1  1 
HETATM 1143 O O2  . SO4 B 2 .   ? -3.667  -21.013 -1.282  0.71 24.40 ? 1114 SO4 A O2  1 
HETATM 1144 O O3  . SO4 B 2 .   ? -4.227  -19.293 -2.826  0.96 21.64 ? 1114 SO4 A O3  1 
HETATM 1145 O O4  . SO4 B 2 .   ? -4.481  -18.914 -0.484  0.73 25.75 ? 1114 SO4 A O4  1 
HETATM 1146 S S   . SO4 C 2 .   ? -10.736 -11.686 -10.597 0.61 23.44 ? 1115 SO4 A S   1 
HETATM 1147 O O1  . SO4 C 2 .   ? -10.331 -11.210 -9.276  0.59 23.86 ? 1115 SO4 A O1  1 
HETATM 1148 O O2  . SO4 C 2 .   ? -9.565  -12.017 -11.397 0.70 24.15 ? 1115 SO4 A O2  1 
HETATM 1149 O O3  . SO4 C 2 .   ? -11.560 -12.881 -10.437 0.60 23.62 ? 1115 SO4 A O3  1 
HETATM 1150 O O4  . SO4 C 2 .   ? -11.509 -10.639 -11.258 0.66 24.53 ? 1115 SO4 A O4  1 
HETATM 1151 S S   . SO4 D 2 .   ? -13.373 -0.492  -2.325  0.70 28.03 ? 1116 SO4 A S   1 
HETATM 1152 O O1  . SO4 D 2 .   ? -13.500 0.307   -3.542  0.54 30.30 ? 1116 SO4 A O1  1 
HETATM 1153 O O2  . SO4 D 2 .   ? -13.759 -1.865  -2.600  0.60 24.60 ? 1116 SO4 A O2  1 
HETATM 1154 O O3  . SO4 D 2 .   ? -11.996 -0.449  -1.847  0.72 30.13 ? 1116 SO4 A O3  1 
HETATM 1155 O O4  . SO4 D 2 .   ? -14.255 0.065   -1.300  0.49 28.04 ? 1116 SO4 A O4  1 
HETATM 1156 S S   . SO4 E 2 .   ? -2.996  3.960   14.548  0.36 12.53 ? 1117 SO4 A S   1 
HETATM 1157 O O1  . SO4 E 2 .   ? -3.138  4.443   13.174  0.56 26.45 ? 1117 SO4 A O1  1 
HETATM 1158 O O2  . SO4 E 2 .   ? -2.555  2.566   14.532  0.58 28.88 ? 1117 SO4 A O2  1 
HETATM 1159 O O3  . SO4 E 2 .   ? -2.014  4.780   15.246  0.48 26.61 ? 1117 SO4 A O3  1 
HETATM 1160 O O4  . SO4 E 2 .   ? -4.290  4.049   15.221  0.65 34.87 ? 1117 SO4 A O4  1 
HETATM 1161 O O   . HOH F 3 .   ? -6.361  -21.760 -6.009  1.00 38.84 ? 2001 HOH A O   1 
HETATM 1162 O O   . HOH F 3 .   ? -5.439  -17.389 2.723   1.00 25.33 ? 2002 HOH A O   1 
HETATM 1163 O O   . HOH F 3 .   ? -2.899  -17.781 3.633   1.00 42.47 ? 2003 HOH A O   1 
HETATM 1164 O O   . HOH F 3 .   ? -7.242  -19.559 4.970   1.00 38.82 ? 2004 HOH A O   1 
HETATM 1165 O O   . HOH F 3 .   ? -7.203  -11.524 10.549  1.00 40.15 ? 2005 HOH A O   1 
HETATM 1166 O O   . HOH F 3 .   ? -6.296  -10.197 8.283   1.00 17.15 ? 2006 HOH A O   1 
HETATM 1167 O O   . HOH F 3 .   ? 0.055   -14.226 10.858  1.00 29.01 ? 2007 HOH A O   1 
HETATM 1168 O O   . HOH F 3 .   ? 6.707   -3.435  13.517  1.00 18.72 ? 2008 HOH A O   1 
HETATM 1169 O O   . HOH F 3 .   ? 4.118   -5.452  16.730  1.00 30.55 ? 2009 HOH A O   1 
HETATM 1170 O O   . HOH F 3 .   ? 1.701   -7.525  16.008  1.00 38.55 ? 2010 HOH A O   1 
HETATM 1171 O O   . HOH F 3 .   ? 4.305   -2.008  13.312  1.00 17.42 ? 2011 HOH A O   1 
HETATM 1172 O O   . HOH F 3 .   ? 12.871  3.657   5.776   1.00 39.20 ? 2012 HOH A O   1 
HETATM 1173 O O   . HOH F 3 .   ? -1.448  -17.323 8.356   1.00 47.62 ? 2013 HOH A O   1 
HETATM 1174 O O   . HOH F 3 .   ? -17.658 -7.483  -5.271  1.00 38.66 ? 2014 HOH A O   1 
HETATM 1175 O O   . HOH F 3 .   ? 10.210  12.631  9.072   1.00 35.06 ? 2015 HOH A O   1 
HETATM 1176 O O   . HOH F 3 .   ? 11.125  15.893  7.773   1.00 36.24 ? 2016 HOH A O   1 
HETATM 1177 O O   . HOH F 3 .   ? -8.014  8.456   12.018  1.00 29.41 ? 2017 HOH A O   1 
HETATM 1178 O O   . HOH F 3 .   ? -11.419 8.221   9.486   1.00 35.12 ? 2018 HOH A O   1 
HETATM 1179 O O   . HOH F 3 .   ? 8.765   21.780  3.536   1.00 29.19 ? 2019 HOH A O   1 
HETATM 1180 O O   . HOH F 3 .   ? 11.304  18.798  2.569   1.00 34.40 ? 2020 HOH A O   1 
HETATM 1181 O O   . HOH F 3 .   ? -6.067  14.536  7.910   1.00 27.84 ? 2021 HOH A O   1 
HETATM 1182 O O   . HOH F 3 .   ? 11.063  13.542  -1.443  1.00 14.57 ? 2022 HOH A O   1 
HETATM 1183 O O   . HOH F 3 .   ? 11.530  11.545  6.655   1.00 37.57 ? 2023 HOH A O   1 
HETATM 1184 O O   . HOH F 3 .   ? 12.510  13.602  4.054   1.00 23.73 ? 2024 HOH A O   1 
HETATM 1185 O O   . HOH F 3 .   ? -9.183  4.563   -7.616  1.00 39.44 ? 2025 HOH A O   1 
HETATM 1186 O O   . HOH F 3 .   ? 11.337  1.763   -3.523  1.00 33.71 ? 2026 HOH A O   1 
HETATM 1187 O O   . HOH F 3 .   ? 9.380   1.207   6.616   1.00 19.87 ? 2027 HOH A O   1 
HETATM 1188 O O   . HOH F 3 .   ? 8.539   5.528   7.782   1.00 18.61 ? 2028 HOH A O   1 
HETATM 1189 O O   . HOH F 3 .   ? 11.102  5.845   6.222   1.00 22.83 ? 2029 HOH A O   1 
HETATM 1190 O O   . HOH F 3 .   ? 8.035   -6.623  -8.420  1.00 29.64 ? 2030 HOH A O   1 
HETATM 1191 O O   . HOH F 3 .   ? 6.412   -2.323  -12.513 1.00 42.97 ? 2031 HOH A O   1 
HETATM 1192 O O   . HOH F 3 .   ? -7.295  4.717   -9.393  1.00 32.42 ? 2032 HOH A O   1 
HETATM 1193 O O   . HOH F 3 .   ? -8.363  9.371   -9.302  1.00 36.81 ? 2033 HOH A O   1 
HETATM 1194 O O   . HOH F 3 .   ? -5.931  13.241  -9.734  1.00 35.00 ? 2034 HOH A O   1 
HETATM 1195 O O   . HOH F 3 .   ? 11.076  -2.487  6.687   1.00 35.05 ? 2035 HOH A O   1 
HETATM 1196 O O   . HOH F 3 .   ? 12.866  -4.608  -1.891  1.00 38.51 ? 2036 HOH A O   1 
HETATM 1197 O O   . HOH F 3 .   ? 8.284   -6.522  6.147   1.00 21.46 ? 2037 HOH A O   1 
HETATM 1198 O O   . HOH F 3 .   ? 5.616   -4.060  9.107   1.00 17.25 ? 2038 HOH A O   1 
HETATM 1199 O O   . HOH F 3 .   ? 11.637  -4.344  -6.335  1.00 39.94 ? 2039 HOH A O   1 
HETATM 1200 O O   . HOH F 3 .   ? 13.722  -8.415  -4.247  1.00 44.10 ? 2040 HOH A O   1 
HETATM 1201 O O   . HOH F 3 .   ? 9.103   -8.346  -10.047 1.00 45.01 ? 2041 HOH A O   1 
HETATM 1202 O O   . HOH F 3 .   ? 15.179  -12.571 -3.613  1.00 23.26 ? 2042 HOH A O   1 
HETATM 1203 O O   . HOH F 3 .   ? -1.979  -15.007 9.459   1.00 32.21 ? 2043 HOH A O   1 
HETATM 1204 O O   . HOH F 3 .   ? -1.108  -16.432 4.758   1.00 40.00 ? 2044 HOH A O   1 
HETATM 1205 O O   . HOH F 3 .   ? -3.862  20.229  -0.027  1.00 47.19 ? 2045 HOH A O   1 
HETATM 1206 O O   . HOH F 3 .   ? 6.035   -18.124 1.982   1.00 45.49 ? 2046 HOH A O   1 
HETATM 1207 O O   . HOH F 3 .   ? 1.091   -17.900 7.530   1.00 31.45 ? 2047 HOH A O   1 
HETATM 1208 O O   . HOH F 3 .   ? 6.660   -20.463 6.980   1.00 37.98 ? 2048 HOH A O   1 
HETATM 1209 O O   . HOH F 3 .   ? 4.081   -14.887 0.369   1.00 20.30 ? 2049 HOH A O   1 
HETATM 1210 O O   . HOH F 3 .   ? -15.193 -9.040  -5.264  1.00 25.20 ? 2050 HOH A O   1 
HETATM 1211 O O   . HOH F 3 .   ? 2.112   -19.928 -3.751  1.00 25.72 ? 2051 HOH A O   1 
HETATM 1212 O O   . HOH F 3 .   ? -12.618 -8.733  7.760   1.00 36.76 ? 2052 HOH A O   1 
HETATM 1213 O O   . HOH F 3 .   ? -0.653  -19.814 -5.654  1.00 34.93 ? 2053 HOH A O   1 
HETATM 1214 O O   . HOH F 3 .   ? -6.554  6.739   13.762  1.00 40.11 ? 2054 HOH A O   1 
HETATM 1215 O O   . HOH F 3 .   ? -7.027  10.880  13.398  1.00 38.27 ? 2055 HOH A O   1 
HETATM 1216 O O   . HOH F 3 .   ? -2.754  -9.749  -10.286 1.00 26.62 ? 2056 HOH A O   1 
HETATM 1217 O O   . HOH F 3 .   ? -6.218  13.352  -2.710  1.00 40.20 ? 2057 HOH A O   1 
HETATM 1218 O O   . HOH F 3 .   ? -12.784 5.537   10.289  1.00 47.17 ? 2058 HOH A O   1 
HETATM 1219 O O   . HOH F 3 .   ? -11.853 2.674   7.088   1.00 40.47 ? 2059 HOH A O   1 
HETATM 1220 O O   . HOH F 3 .   ? -8.487  8.007   9.331   1.00 24.46 ? 2060 HOH A O   1 
HETATM 1221 O O   . HOH F 3 .   ? -9.226  9.728   2.621   1.00 16.32 ? 2061 HOH A O   1 
HETATM 1222 O O   . HOH F 3 .   ? -8.752  15.014  7.907   1.00 33.65 ? 2062 HOH A O   1 
HETATM 1223 O O   . HOH F 3 .   ? -16.802 11.117  3.942   1.00 29.83 ? 2063 HOH A O   1 
HETATM 1224 O O   . HOH F 3 .   ? -7.568  15.401  2.947   1.00 38.39 ? 2064 HOH A O   1 
HETATM 1225 O O   . HOH F 3 .   ? -12.844 15.957  5.593   1.00 29.03 ? 2065 HOH A O   1 
HETATM 1226 O O   . HOH F 3 .   ? -12.412 18.462  3.621   1.00 34.86 ? 2066 HOH A O   1 
HETATM 1227 O O   . HOH F 3 .   ? -13.389 9.327   7.693   1.00 23.59 ? 2067 HOH A O   1 
HETATM 1228 O O   . HOH F 3 .   ? -14.366 11.211  0.736   1.00 30.67 ? 2068 HOH A O   1 
HETATM 1229 O O   . HOH F 3 .   ? -15.994 8.462   7.175   1.00 43.50 ? 2069 HOH A O   1 
HETATM 1230 O O   . HOH F 3 .   ? -12.825 6.928   -2.265  1.00 42.15 ? 2070 HOH A O   1 
HETATM 1231 O O   . HOH F 3 .   ? -11.929 -2.904  6.436   1.00 43.69 ? 2071 HOH A O   1 
HETATM 1232 O O   . HOH F 3 .   ? -9.969  -1.651  7.968   1.00 33.36 ? 2072 HOH A O   1 
HETATM 1233 O O   . HOH F 3 .   ? -13.721 -3.181  3.499   1.00 37.04 ? 2073 HOH A O   1 
HETATM 1234 O O   . HOH F 3 .   ? -14.483 4.688   3.603   1.00 25.34 ? 2074 HOH A O   1 
HETATM 1235 O O   . HOH F 3 .   ? -9.382  8.529   -5.398  1.00 35.01 ? 2075 HOH A O   1 
HETATM 1236 O O   . HOH F 3 .   ? -7.250  10.950  1.085   1.00 29.18 ? 2076 HOH A O   1 
HETATM 1237 O O   . HOH F 3 .   ? -10.618 4.102   -4.075  1.00 23.45 ? 2077 HOH A O   1 
HETATM 1238 O O   . HOH F 3 .   ? -8.413  5.977   -5.426  1.00 28.17 ? 2078 HOH A O   1 
HETATM 1239 O O   . HOH F 3 .   ? 4.779   -14.489 -12.074 1.00 36.07 ? 2079 HOH A O   1 
HETATM 1240 O O   . HOH F 3 .   ? 0.550   -13.876 -12.332 1.00 39.73 ? 2080 HOH A O   1 
HETATM 1241 O O   . HOH F 3 .   ? -1.424  -12.315 -8.443  1.00 25.64 ? 2081 HOH A O   1 
HETATM 1242 O O   . HOH F 3 .   ? 6.846   -6.839  -13.211 1.00 37.18 ? 2082 HOH A O   1 
HETATM 1243 O O   . HOH F 3 .   ? 7.217   -4.370  -9.887  1.00 24.72 ? 2083 HOH A O   1 
HETATM 1244 O O   . HOH F 3 .   ? 1.109   -6.949  -16.820 1.00 40.00 ? 2084 HOH A O   1 
HETATM 1245 O O   . HOH F 3 .   ? 2.517   1.297   -13.111 1.00 28.81 ? 2085 HOH A O   1 
HETATM 1246 O O   . HOH F 3 .   ? 3.852   -2.588  -13.810 1.00 19.23 ? 2086 HOH A O   1 
HETATM 1247 O O   . HOH F 3 .   ? -6.600  2.414   -10.622 1.00 29.58 ? 2087 HOH A O   1 
HETATM 1248 O O   . HOH F 3 .   ? -0.827  3.132   -12.787 1.00 24.10 ? 2088 HOH A O   1 
HETATM 1249 O O   . HOH F 3 .   ? 5.834   1.001   -10.196 1.00 22.05 ? 2089 HOH A O   1 
HETATM 1250 O O   . HOH F 3 .   ? -4.139  4.179   -12.771 1.00 38.17 ? 2090 HOH A O   1 
HETATM 1251 O O   . HOH F 3 .   ? -6.751  7.268   -10.504 1.00 22.51 ? 2091 HOH A O   1 
HETATM 1252 O O   . HOH F 3 .   ? -6.393  10.844  -8.039  1.00 22.81 ? 2092 HOH A O   1 
HETATM 1253 O O   . HOH F 3 .   ? -6.357  10.915  -4.794  1.00 29.96 ? 2093 HOH A O   1 
HETATM 1254 O O   . HOH F 3 .   ? 0.666   12.330  -9.562  1.00 15.53 ? 2094 HOH A O   1 
HETATM 1255 O O   . HOH F 3 .   ? 3.729   6.193   -11.704 1.00 34.31 ? 2095 HOH A O   1 
HETATM 1256 O O   . HOH F 3 .   ? 9.654   9.631   -9.222  1.00 36.22 ? 2096 HOH A O   1 
HETATM 1257 O O   . HOH F 3 .   ? 9.180   8.648   -6.796  1.00 38.58 ? 2097 HOH A O   1 
HETATM 1258 O O   . HOH F 3 .   ? 4.617   6.382   -9.348  1.00 18.97 ? 2098 HOH A O   1 
HETATM 1259 O O   . HOH F 3 .   ? 7.580   7.399   -8.755  1.00 33.54 ? 2099 HOH A O   1 
HETATM 1260 O O   . HOH F 3 .   ? 11.909  3.985   -4.851  1.00 34.45 ? 2100 HOH A O   1 
HETATM 1261 O O   . HOH F 3 .   ? 10.757  -0.073  -6.687  1.00 37.89 ? 2101 HOH A O   1 
HETATM 1262 O O   . HOH F 3 .   ? 7.721   -2.137  -8.134  1.00 28.70 ? 2102 HOH A O   1 
HETATM 1263 O O   . HOH F 3 .   ? 11.773  -2.198  -2.434  1.00 26.18 ? 2103 HOH A O   1 
HETATM 1264 O O   . HOH F 3 .   ? 8.788   0.859   -2.963  1.00 15.83 ? 2104 HOH A O   1 
HETATM 1265 O O   . HOH F 3 .   ? 9.773   -8.185  -6.639  1.00 32.11 ? 2105 HOH A O   1 
HETATM 1266 O O   . HOH F 3 .   ? 8.972   -5.018  -6.426  1.00 15.41 ? 2106 HOH A O   1 
HETATM 1267 O O   . HOH F 3 .   ? 12.242  -6.199  -3.756  1.00 35.97 ? 2107 HOH A O   1 
HETATM 1268 O O   . HOH F 3 .   ? 15.394  -9.759  -0.709  1.00 27.30 ? 2108 HOH A O   1 
HETATM 1269 O O   . HOH F 3 .   ? 12.067  -11.632 -3.186  1.00 29.40 ? 2109 HOH A O   1 
HETATM 1270 O O   . HOH F 3 .   ? 13.280  -6.040  1.022   1.00 23.06 ? 2110 HOH A O   1 
HETATM 1271 O O   . HOH F 3 .   ? 7.306   -16.082 0.460   1.00 30.39 ? 2111 HOH A O   1 
HETATM 1272 O O   . HOH F 3 .   ? 5.556   -15.231 -2.029  1.00 20.66 ? 2112 HOH A O   1 
HETATM 1273 O O   . HOH F 3 .   ? 10.264  -10.449 -4.745  1.00 20.25 ? 2113 HOH A O   1 
HETATM 1274 O O   . HOH F 3 .   ? 10.646  -16.818 1.897   1.00 27.50 ? 2114 HOH A O   1 
HETATM 1275 O O   . HOH F 3 .   ? 9.636   -9.019  6.283   1.00 13.75 ? 2115 HOH A O   1 
HETATM 1276 O O   . HOH F 3 .   ? 15.943  -5.954  1.662   1.00 38.95 ? 2116 HOH A O   1 
HETATM 1277 O O   . HOH F 3 .   ? 12.641  7.389   2.616   1.00 25.89 ? 2117 HOH A O   1 
HETATM 1278 O O   . HOH F 3 .   ? 13.719  4.706   1.742   1.00 33.38 ? 2118 HOH A O   1 
HETATM 1279 O O   . HOH F 3 .   ? 10.922  10.546  -6.804  1.00 37.43 ? 2119 HOH A O   1 
HETATM 1280 O O   . HOH F 3 .   ? 12.950  6.446   -3.972  1.00 34.09 ? 2120 HOH A O   1 
HETATM 1281 O O   . HOH F 3 .   ? 10.897  13.086  -5.704  1.00 17.50 ? 2121 HOH A O   1 
HETATM 1282 O O   . HOH F 3 .   ? -0.927  15.766  -6.536  1.00 15.61 ? 2122 HOH A O   1 
HETATM 1283 O O   . HOH F 3 .   ? -2.408  12.717  -3.226  1.00 21.90 ? 2123 HOH A O   1 
HETATM 1284 O O   . HOH F 3 .   ? -4.713  11.837  2.249   1.00 19.52 ? 2124 HOH A O   1 
HETATM 1285 O O   . HOH F 3 .   ? -5.132  15.413  -5.018  1.00 46.11 ? 2125 HOH A O   1 
HETATM 1286 O O   . HOH F 3 .   ? -6.182  14.354  -0.114  1.00 44.13 ? 2126 HOH A O   1 
HETATM 1287 O O   . HOH F 3 .   ? -1.278  18.925  -1.154  1.00 24.31 ? 2127 HOH A O   1 
HETATM 1288 O O   . HOH F 3 .   ? -5.378  15.019  4.842   1.00 24.51 ? 2128 HOH A O   1 
HETATM 1289 O O   . HOH F 3 .   ? -1.396  17.754  6.246   1.00 37.87 ? 2129 HOH A O   1 
HETATM 1290 O O   . HOH F 3 .   ? -9.095  5.431   9.025   1.00 21.36 ? 2130 HOH A O   1 
HETATM 1291 O O   . HOH F 3 .   ? -13.274 -8.637  -7.251  1.00 26.44 ? 2131 HOH A O   1 
HETATM 1292 O O   . HOH F 3 .   ? -11.030 -11.922 -5.157  1.00 18.12 ? 2132 HOH A O   1 
HETATM 1293 O O   . HOH F 3 .   ? -3.004  -14.367 -8.940  1.00 37.30 ? 2133 HOH A O   1 
HETATM 1294 O O   . HOH F 3 .   ? -10.613 -3.551  -9.584  1.00 34.78 ? 2134 HOH A O   1 
HETATM 1295 O O   . HOH F 3 .   ? -11.124 1.506   -4.741  1.00 27.49 ? 2135 HOH A O   1 
HETATM 1296 O O   . HOH F 3 .   ? -13.165 -4.408  0.676   1.00 34.45 ? 2136 HOH A O   1 
HETATM 1297 O O   . HOH F 3 .   ? -4.381  -11.892 -11.562 1.00 29.14 ? 2137 HOH A O   1 
HETATM 1298 O O   . HOH F 3 .   ? -13.168 -5.773  -7.849  1.00 36.33 ? 2138 HOH A O   1 
HETATM 1299 O O   . HOH F 3 .   ? -9.300  -6.505  -10.856 1.00 34.59 ? 2139 HOH A O   1 
HETATM 1300 O O   . HOH F 3 .   ? -0.629  -8.926  -17.749 1.00 40.04 ? 2140 HOH A O   1 
HETATM 1301 O O   . HOH F 3 .   ? -5.925  -8.703  -13.587 1.00 30.67 ? 2141 HOH A O   1 
HETATM 1302 O O   . HOH F 3 .   ? -7.431  -5.995  -12.296 1.00 38.22 ? 2142 HOH A O   1 
HETATM 1303 O O   . HOH F 3 .   ? -7.365  -2.284  -11.557 1.00 40.65 ? 2143 HOH A O   1 
HETATM 1304 O O   . HOH F 3 .   ? -10.240 -8.382  -9.062  1.00 32.95 ? 2144 HOH A O   1 
HETATM 1305 O O   . HOH F 3 .   ? 2.768   -12.122 -14.911 1.00 38.98 ? 2145 HOH A O   1 
HETATM 1306 O O   . HOH F 3 .   ? -12.546 -6.911  3.923   1.00 22.43 ? 2146 HOH A O   1 
HETATM 1307 O O   . HOH F 3 .   ? -10.289 -9.533  6.638   1.00 24.05 ? 2147 HOH A O   1 
HETATM 1308 O O   . HOH F 3 .   ? -6.220  -15.868 0.636   1.00 14.01 ? 2148 HOH A O   1 
HETATM 1309 O O   . HOH F 3 .   ? -9.623  -16.248 3.007   1.00 14.74 ? 2149 HOH A O   1 
HETATM 1310 O O   . HOH F 3 .   ? -6.520  -5.647  10.833  1.00 29.30 ? 2150 HOH A O   1 
HETATM 1311 O O   . HOH F 3 .   ? -8.854  -6.402  9.622   1.00 37.83 ? 2151 HOH A O   1 
HETATM 1312 O O   . HOH F 3 .   ? -8.254  -8.436  7.598   1.00 15.16 ? 2152 HOH A O   1 
HETATM 1313 O O   . HOH F 3 .   ? -4.472  -8.300  9.138   1.00 13.48 ? 2153 HOH A O   1 
HETATM 1314 O O   . HOH F 3 .   ? -8.066  -2.255  9.766   1.00 26.86 ? 2154 HOH A O   1 
HETATM 1315 O O   . HOH F 3 .   ? -7.397  -0.115  12.695  1.00 37.43 ? 2155 HOH A O   1 
HETATM 1316 O O   . HOH F 3 .   ? 0.115   -1.975  11.956  1.00 33.32 ? 2156 HOH A O   1 
HETATM 1317 O O   . HOH F 3 .   ? 0.197   5.318   13.403  1.00 20.30 ? 2157 HOH A O   1 
HETATM 1318 O O   . HOH F 3 .   ? -5.033  11.910  8.753   1.00 19.48 ? 2158 HOH A O   1 
HETATM 1319 O O   . HOH F 3 .   ? -5.380  11.983  11.640  1.00 26.97 ? 2159 HOH A O   1 
HETATM 1320 O O   . HOH F 3 .   ? -4.115  8.508   13.437  1.00 33.63 ? 2160 HOH A O   1 
HETATM 1321 O O   . HOH F 3 .   ? -1.090  13.888  12.527  1.00 18.55 ? 2161 HOH A O   1 
HETATM 1322 O O   . HOH F 3 .   ? 7.278   18.729  10.171  1.00 32.53 ? 2162 HOH A O   1 
HETATM 1323 O O   . HOH F 3 .   ? 1.744   22.477  9.159   1.00 37.99 ? 2163 HOH A O   1 
HETATM 1324 O O   . HOH F 3 .   ? 3.636   22.665  1.305   1.00 37.37 ? 2164 HOH A O   1 
HETATM 1325 O O   . HOH F 3 .   ? -2.568  -18.025 0.859   1.00 23.37 ? 2165 HOH A O   1 
HETATM 1326 O O   . HOH F 3 .   ? -7.279  -21.444 -3.585  1.00 29.15 ? 2166 HOH A O   1 
HETATM 1327 O O   . HOH F 3 .   ? -5.306  -20.046 2.213   1.00 38.64 ? 2167 HOH A O   1 
HETATM 1328 O O   . HOH F 3 .   ? -12.099 -11.374 -7.452  1.00 21.64 ? 2168 HOH A O   1 
HETATM 1329 O O   . HOH F 3 .   ? -10.695 -2.478  -1.211  1.00 21.64 ? 2169 HOH A O   1 
HETATM 1330 O O   . HOH F 3 .   ? -11.570 1.985   -0.729  1.00 32.27 ? 2170 HOH A O   1 
HETATM 1331 O O   . HOH F 3 .   ? -1.443  7.278   15.215  1.00 29.60 ? 2171 HOH A O   1 
HETATM 1332 O O   . HOH F 3 .   ? -5.084  2.984   12.624  1.00 37.46 ? 2172 HOH A O   1 
# 
